data_5IZ5
#
_entry.id   5IZ5
#
_cell.length_a   180.783
_cell.length_b   180.783
_cell.length_c   133.539
_cell.angle_alpha   90.00
_cell.angle_beta   90.00
_cell.angle_gamma   120.00
#
_symmetry.space_group_name_H-M   'P 62'
#
loop_
_entity.id
_entity.type
_entity.pdbx_description
1 polymer 'Cytosolic phospholipase A2 delta'
2 non-polymer 'SULFATE ION'
3 water water
#
_entity_poly.entity_id   1
_entity_poly.type   'polypeptide(L)'
_entity_poly.pdbx_seq_one_letter_code
;GAMGSESLSPGGPPGHPYQGEASTCWQLTVRVLEARNLRWADLLSEADPYVILQLSTAPGMKFKTKTLTDTSHPVWNEAF
RFLIQSQVKNVLELSIYDEDSVTEDDICFKVLYDISEVLPGKLLRKTFSQSPQGEEELDVEFLMEETSDRPENLITNKVI
VARELSCLDVHLDSTGSTAVVADQDKLELELVLKGSYEDTQTSFLGTASAFRFHYMAALETELSGRLRSSRSNGWNGDNS
AGYLTVPLRPLTIGKEVTMDVPAPNAPGVRLQLKAEGCPEELAVHLGFNLCAEEQAFLSRRKQVVAKALKQALQLDRDLQ
EDEVPVVGIMATGGGARAMTSLYGHLLALQKLGLLDCVTYFSGISGSTWTMAHLYGDPEWSQRDLEGPIRYAREHLAKSK
LEVFSPERLASYRRELELRAEQGHPTTFVDLWALVLESMLHGQVMDQKLSGQRAALERGQNPLPLYLSLNVKENNLETLD
FKEWVEFSPYEVGFLKYGAFVPPELFGSEFFMGRLMRRIPEPRICFLEAIWSNIFSLNLLDAWYDLTSSGESWKQHIAAA
TRSLEKEPLTTSGTSSRLEASWLQPGTALAQAFKGFLTGRPLHQRSPNFLQGLQLHQDYCSHKDFSTWADYQLDSMPSQL
TPKEPRLCLVDAAYFINTSSPSMFRPGRRLDLILSFDYSLSAPFEALQQTELYCRARGLPFPRVEPSPQDQHQPRECHLF
SDPACPEAPILLHFPLVNASFKDHSAPGVQRSPAELQGGQVDLTGATCPYTLSNMTYKEEDFERLLRLSDYNVQTSQGAI
LQALRTALKHRTLE
;
_entity_poly.pdbx_strand_id   B,A
#
# COMPACT_ATOMS: atom_id res chain seq x y z
N GLY A 20 -34.32 19.54 5.80
CA GLY A 20 -34.64 20.70 6.68
C GLY A 20 -34.20 20.50 8.11
N GLU A 21 -33.29 21.36 8.56
CA GLU A 21 -32.86 21.37 9.95
C GLU A 21 -32.45 22.77 10.36
N ALA A 22 -32.94 23.21 11.52
CA ALA A 22 -32.57 24.50 12.08
C ALA A 22 -31.49 24.25 13.12
N SER A 23 -30.34 24.92 12.97
CA SER A 23 -29.25 24.78 13.93
C SER A 23 -28.66 26.14 14.21
N THR A 24 -28.65 26.45 15.50
CA THR A 24 -28.23 27.74 16.00
C THR A 24 -26.70 27.85 15.91
N CYS A 25 -26.22 28.92 15.30
CA CYS A 25 -24.80 29.18 15.28
C CYS A 25 -24.39 29.75 16.63
N TRP A 26 -23.13 29.54 16.99
CA TRP A 26 -22.53 30.15 18.17
C TRP A 26 -21.59 31.25 17.72
N GLN A 27 -21.26 32.15 18.63
CA GLN A 27 -20.24 33.14 18.36
C GLN A 27 -18.95 32.70 19.00
N LEU A 28 -17.89 32.64 18.20
CA LEU A 28 -16.56 32.37 18.72
C LEU A 28 -15.76 33.65 18.74
N THR A 29 -15.23 33.99 19.91
CA THR A 29 -14.30 35.08 20.04
C THR A 29 -12.91 34.50 20.13
N VAL A 30 -12.05 34.88 19.18
CA VAL A 30 -10.67 34.41 19.15
C VAL A 30 -9.82 35.62 19.52
N ARG A 31 -9.20 35.57 20.70
CA ARG A 31 -8.35 36.68 21.17
C ARG A 31 -6.88 36.33 20.98
N VAL A 32 -6.27 36.95 19.98
CA VAL A 32 -4.86 36.73 19.67
C VAL A 32 -4.05 37.60 20.63
N LEU A 33 -3.36 36.96 21.58
CA LEU A 33 -2.67 37.69 22.64
C LEU A 33 -1.26 38.11 22.22
N GLU A 34 -0.38 37.12 22.09
CA GLU A 34 1.03 37.38 21.83
C GLU A 34 1.72 36.14 21.30
N ALA A 35 2.92 36.33 20.77
CA ALA A 35 3.77 35.23 20.35
C ALA A 35 5.18 35.42 20.88
N ARG A 36 5.95 34.34 20.92
CA ARG A 36 7.32 34.37 21.45
C ARG A 36 8.27 33.56 20.59
N ASN A 37 9.53 34.00 20.54
CA ASN A 37 10.62 33.27 19.89
C ASN A 37 10.46 33.15 18.37
N LEU A 38 9.89 34.16 17.73
CA LEU A 38 9.76 34.13 16.29
C LEU A 38 11.14 34.30 15.63
N ARG A 39 11.32 33.64 14.48
CA ARG A 39 12.57 33.74 13.76
C ARG A 39 12.72 35.18 13.28
N TRP A 40 13.97 35.62 13.16
CA TRP A 40 14.27 36.96 12.69
C TRP A 40 13.97 37.10 11.20
N ALA A 41 13.75 38.32 10.75
CA ALA A 41 13.55 38.60 9.33
C ALA A 41 14.83 38.29 8.57
N ASP A 42 15.94 38.69 9.18
CA ASP A 42 17.24 38.39 8.65
C ASP A 42 18.25 38.46 9.79
N LEU A 43 19.52 38.23 9.47
CA LEU A 43 20.57 38.21 10.48
C LEU A 43 20.51 39.43 11.42
N LEU A 44 20.19 40.61 10.88
CA LEU A 44 20.25 41.85 11.66
C LEU A 44 18.91 42.50 12.01
N SER A 45 17.81 41.87 11.63
CA SER A 45 16.50 42.48 11.82
C SER A 45 15.45 41.46 12.28
N GLU A 46 14.75 41.78 13.35
CA GLU A 46 13.69 40.93 13.85
C GLU A 46 12.45 41.16 12.99
N ALA A 47 11.52 40.22 13.06
CA ALA A 47 10.37 40.21 12.16
C ALA A 47 9.42 41.36 12.39
N ASP A 48 8.59 41.63 11.37
CA ASP A 48 7.51 42.61 11.46
C ASP A 48 6.20 41.82 11.43
N PRO A 49 5.82 41.21 12.56
CA PRO A 49 4.82 40.16 12.49
C PRO A 49 3.37 40.62 12.60
N TYR A 50 2.51 39.97 11.83
CA TYR A 50 1.05 40.07 11.97
C TYR A 50 0.44 38.68 11.89
N VAL A 51 -0.73 38.51 12.50
CA VAL A 51 -1.42 37.21 12.48
C VAL A 51 -2.61 37.25 11.52
N ILE A 52 -2.74 36.17 10.75
CA ILE A 52 -3.88 35.97 9.89
C ILE A 52 -4.73 34.85 10.49
N LEU A 53 -6.05 35.06 10.50
CA LEU A 53 -6.99 34.03 10.91
C LEU A 53 -7.92 33.69 9.74
N GLN A 54 -7.99 32.40 9.42
CA GLN A 54 -8.90 31.88 8.40
C GLN A 54 -9.63 30.65 8.94
N LEU A 55 -10.88 30.48 8.52
CA LEU A 55 -11.68 29.34 8.96
C LEU A 55 -12.04 28.50 7.74
N SER A 56 -11.82 27.19 7.82
CA SER A 56 -12.04 26.27 6.69
C SER A 56 -13.45 26.33 6.09
N THR A 57 -14.43 26.66 6.92
CA THR A 57 -15.81 26.71 6.49
C THR A 57 -16.32 28.10 6.13
N ALA A 58 -15.43 29.10 6.14
CA ALA A 58 -15.82 30.47 5.78
C ALA A 58 -14.97 30.99 4.61
N PRO A 59 -15.32 30.59 3.36
CA PRO A 59 -14.51 31.06 2.22
C PRO A 59 -14.53 32.58 2.10
N GLY A 60 -13.37 33.17 1.85
CA GLY A 60 -13.25 34.60 1.65
C GLY A 60 -13.04 35.40 2.94
N MET A 61 -13.31 34.78 4.09
CA MET A 61 -13.18 35.50 5.35
C MET A 61 -11.71 35.43 5.77
N LYS A 62 -11.14 36.59 6.06
CA LYS A 62 -9.77 36.66 6.54
C LYS A 62 -9.64 37.78 7.54
N PHE A 63 -9.15 37.47 8.73
CA PHE A 63 -8.86 38.51 9.72
C PHE A 63 -7.36 38.68 9.83
N LYS A 64 -6.95 39.92 10.12
CA LYS A 64 -5.55 40.30 10.15
C LYS A 64 -5.34 41.23 11.34
N THR A 65 -4.36 40.90 12.19
CA THR A 65 -3.99 41.79 13.29
C THR A 65 -3.20 42.96 12.73
N LYS A 66 -2.90 43.94 13.58
CA LYS A 66 -1.94 44.98 13.23
C LYS A 66 -0.56 44.36 13.07
N THR A 67 0.26 44.98 12.24
CA THR A 67 1.64 44.58 12.08
C THR A 67 2.48 45.28 13.13
N LEU A 68 3.25 44.52 13.90
CA LEU A 68 4.23 45.10 14.81
C LEU A 68 5.61 45.09 14.15
N THR A 69 6.54 45.85 14.69
CA THR A 69 7.81 46.08 14.00
C THR A 69 9.01 45.61 14.80
N ASP A 70 9.89 44.83 14.15
CA ASP A 70 11.18 44.46 14.73
C ASP A 70 11.01 43.84 16.12
N THR A 71 10.19 42.79 16.21
CA THR A 71 10.01 42.10 17.47
C THR A 71 9.82 40.60 17.24
N SER A 72 10.59 39.82 17.98
CA SER A 72 10.40 38.37 18.04
C SER A 72 9.36 37.95 19.08
N HIS A 73 8.82 38.91 19.84
CA HIS A 73 7.88 38.60 20.90
C HIS A 73 6.70 39.57 20.82
N PRO A 74 5.95 39.55 19.71
CA PRO A 74 4.88 40.54 19.55
C PRO A 74 3.73 40.34 20.54
N VAL A 75 3.14 41.44 20.99
CA VAL A 75 1.93 41.42 21.81
C VAL A 75 0.86 42.23 21.09
N TRP A 76 -0.12 41.55 20.50
CA TRP A 76 -1.20 42.22 19.75
C TRP A 76 -2.42 42.52 20.61
N ASN A 77 -2.86 41.51 21.37
CA ASN A 77 -4.10 41.58 22.14
C ASN A 77 -5.29 42.09 21.32
N GLU A 78 -5.58 41.41 20.21
CA GLU A 78 -6.74 41.73 19.38
C GLU A 78 -7.69 40.55 19.34
N ALA A 79 -8.99 40.84 19.35
CA ALA A 79 -10.02 39.82 19.35
C ALA A 79 -10.82 39.89 18.07
N PHE A 80 -11.23 38.72 17.57
CA PHE A 80 -12.02 38.61 16.37
C PHE A 80 -13.17 37.65 16.62
N ARG A 81 -14.25 37.83 15.89
CA ARG A 81 -15.48 37.08 16.11
C ARG A 81 -15.95 36.37 14.85
N PHE A 82 -16.19 35.06 14.99
CA PHE A 82 -16.74 34.23 13.92
C PHE A 82 -18.10 33.72 14.35
N LEU A 83 -19.00 33.58 13.39
CA LEU A 83 -20.18 32.74 13.60
C LEU A 83 -19.80 31.32 13.27
N ILE A 84 -20.04 30.42 14.22
CA ILE A 84 -19.66 29.02 14.10
C ILE A 84 -20.90 28.15 14.05
N GLN A 85 -20.97 27.32 13.02
CA GLN A 85 -22.01 26.30 12.91
C GLN A 85 -21.50 25.01 13.55
N SER A 86 -22.10 24.62 14.69
CA SER A 86 -21.65 23.44 15.44
C SER A 86 -21.79 22.13 14.67
N GLN A 87 -22.71 22.09 13.70
CA GLN A 87 -22.97 20.87 12.94
C GLN A 87 -21.94 20.57 11.84
N VAL A 88 -20.99 21.47 11.55
CA VAL A 88 -19.95 21.19 10.55
C VAL A 88 -18.56 21.09 11.19
N LYS A 89 -17.64 20.44 10.47
CA LYS A 89 -16.22 20.42 10.88
C LYS A 89 -15.58 21.78 10.64
N ASN A 90 -15.04 22.41 11.69
CA ASN A 90 -14.44 23.74 11.62
C ASN A 90 -12.98 23.71 12.01
N VAL A 91 -12.11 23.99 11.03
CA VAL A 91 -10.67 24.08 11.26
C VAL A 91 -10.21 25.53 11.12
N LEU A 92 -9.62 26.05 12.20
CA LEU A 92 -9.14 27.42 12.22
C LEU A 92 -7.66 27.42 11.89
N GLU A 93 -7.28 28.25 10.93
CA GLU A 93 -5.88 28.43 10.60
C GLU A 93 -5.38 29.73 11.23
N LEU A 94 -4.32 29.62 12.01
CA LEU A 94 -3.64 30.78 12.58
C LEU A 94 -2.22 30.82 12.04
N SER A 95 -1.93 31.85 11.23
CA SER A 95 -0.64 32.00 10.59
C SER A 95 -0.02 33.35 10.97
N ILE A 96 1.27 33.33 11.29
CA ILE A 96 2.01 34.57 11.53
C ILE A 96 2.90 34.81 10.32
N TYR A 97 2.79 36.01 9.74
CA TYR A 97 3.61 36.41 8.60
C TYR A 97 4.55 37.54 9.00
N ASP A 98 5.64 37.68 8.26
CA ASP A 98 6.64 38.72 8.49
C ASP A 98 6.47 39.77 7.39
N GLU A 99 6.06 40.97 7.78
CA GLU A 99 5.74 42.01 6.79
C GLU A 99 6.99 42.60 6.12
N ASP A 100 6.94 42.66 4.80
CA ASP A 100 7.96 43.33 4.00
C ASP A 100 7.27 43.97 2.80
N SER A 101 7.36 45.29 2.69
CA SER A 101 6.68 46.02 1.61
C SER A 101 7.24 45.74 0.21
N VAL A 102 8.48 45.26 0.13
CA VAL A 102 9.13 44.99 -1.16
C VAL A 102 8.84 43.57 -1.65
N THR A 103 9.19 42.57 -0.83
CA THR A 103 9.02 41.17 -1.21
C THR A 103 7.79 40.57 -0.55
N GLU A 104 7.29 39.49 -1.14
CA GLU A 104 6.11 38.83 -0.60
C GLU A 104 6.44 38.33 0.81
N ASP A 105 5.49 38.49 1.73
CA ASP A 105 5.73 38.23 3.14
C ASP A 105 5.95 36.74 3.43
N ASP A 106 7.01 36.46 4.17
CA ASP A 106 7.30 35.09 4.57
C ASP A 106 6.47 34.69 5.78
N ILE A 107 6.05 33.43 5.81
CA ILE A 107 5.36 32.87 6.95
C ILE A 107 6.38 32.41 7.99
N CYS A 108 6.19 32.79 9.25
CA CYS A 108 7.05 32.31 10.33
C CYS A 108 6.37 31.38 11.33
N PHE A 109 5.05 31.18 11.19
CA PHE A 109 4.29 30.34 12.11
C PHE A 109 2.95 29.96 11.49
N LYS A 110 2.55 28.71 11.67
CA LYS A 110 1.28 28.21 11.17
C LYS A 110 0.80 27.05 12.05
N VAL A 111 -0.43 27.15 12.52
CA VAL A 111 -1.11 26.00 13.15
C VAL A 111 -2.55 25.86 12.64
N LEU A 112 -3.01 24.62 12.58
CA LEU A 112 -4.37 24.31 12.22
C LEU A 112 -5.05 23.72 13.47
N TYR A 113 -6.21 24.26 13.81
CA TYR A 113 -6.87 23.96 15.08
C TYR A 113 -8.34 23.60 14.90
N ASP A 114 -8.70 22.41 15.33
CA ASP A 114 -10.10 21.95 15.37
C ASP A 114 -10.76 22.62 16.57
N ILE A 115 -11.63 23.58 16.31
CA ILE A 115 -12.26 24.36 17.37
C ILE A 115 -13.37 23.63 18.14
N SER A 116 -13.65 22.37 17.81
CA SER A 116 -14.64 21.60 18.56
C SER A 116 -14.18 21.38 20.02
N GLU A 117 -12.90 21.58 20.31
CA GLU A 117 -12.39 21.55 21.67
C GLU A 117 -13.00 22.64 22.56
N VAL A 118 -13.34 23.77 21.96
CA VAL A 118 -13.86 24.89 22.73
C VAL A 118 -15.31 24.65 23.13
N LEU A 119 -15.54 24.55 24.44
CA LEU A 119 -16.87 24.29 24.97
C LEU A 119 -17.56 25.60 25.34
N PRO A 120 -18.86 25.71 25.04
CA PRO A 120 -19.56 26.97 25.25
C PRO A 120 -19.54 27.42 26.71
N GLY A 121 -19.29 28.71 26.94
CA GLY A 121 -19.26 29.28 28.28
C GLY A 121 -17.89 29.28 28.93
N LYS A 122 -17.09 28.25 28.68
CA LYS A 122 -15.79 28.09 29.33
C LYS A 122 -14.63 28.66 28.47
N LEU A 123 -14.04 29.74 28.95
CA LEU A 123 -12.88 30.34 28.29
C LEU A 123 -11.74 29.32 28.24
N LEU A 124 -11.20 29.12 27.04
CA LEU A 124 -10.10 28.19 26.84
C LEU A 124 -8.84 28.98 26.47
N ARG A 125 -7.81 28.84 27.30
CA ARG A 125 -6.50 29.44 27.03
C ARG A 125 -5.63 28.43 26.34
N LYS A 126 -5.03 28.82 25.22
CA LYS A 126 -4.21 27.93 24.43
C LYS A 126 -2.86 28.56 24.15
N THR A 127 -1.81 27.76 24.29
CA THR A 127 -0.48 28.12 23.82
C THR A 127 -0.13 27.11 22.74
N PHE A 128 0.01 27.57 21.50
CA PHE A 128 0.31 26.70 20.37
C PHE A 128 1.79 26.69 20.05
N SER A 129 2.29 25.51 19.70
CA SER A 129 3.58 25.42 19.05
C SER A 129 3.34 24.75 17.69
N GLN A 130 4.26 25.01 16.77
CA GLN A 130 4.18 24.52 15.40
C GLN A 130 4.54 23.06 15.28
N SER A 131 5.45 22.62 16.13
CA SER A 131 6.00 21.28 16.03
C SER A 131 6.25 20.79 17.44
N PRO A 132 6.41 19.47 17.59
CA PRO A 132 6.57 18.95 18.95
C PRO A 132 7.69 19.62 19.75
N GLN A 133 8.75 20.06 19.06
CA GLN A 133 9.91 20.68 19.72
C GLN A 133 10.20 22.11 19.25
N GLY A 134 9.25 22.69 18.53
CA GLY A 134 9.38 24.07 18.03
C GLY A 134 9.54 25.07 19.16
N GLU A 135 10.36 26.09 18.94
CA GLU A 135 10.59 27.15 19.94
C GLU A 135 9.49 28.20 19.96
N GLU A 136 8.84 28.38 18.82
CA GLU A 136 7.87 29.45 18.67
C GLU A 136 6.59 29.10 19.42
N GLU A 137 5.99 30.10 20.04
CA GLU A 137 4.73 29.93 20.74
C GLU A 137 3.75 31.06 20.45
N LEU A 138 2.48 30.70 20.34
CA LEU A 138 1.39 31.65 20.11
C LEU A 138 0.33 31.48 21.21
N ASP A 139 0.07 32.55 21.95
CA ASP A 139 -0.98 32.53 22.98
C ASP A 139 -2.29 33.08 22.43
N VAL A 140 -3.33 32.28 22.55
CA VAL A 140 -4.66 32.64 22.07
C VAL A 140 -5.69 32.25 23.13
N GLU A 141 -6.77 33.01 23.20
CA GLU A 141 -7.90 32.70 24.08
C GLU A 141 -9.18 32.54 23.25
N PHE A 142 -9.96 31.50 23.56
CA PHE A 142 -11.19 31.22 22.83
C PHE A 142 -12.37 31.29 23.77
N LEU A 143 -13.42 31.99 23.35
CA LEU A 143 -14.68 31.97 24.08
C LEU A 143 -15.82 31.72 23.12
N MET A 144 -16.55 30.64 23.37
CA MET A 144 -17.72 30.30 22.59
C MET A 144 -18.96 30.67 23.38
N GLU A 145 -19.85 31.43 22.77
CA GLU A 145 -21.10 31.79 23.44
C GLU A 145 -22.28 31.89 22.49
N GLU A 146 -23.44 31.90 23.10
CA GLU A 146 -24.71 31.90 22.42
C GLU A 146 -24.88 33.23 21.72
N THR A 147 -25.70 33.24 20.67
CA THR A 147 -26.07 34.48 20.00
C THR A 147 -27.59 34.64 19.98
N SER A 148 -28.05 35.85 19.72
CA SER A 148 -29.47 36.10 19.62
C SER A 148 -29.95 36.00 18.18
N ASP A 149 -29.05 35.69 17.24
CA ASP A 149 -29.43 35.48 15.84
C ASP A 149 -30.40 34.32 15.75
N ARG A 150 -31.20 34.33 14.70
CA ARG A 150 -32.03 33.19 14.38
C ARG A 150 -31.13 31.97 14.07
N PRO A 151 -31.71 30.76 14.09
CA PRO A 151 -30.90 29.59 13.72
C PRO A 151 -30.63 29.58 12.22
N GLU A 152 -29.53 28.95 11.81
CA GLU A 152 -29.24 28.75 10.41
C GLU A 152 -30.10 27.59 9.89
N ASN A 153 -30.61 27.73 8.67
CA ASN A 153 -31.36 26.64 8.02
C ASN A 153 -30.43 25.74 7.20
N LEU A 154 -30.08 24.59 7.78
CA LEU A 154 -29.21 23.62 7.15
C LEU A 154 -30.00 22.50 6.51
N ILE A 155 -29.34 21.81 5.60
CA ILE A 155 -29.79 20.50 5.16
C ILE A 155 -28.60 19.57 5.28
N THR A 156 -28.79 18.48 5.98
CA THR A 156 -27.71 17.55 6.22
C THR A 156 -28.22 16.12 6.26
N ASN A 157 -27.31 15.19 5.96
CA ASN A 157 -27.57 13.78 6.12
C ASN A 157 -26.62 13.18 7.17
N LYS A 158 -26.02 14.06 7.98
CA LYS A 158 -25.07 13.70 9.05
C LYS A 158 -23.65 13.40 8.59
N VAL A 159 -23.39 13.48 7.29
CA VAL A 159 -22.06 13.32 6.76
C VAL A 159 -21.66 14.56 5.98
N ILE A 160 -22.54 15.03 5.11
CA ILE A 160 -22.32 16.26 4.39
C ILE A 160 -23.45 17.26 4.65
N VAL A 161 -23.10 18.55 4.62
CA VAL A 161 -23.98 19.62 5.04
C VAL A 161 -24.12 20.71 3.96
N ALA A 162 -25.37 21.05 3.63
CA ALA A 162 -25.68 22.22 2.81
C ALA A 162 -25.93 23.40 3.74
N ARG A 163 -25.04 24.39 3.70
CA ARG A 163 -25.17 25.58 4.52
C ARG A 163 -26.27 26.47 3.98
N GLU A 164 -26.88 27.28 4.81
CA GLU A 164 -27.88 28.22 4.35
C GLU A 164 -27.27 29.20 3.37
N LEU A 165 -28.01 29.48 2.30
CA LEU A 165 -27.57 30.35 1.24
C LEU A 165 -28.42 31.61 1.19
N SER A 166 -27.76 32.76 1.09
CA SER A 166 -28.41 34.03 0.82
C SER A 166 -28.15 34.43 -0.62
N CYS A 167 -29.08 35.23 -1.17
CA CYS A 167 -29.00 35.75 -2.53
C CYS A 167 -29.07 37.25 -2.46
N LEU A 168 -28.16 37.92 -3.16
CA LEU A 168 -28.14 39.38 -3.20
C LEU A 168 -28.27 39.84 -4.64
N ASP A 169 -29.32 40.60 -4.89
CA ASP A 169 -29.59 41.14 -6.22
C ASP A 169 -29.19 42.61 -6.31
N VAL A 170 -28.48 42.97 -7.37
CA VAL A 170 -28.07 44.36 -7.61
C VAL A 170 -28.69 44.84 -8.91
N HIS A 171 -29.54 45.87 -8.82
CA HIS A 171 -30.20 46.45 -9.99
C HIS A 171 -29.66 47.86 -10.26
N LEU A 172 -29.68 48.25 -11.52
CA LEU A 172 -28.90 49.42 -12.02
C LEU A 172 -29.39 50.79 -11.56
N ASP A 173 -30.69 50.96 -11.33
CA ASP A 173 -31.21 52.22 -10.79
C ASP A 173 -32.59 52.09 -10.14
N ASP A 185 -21.20 53.49 -20.11
CA ASP A 185 -21.15 53.72 -21.56
C ASP A 185 -19.87 53.10 -22.11
N LYS A 186 -18.76 53.61 -21.58
CA LYS A 186 -17.46 53.00 -21.70
C LYS A 186 -16.92 52.79 -20.27
N LEU A 187 -17.73 53.11 -19.25
CA LEU A 187 -17.49 52.70 -17.87
C LEU A 187 -17.83 51.24 -17.63
N GLU A 188 -16.95 50.57 -16.90
CA GLU A 188 -17.17 49.19 -16.49
C GLU A 188 -17.41 49.12 -14.99
N LEU A 189 -18.58 48.63 -14.60
CA LEU A 189 -18.94 48.41 -13.19
C LEU A 189 -18.36 47.09 -12.72
N GLU A 190 -17.62 47.13 -11.62
CA GLU A 190 -17.08 45.93 -10.99
C GLU A 190 -17.70 45.72 -9.61
N LEU A 191 -18.39 44.59 -9.44
CA LEU A 191 -19.00 44.21 -8.17
C LEU A 191 -18.26 43.01 -7.60
N VAL A 192 -17.85 43.12 -6.34
CA VAL A 192 -17.12 42.06 -5.66
C VAL A 192 -17.83 41.71 -4.35
N LEU A 193 -18.03 40.41 -4.14
CA LEU A 193 -18.63 39.91 -2.91
C LEU A 193 -17.83 38.69 -2.48
N LYS A 194 -16.83 38.93 -1.64
CA LYS A 194 -15.91 37.90 -1.19
C LYS A 194 -16.66 36.79 -0.45
N GLY A 195 -16.38 35.55 -0.84
CA GLY A 195 -17.04 34.38 -0.27
C GLY A 195 -18.22 33.90 -1.09
N SER A 196 -18.67 34.68 -2.05
CA SER A 196 -19.79 34.28 -2.90
C SER A 196 -19.30 33.33 -3.97
N TYR A 197 -20.24 32.61 -4.57
CA TYR A 197 -19.94 31.70 -5.66
C TYR A 197 -19.43 32.45 -6.91
N GLU A 198 -20.06 33.58 -7.22
CA GLU A 198 -19.69 34.38 -8.38
C GLU A 198 -18.40 35.14 -8.11
N ASP A 199 -18.21 35.57 -6.85
CA ASP A 199 -17.03 36.30 -6.40
C ASP A 199 -16.98 37.73 -6.97
N THR A 200 -16.78 37.83 -8.28
CA THR A 200 -16.65 39.11 -8.97
C THR A 200 -17.47 39.10 -10.23
N GLN A 201 -18.21 40.19 -10.46
CA GLN A 201 -18.98 40.36 -11.69
C GLN A 201 -18.73 41.75 -12.25
N THR A 202 -18.45 41.81 -13.55
CA THR A 202 -18.17 43.06 -14.21
C THR A 202 -19.12 43.26 -15.39
N SER A 203 -19.31 44.52 -15.78
CA SER A 203 -20.19 44.85 -16.90
C SER A 203 -20.07 46.32 -17.28
N PHE A 204 -20.25 46.62 -18.57
CA PHE A 204 -20.34 48.00 -19.03
C PHE A 204 -21.69 48.61 -18.67
N LEU A 205 -21.74 49.94 -18.57
CA LEU A 205 -23.01 50.62 -18.31
C LEU A 205 -23.89 50.59 -19.54
N GLY A 206 -25.18 50.36 -19.33
CA GLY A 206 -26.13 50.21 -20.41
C GLY A 206 -26.21 48.77 -20.90
N THR A 207 -25.10 48.03 -20.83
CA THR A 207 -25.07 46.61 -21.21
C THR A 207 -25.83 45.67 -20.25
N ALA A 208 -25.73 45.91 -18.93
CA ALA A 208 -26.38 45.03 -17.94
C ALA A 208 -27.16 45.77 -16.87
N SER A 209 -28.39 45.32 -16.63
CA SER A 209 -29.25 45.92 -15.61
C SER A 209 -29.14 45.21 -14.26
N ALA A 210 -28.95 43.88 -14.24
CA ALA A 210 -29.09 43.11 -12.99
C ALA A 210 -27.99 42.07 -12.73
N PHE A 211 -27.72 41.85 -11.44
CA PHE A 211 -26.71 40.88 -10.97
C PHE A 211 -27.22 40.11 -9.77
N ARG A 212 -26.86 38.83 -9.70
CA ARG A 212 -27.19 38.00 -8.55
C ARG A 212 -25.91 37.36 -8.00
N PHE A 213 -25.73 37.47 -6.68
CA PHE A 213 -24.67 36.76 -5.97
C PHE A 213 -25.29 35.74 -5.02
N HIS A 214 -24.69 34.54 -4.97
CA HIS A 214 -25.05 33.51 -3.99
C HIS A 214 -23.89 33.37 -3.02
N TYR A 215 -24.19 33.36 -1.72
CA TYR A 215 -23.18 33.27 -0.68
C TYR A 215 -23.78 32.75 0.62
N MET A 216 -22.95 32.19 1.48
CA MET A 216 -23.42 31.67 2.77
C MET A 216 -23.98 32.76 3.66
N ALA A 217 -25.17 32.51 4.19
CA ALA A 217 -25.83 33.45 5.09
C ALA A 217 -25.05 33.68 6.38
N ALA A 218 -24.29 32.67 6.81
CA ALA A 218 -23.53 32.79 8.04
C ALA A 218 -22.24 33.62 7.91
N LEU A 219 -21.90 34.08 6.71
CA LEU A 219 -20.71 34.88 6.50
C LEU A 219 -20.89 36.32 6.98
N GLU A 220 -19.84 36.86 7.54
CA GLU A 220 -19.70 38.31 7.65
C GLU A 220 -18.82 38.73 6.48
N THR A 221 -19.40 39.43 5.53
CA THR A 221 -18.67 39.86 4.34
C THR A 221 -19.27 41.19 3.85
N GLU A 222 -18.97 41.57 2.62
CA GLU A 222 -19.45 42.85 2.09
C GLU A 222 -19.51 42.81 0.57
N LEU A 223 -20.34 43.68 0.01
CA LEU A 223 -20.33 43.92 -1.41
C LEU A 223 -19.59 45.22 -1.67
N SER A 224 -18.56 45.18 -2.50
CA SER A 224 -17.88 46.39 -2.93
C SER A 224 -18.18 46.68 -4.39
N GLY A 225 -18.38 47.95 -4.70
CA GLY A 225 -18.73 48.39 -6.04
C GLY A 225 -17.81 49.52 -6.50
N ARG A 226 -17.46 49.51 -7.78
CA ARG A 226 -16.53 50.48 -8.35
C ARG A 226 -16.73 50.63 -9.85
N LEU A 227 -16.44 51.82 -10.37
CA LEU A 227 -16.48 52.10 -11.79
C LEU A 227 -15.07 52.32 -12.32
N ARG A 228 -14.74 51.65 -13.42
CA ARG A 228 -13.46 51.81 -14.11
C ARG A 228 -13.70 52.31 -15.53
N SER A 229 -12.89 53.26 -15.97
CA SER A 229 -12.97 53.72 -17.35
C SER A 229 -12.12 52.80 -18.23
N SER A 230 -12.77 52.17 -19.22
CA SER A 230 -12.05 51.38 -20.23
C SER A 230 -11.06 52.24 -21.00
N ARG A 231 -11.40 53.53 -21.15
CA ARG A 231 -10.55 54.49 -21.86
C ARG A 231 -9.09 54.43 -21.43
N SER A 232 -8.21 54.22 -22.40
CA SER A 232 -6.78 54.46 -22.21
C SER A 232 -6.58 55.92 -21.80
N ASN A 233 -5.58 56.17 -20.96
CA ASN A 233 -5.28 57.54 -20.52
C ASN A 233 -3.82 57.95 -20.79
N GLY A 234 -3.12 57.13 -21.58
CA GLY A 234 -1.70 57.34 -21.88
C GLY A 234 -0.78 56.57 -20.96
N TRP A 235 -1.16 56.45 -19.69
CA TRP A 235 -0.28 55.91 -18.65
C TRP A 235 -1.02 54.81 -17.87
N ASN A 236 -0.96 53.59 -18.40
CA ASN A 236 -1.58 52.42 -17.77
C ASN A 236 -3.03 52.70 -17.37
N GLY A 237 -3.83 53.13 -18.36
CA GLY A 237 -5.15 53.71 -18.12
C GLY A 237 -6.25 52.77 -17.66
N ASP A 238 -6.38 52.64 -16.34
CA ASP A 238 -7.56 52.06 -15.70
C ASP A 238 -8.06 53.06 -14.65
N ASN A 239 -8.92 53.96 -15.10
CA ASN A 239 -9.20 55.21 -14.39
C ASN A 239 -10.39 55.03 -13.46
N SER A 240 -10.15 55.21 -12.16
CA SER A 240 -11.19 54.99 -11.15
C SER A 240 -11.14 55.94 -9.93
N ALA A 241 -12.31 56.40 -9.50
CA ALA A 241 -12.44 57.29 -8.35
C ALA A 241 -12.25 56.56 -7.02
N GLY A 242 -12.55 55.26 -6.98
CA GLY A 242 -12.47 54.48 -5.72
C GLY A 242 -13.74 53.71 -5.44
N TYR A 243 -13.63 52.65 -4.65
CA TYR A 243 -14.77 51.73 -4.46
C TYR A 243 -15.54 51.98 -3.17
N LEU A 244 -16.83 51.67 -3.18
CA LEU A 244 -17.68 51.76 -1.99
C LEU A 244 -18.18 50.38 -1.57
N THR A 245 -18.44 50.22 -0.26
CA THR A 245 -18.77 48.93 0.33
C THR A 245 -20.09 48.96 1.12
N VAL A 246 -20.86 47.89 0.97
CA VAL A 246 -22.07 47.68 1.74
C VAL A 246 -21.87 46.41 2.57
N PRO A 247 -21.85 46.55 3.90
CA PRO A 247 -21.61 45.36 4.73
C PRO A 247 -22.75 44.34 4.63
N LEU A 248 -22.38 43.07 4.75
CA LEU A 248 -23.34 41.97 4.72
C LEU A 248 -23.15 41.17 5.99
N ARG A 249 -24.07 41.37 6.93
CA ARG A 249 -23.98 40.76 8.25
C ARG A 249 -24.66 39.39 8.27
N PRO A 250 -24.19 38.50 9.15
CA PRO A 250 -24.70 37.13 9.18
C PRO A 250 -26.22 37.01 9.43
N LEU A 251 -26.86 36.09 8.71
CA LEU A 251 -28.27 35.70 8.88
C LEU A 251 -29.28 36.84 8.76
N THR A 252 -29.15 37.62 7.70
CA THR A 252 -30.12 38.67 7.42
C THR A 252 -31.49 38.05 7.17
N ILE A 253 -32.55 38.63 7.76
CA ILE A 253 -33.92 38.20 7.47
C ILE A 253 -34.51 38.94 6.25
N GLY A 254 -33.73 39.86 5.68
CA GLY A 254 -34.15 40.65 4.51
C GLY A 254 -33.58 42.05 4.62
N LYS A 255 -33.32 42.67 3.47
CA LYS A 255 -32.71 44.01 3.47
C LYS A 255 -32.89 44.67 2.10
N GLU A 256 -33.05 46.00 2.09
CA GLU A 256 -33.07 46.79 0.85
C GLU A 256 -32.20 48.03 1.03
N VAL A 257 -31.13 48.14 0.23
CA VAL A 257 -30.15 49.21 0.35
C VAL A 257 -29.95 49.89 -1.00
N THR A 258 -29.65 51.19 -0.96
CA THR A 258 -29.28 51.96 -2.12
C THR A 258 -27.88 52.52 -1.91
N MET A 259 -27.00 52.38 -2.91
CA MET A 259 -25.65 52.96 -2.88
C MET A 259 -25.33 53.66 -4.20
N ASP A 260 -24.65 54.80 -4.12
CA ASP A 260 -24.21 55.54 -5.30
C ASP A 260 -22.73 55.30 -5.52
N VAL A 261 -22.40 54.70 -6.65
CA VAL A 261 -21.01 54.40 -7.01
C VAL A 261 -20.42 55.57 -7.79
N PRO A 262 -19.33 56.18 -7.28
CA PRO A 262 -18.75 57.32 -7.97
C PRO A 262 -18.08 56.91 -9.28
N ALA A 263 -18.18 57.77 -10.29
CA ALA A 263 -17.50 57.57 -11.57
C ALA A 263 -16.24 58.43 -11.56
N PRO A 264 -15.19 58.02 -12.32
CA PRO A 264 -13.89 58.72 -12.25
C PRO A 264 -13.98 60.22 -12.50
N ASN A 265 -14.48 60.62 -13.67
CA ASN A 265 -15.09 61.94 -13.78
C ASN A 265 -16.50 61.79 -13.24
N ALA A 266 -16.97 62.81 -12.55
CA ALA A 266 -18.30 62.76 -11.92
C ALA A 266 -19.39 62.52 -12.98
N PRO A 267 -20.61 62.15 -12.55
CA PRO A 267 -21.04 61.83 -11.19
C PRO A 267 -21.51 60.38 -10.99
N GLY A 268 -21.77 60.06 -9.72
CA GLY A 268 -22.34 58.77 -9.28
C GLY A 268 -23.32 57.98 -10.14
N VAL A 269 -23.38 56.68 -9.86
CA VAL A 269 -24.37 55.77 -10.44
C VAL A 269 -25.08 55.01 -9.31
N ARG A 270 -26.42 55.00 -9.37
CA ARG A 270 -27.24 54.47 -8.28
C ARG A 270 -27.55 52.99 -8.47
N LEU A 271 -27.13 52.15 -7.52
CA LEU A 271 -27.56 50.72 -7.52
C LEU A 271 -28.48 50.43 -6.34
N GLN A 272 -29.45 49.53 -6.55
CA GLN A 272 -30.35 49.06 -5.51
C GLN A 272 -30.07 47.60 -5.23
N LEU A 273 -29.80 47.26 -3.96
CA LEU A 273 -29.51 45.91 -3.49
C LEU A 273 -30.64 45.41 -2.62
N LYS A 274 -31.03 44.16 -2.83
CA LYS A 274 -31.92 43.46 -1.90
C LYS A 274 -31.30 42.11 -1.58
N ALA A 275 -30.94 41.90 -0.33
CA ALA A 275 -30.47 40.61 0.14
C ALA A 275 -31.65 39.81 0.66
N GLU A 276 -31.74 38.55 0.27
CA GLU A 276 -32.81 37.68 0.72
C GLU A 276 -32.38 36.23 0.74
N GLY A 277 -33.22 35.37 1.31
CA GLY A 277 -33.01 33.93 1.27
C GLY A 277 -33.12 33.41 -0.15
N CYS A 278 -32.38 32.34 -0.45
CA CYS A 278 -32.24 31.86 -1.82
C CYS A 278 -33.53 31.23 -2.41
N PRO A 279 -33.88 31.57 -3.68
CA PRO A 279 -35.10 31.08 -4.34
C PRO A 279 -35.07 29.60 -4.74
N GLU A 280 -33.90 29.10 -5.14
CA GLU A 280 -33.80 27.71 -5.58
C GLU A 280 -33.71 26.82 -4.36
N GLU A 281 -34.33 25.64 -4.41
CA GLU A 281 -34.14 24.63 -3.36
C GLU A 281 -33.26 23.51 -3.95
N LEU A 282 -32.96 22.44 -3.21
CA LEU A 282 -31.76 21.69 -3.54
C LEU A 282 -31.98 20.77 -4.72
N ALA A 283 -31.10 20.89 -5.70
CA ALA A 283 -31.06 19.97 -6.83
C ALA A 283 -30.31 18.70 -6.45
N VAL A 284 -29.43 18.80 -5.44
CA VAL A 284 -28.70 17.66 -4.94
C VAL A 284 -29.46 17.06 -3.77
N HIS A 285 -29.79 15.79 -3.88
CA HIS A 285 -30.46 15.15 -2.76
C HIS A 285 -29.46 14.61 -1.75
N LEU A 286 -29.66 14.95 -0.48
CA LEU A 286 -28.80 14.52 0.62
C LEU A 286 -29.54 13.52 1.50
N GLY A 287 -29.12 12.26 1.47
CA GLY A 287 -29.75 11.22 2.27
C GLY A 287 -29.17 9.87 1.91
N PHE A 288 -29.26 8.92 2.85
CA PHE A 288 -28.71 7.59 2.66
C PHE A 288 -29.78 6.51 2.45
N ASN A 289 -30.95 6.90 1.93
CA ASN A 289 -31.96 5.93 1.50
C ASN A 289 -32.05 5.88 -0.02
N LEU A 290 -32.70 4.86 -0.56
CA LEU A 290 -32.91 4.77 -1.99
C LEU A 290 -33.92 5.84 -2.37
N CYS A 291 -33.80 6.36 -3.57
CA CYS A 291 -34.68 7.43 -4.01
C CYS A 291 -36.04 6.86 -4.40
N ALA A 292 -37.04 7.73 -4.45
CA ALA A 292 -38.42 7.34 -4.73
C ALA A 292 -38.53 6.51 -6.01
N GLU A 293 -37.84 6.95 -7.06
CA GLU A 293 -37.88 6.26 -8.35
C GLU A 293 -37.34 4.83 -8.27
N GLU A 294 -36.27 4.64 -7.50
CA GLU A 294 -35.71 3.29 -7.35
C GLU A 294 -36.66 2.41 -6.54
N GLN A 295 -37.24 2.97 -5.48
CA GLN A 295 -38.23 2.24 -4.68
C GLN A 295 -39.43 1.80 -5.52
N ALA A 296 -39.94 2.70 -6.35
CA ALA A 296 -41.01 2.38 -7.28
C ALA A 296 -40.59 1.29 -8.27
N PHE A 297 -39.36 1.41 -8.79
CA PHE A 297 -38.84 0.41 -9.71
C PHE A 297 -38.83 -0.97 -9.04
N LEU A 298 -38.44 -1.00 -7.76
CA LEU A 298 -38.33 -2.27 -7.07
C LEU A 298 -39.67 -3.00 -7.00
N SER A 299 -40.74 -2.28 -6.69
CA SER A 299 -42.09 -2.86 -6.75
C SER A 299 -42.44 -3.43 -8.11
N ARG A 300 -42.14 -2.68 -9.18
CA ARG A 300 -42.35 -3.18 -10.53
C ARG A 300 -41.50 -4.40 -10.82
N ARG A 301 -40.22 -4.34 -10.48
CA ARG A 301 -39.30 -5.40 -10.83
C ARG A 301 -39.60 -6.68 -10.08
N LYS A 302 -39.98 -6.55 -8.81
CA LYS A 302 -40.24 -7.71 -7.96
C LYS A 302 -41.42 -8.57 -8.41
N GLN A 303 -42.37 -7.97 -9.13
CA GLN A 303 -43.44 -8.74 -9.78
C GLN A 303 -42.86 -9.65 -10.86
N VAL A 304 -41.97 -9.11 -11.69
CA VAL A 304 -41.35 -9.89 -12.76
C VAL A 304 -40.45 -10.96 -12.18
N VAL A 305 -39.76 -10.63 -11.09
CA VAL A 305 -38.88 -11.58 -10.42
C VAL A 305 -39.68 -12.70 -9.75
N ALA A 306 -40.76 -12.34 -9.06
CA ALA A 306 -41.62 -13.32 -8.39
C ALA A 306 -42.10 -14.36 -9.39
N LYS A 307 -42.56 -13.90 -10.53
CA LYS A 307 -43.02 -14.77 -11.61
C LYS A 307 -41.92 -15.68 -12.13
N ALA A 308 -40.79 -15.08 -12.50
CA ALA A 308 -39.67 -15.84 -13.04
C ALA A 308 -39.12 -16.83 -12.03
N LEU A 309 -39.17 -16.48 -10.76
CA LEU A 309 -38.72 -17.37 -9.69
C LEU A 309 -39.63 -18.58 -9.53
N LYS A 310 -40.94 -18.33 -9.56
CA LYS A 310 -41.91 -19.41 -9.46
C LYS A 310 -41.68 -20.44 -10.57
N GLN A 311 -41.50 -19.95 -11.80
CA GLN A 311 -41.27 -20.82 -12.94
C GLN A 311 -39.94 -21.57 -12.85
N ALA A 312 -38.88 -20.87 -12.45
CA ALA A 312 -37.52 -21.42 -12.42
C ALA A 312 -37.33 -22.45 -11.31
N LEU A 313 -37.96 -22.21 -10.16
CA LEU A 313 -37.89 -23.13 -9.02
C LEU A 313 -39.10 -24.06 -8.91
N GLN A 314 -40.06 -23.94 -9.85
CA GLN A 314 -41.31 -24.72 -9.80
C GLN A 314 -41.95 -24.62 -8.43
N LEU A 315 -42.18 -23.38 -7.99
CA LEU A 315 -42.73 -23.12 -6.65
C LEU A 315 -44.24 -23.35 -6.56
N ASP A 316 -44.66 -23.94 -5.45
CA ASP A 316 -46.09 -24.01 -5.10
C ASP A 316 -46.60 -22.62 -4.68
N ARG A 317 -45.72 -21.87 -4.01
CA ARG A 317 -45.98 -20.50 -3.53
C ARG A 317 -46.29 -19.56 -4.68
N ASP A 318 -47.24 -18.64 -4.51
CA ASP A 318 -47.16 -17.34 -5.19
C ASP A 318 -46.45 -16.42 -4.21
N LEU A 319 -45.33 -15.83 -4.64
CA LEU A 319 -44.48 -15.06 -3.73
C LEU A 319 -45.07 -13.67 -3.46
N GLN A 320 -45.14 -13.31 -2.18
CA GLN A 320 -45.45 -11.93 -1.77
C GLN A 320 -44.21 -11.04 -2.00
N GLU A 321 -44.44 -9.73 -2.13
CA GLU A 321 -43.37 -8.77 -2.43
C GLU A 321 -42.22 -8.86 -1.44
N ASP A 322 -42.54 -8.93 -0.15
CA ASP A 322 -41.54 -9.08 0.92
C ASP A 322 -40.81 -10.44 0.96
N GLU A 323 -41.28 -11.43 0.21
CA GLU A 323 -40.64 -12.77 0.14
C GLU A 323 -39.65 -12.90 -1.03
N VAL A 324 -39.70 -11.95 -1.96
CA VAL A 324 -38.88 -12.03 -3.17
C VAL A 324 -37.41 -11.67 -2.83
N PRO A 325 -36.47 -12.60 -3.08
CA PRO A 325 -35.07 -12.27 -2.80
C PRO A 325 -34.51 -11.26 -3.79
N VAL A 326 -33.62 -10.41 -3.31
CA VAL A 326 -32.98 -9.41 -4.16
C VAL A 326 -31.69 -10.02 -4.72
N VAL A 327 -31.65 -10.18 -6.04
CA VAL A 327 -30.53 -10.80 -6.71
C VAL A 327 -29.79 -9.76 -7.55
N GLY A 328 -28.47 -9.78 -7.47
CA GLY A 328 -27.65 -8.86 -8.25
C GLY A 328 -26.63 -9.58 -9.09
N ILE A 329 -26.35 -9.03 -10.27
CA ILE A 329 -25.18 -9.43 -11.05
C ILE A 329 -24.15 -8.29 -10.98
N MET A 330 -22.91 -8.65 -10.73
CA MET A 330 -21.87 -7.64 -10.59
C MET A 330 -20.66 -8.05 -11.43
N ALA A 331 -20.24 -7.11 -12.29
CA ALA A 331 -19.18 -7.32 -13.26
C ALA A 331 -17.97 -6.45 -12.98
N THR A 332 -16.78 -6.99 -13.27
CA THR A 332 -15.52 -6.27 -13.10
C THR A 332 -15.11 -5.64 -14.42
N GLY A 333 -13.93 -5.03 -14.42
CA GLY A 333 -13.41 -4.42 -15.61
C GLY A 333 -12.56 -5.37 -16.44
N GLY A 334 -12.04 -4.79 -17.51
CA GLY A 334 -11.18 -5.48 -18.43
C GLY A 334 -11.50 -5.19 -19.87
N GLY A 335 -11.68 -3.91 -20.22
CA GLY A 335 -11.86 -3.50 -21.63
C GLY A 335 -12.80 -4.38 -22.44
N ALA A 336 -12.41 -4.65 -23.68
CA ALA A 336 -13.23 -5.45 -24.60
C ALA A 336 -13.37 -6.90 -24.14
N ARG A 337 -12.40 -7.38 -23.36
CA ARG A 337 -12.48 -8.71 -22.75
C ARG A 337 -13.71 -8.80 -21.86
N ALA A 338 -13.82 -7.85 -20.94
CA ALA A 338 -14.95 -7.80 -20.04
C ALA A 338 -16.27 -7.61 -20.80
N MET A 339 -16.27 -6.74 -21.80
CA MET A 339 -17.46 -6.49 -22.60
C MET A 339 -17.96 -7.78 -23.25
N THR A 340 -17.04 -8.48 -23.91
CA THR A 340 -17.37 -9.71 -24.63
C THR A 340 -17.89 -10.79 -23.68
N SER A 341 -17.11 -11.07 -22.65
CA SER A 341 -17.44 -12.12 -21.70
C SER A 341 -18.78 -11.89 -21.01
N LEU A 342 -19.07 -10.64 -20.68
CA LEU A 342 -20.33 -10.29 -20.03
C LEU A 342 -21.55 -10.56 -20.91
N TYR A 343 -21.41 -10.28 -22.20
CA TYR A 343 -22.45 -10.63 -23.16
C TYR A 343 -22.79 -12.12 -23.05
N GLY A 344 -21.75 -12.95 -22.95
CA GLY A 344 -21.90 -14.38 -22.79
C GLY A 344 -22.59 -14.78 -21.50
N HIS A 345 -22.21 -14.13 -20.40
CA HIS A 345 -22.84 -14.39 -19.11
C HIS A 345 -24.32 -14.02 -19.11
N LEU A 346 -24.66 -12.92 -19.78
CA LEU A 346 -26.04 -12.49 -19.90
C LEU A 346 -26.84 -13.45 -20.78
N LEU A 347 -26.23 -13.93 -21.86
CA LEU A 347 -26.87 -14.90 -22.75
C LEU A 347 -27.23 -16.17 -21.98
N ALA A 348 -26.30 -16.66 -21.16
CA ALA A 348 -26.53 -17.82 -20.32
C ALA A 348 -27.74 -17.61 -19.39
N LEU A 349 -27.72 -16.51 -18.64
CA LEU A 349 -28.80 -16.24 -17.70
C LEU A 349 -30.16 -16.13 -18.41
N GLN A 350 -30.16 -15.57 -19.63
CA GLN A 350 -31.39 -15.47 -20.42
C GLN A 350 -31.90 -16.86 -20.79
N LYS A 351 -31.02 -17.67 -21.38
CA LYS A 351 -31.37 -19.04 -21.78
C LYS A 351 -31.89 -19.88 -20.61
N LEU A 352 -31.28 -19.71 -19.44
CA LEU A 352 -31.72 -20.41 -18.24
C LEU A 352 -32.99 -19.83 -17.63
N GLY A 353 -33.49 -18.72 -18.18
CA GLY A 353 -34.66 -18.03 -17.62
C GLY A 353 -34.39 -17.37 -16.27
N LEU A 354 -33.11 -17.12 -15.96
CA LEU A 354 -32.75 -16.56 -14.66
C LEU A 354 -32.46 -15.06 -14.71
N LEU A 355 -32.32 -14.48 -15.91
CA LEU A 355 -32.13 -13.05 -16.06
C LEU A 355 -33.31 -12.26 -15.49
N ASP A 356 -34.53 -12.78 -15.68
CA ASP A 356 -35.74 -12.17 -15.11
C ASP A 356 -35.81 -12.24 -13.58
N CYS A 357 -34.97 -13.05 -12.95
CA CYS A 357 -34.85 -13.08 -11.49
C CYS A 357 -33.88 -12.03 -10.92
N VAL A 358 -33.20 -11.28 -11.79
CA VAL A 358 -32.18 -10.33 -11.35
C VAL A 358 -32.76 -8.93 -11.15
N THR A 359 -32.53 -8.35 -9.98
CA THR A 359 -32.99 -6.99 -9.68
C THR A 359 -31.95 -5.93 -10.06
N TYR A 360 -30.70 -6.17 -9.70
CA TYR A 360 -29.62 -5.19 -9.90
C TYR A 360 -28.52 -5.71 -10.81
N PHE A 361 -27.94 -4.80 -11.58
CA PHE A 361 -26.89 -5.14 -12.55
C PHE A 361 -25.82 -4.04 -12.50
N SER A 362 -24.71 -4.35 -11.81
CA SER A 362 -23.60 -3.39 -11.65
C SER A 362 -22.38 -3.73 -12.50
N GLY A 363 -21.67 -2.69 -12.92
CA GLY A 363 -20.46 -2.84 -13.72
C GLY A 363 -19.52 -1.64 -13.68
N ILE A 364 -18.28 -1.88 -14.07
CA ILE A 364 -17.25 -0.86 -14.21
C ILE A 364 -16.50 -1.10 -15.51
N SER A 365 -15.79 -0.09 -15.98
CA SER A 365 -14.86 -0.27 -17.09
C SER A 365 -15.54 -0.80 -18.34
N GLY A 366 -14.87 -1.73 -19.00
CA GLY A 366 -15.37 -2.34 -20.21
C GLY A 366 -16.74 -2.99 -20.10
N SER A 367 -17.11 -3.45 -18.90
CA SER A 367 -18.45 -3.99 -18.66
C SER A 367 -19.55 -2.99 -18.94
N THR A 368 -19.27 -1.70 -18.72
CA THR A 368 -20.26 -0.65 -18.97
C THR A 368 -20.61 -0.49 -20.44
N TRP A 369 -19.71 -0.92 -21.32
CA TRP A 369 -19.97 -0.85 -22.76
C TRP A 369 -21.09 -1.80 -23.14
N THR A 370 -21.07 -3.00 -22.55
CA THR A 370 -22.13 -3.98 -22.74
C THR A 370 -23.45 -3.41 -22.21
N MET A 371 -23.40 -2.89 -20.99
CA MET A 371 -24.57 -2.35 -20.32
C MET A 371 -25.17 -1.20 -21.12
N ALA A 372 -24.33 -0.26 -21.54
CA ALA A 372 -24.79 0.92 -22.27
C ALA A 372 -25.46 0.53 -23.58
N HIS A 373 -24.84 -0.36 -24.33
CA HIS A 373 -25.41 -0.80 -25.59
C HIS A 373 -26.78 -1.45 -25.39
N LEU A 374 -26.87 -2.36 -24.43
CA LEU A 374 -28.10 -3.09 -24.18
C LEU A 374 -29.22 -2.19 -23.70
N TYR A 375 -28.93 -1.33 -22.73
CA TYR A 375 -29.96 -0.46 -22.15
C TYR A 375 -30.41 0.67 -23.10
N GLY A 376 -29.77 0.79 -24.25
CA GLY A 376 -30.31 1.60 -25.35
C GLY A 376 -31.60 1.01 -25.93
N ASP A 377 -31.78 -0.31 -25.81
CA ASP A 377 -33.02 -0.98 -26.17
C ASP A 377 -33.85 -1.20 -24.90
N PRO A 378 -35.01 -0.52 -24.78
CA PRO A 378 -35.86 -0.66 -23.58
C PRO A 378 -36.37 -2.08 -23.29
N GLU A 379 -36.25 -2.99 -24.25
CA GLU A 379 -36.73 -4.37 -24.15
C GLU A 379 -35.63 -5.41 -24.20
N TRP A 380 -34.37 -5.01 -23.96
CA TRP A 380 -33.24 -5.87 -24.27
C TRP A 380 -33.26 -7.26 -23.63
N SER A 381 -33.63 -7.38 -22.35
CA SER A 381 -33.61 -8.69 -21.68
C SER A 381 -34.78 -9.56 -22.11
N GLN A 382 -35.80 -8.94 -22.71
CA GLN A 382 -36.94 -9.65 -23.27
C GLN A 382 -36.76 -10.04 -24.74
N ARG A 383 -35.59 -9.72 -25.31
CA ARG A 383 -35.32 -10.05 -26.71
C ARG A 383 -34.05 -10.87 -26.82
N ASP A 384 -33.95 -11.62 -27.92
CA ASP A 384 -32.83 -12.52 -28.15
C ASP A 384 -31.53 -11.72 -28.10
N LEU A 385 -30.64 -12.11 -27.19
CA LEU A 385 -29.36 -11.42 -27.03
C LEU A 385 -28.43 -11.62 -28.22
N GLU A 386 -28.69 -12.64 -29.04
CA GLU A 386 -27.82 -12.93 -30.19
C GLU A 386 -27.71 -11.75 -31.18
N GLY A 387 -28.71 -10.88 -31.22
CA GLY A 387 -28.66 -9.68 -32.06
C GLY A 387 -27.57 -8.71 -31.62
N PRO A 388 -27.66 -8.19 -30.38
CA PRO A 388 -26.61 -7.36 -29.79
C PRO A 388 -25.22 -8.03 -29.79
N ILE A 389 -25.18 -9.34 -29.61
CA ILE A 389 -23.92 -10.10 -29.65
C ILE A 389 -23.27 -9.92 -31.02
N ARG A 390 -24.06 -10.12 -32.06
CA ARG A 390 -23.57 -10.02 -33.43
C ARG A 390 -23.04 -8.62 -33.72
N TYR A 391 -23.83 -7.63 -33.33
CA TYR A 391 -23.47 -6.22 -33.47
C TYR A 391 -22.09 -5.96 -32.85
N ALA A 392 -21.91 -6.40 -31.61
CA ALA A 392 -20.65 -6.22 -30.90
C ALA A 392 -19.49 -6.96 -31.58
N ARG A 393 -19.76 -8.19 -32.01
CA ARG A 393 -18.75 -9.01 -32.68
C ARG A 393 -18.24 -8.33 -33.94
N GLU A 394 -19.17 -7.81 -34.74
CA GLU A 394 -18.82 -7.21 -36.02
C GLU A 394 -17.99 -5.94 -35.84
N HIS A 395 -18.38 -5.10 -34.88
CA HIS A 395 -17.64 -3.88 -34.59
C HIS A 395 -16.29 -4.16 -33.98
N LEU A 396 -16.20 -5.21 -33.18
CA LEU A 396 -14.92 -5.58 -32.57
C LEU A 396 -13.98 -6.21 -33.62
N ALA A 397 -14.55 -6.75 -34.69
CA ALA A 397 -13.77 -7.39 -35.76
C ALA A 397 -13.20 -6.42 -36.79
N LYS A 398 -13.92 -5.32 -37.05
CA LYS A 398 -13.50 -4.38 -38.09
C LYS A 398 -12.15 -3.74 -37.77
N SER A 399 -11.46 -3.32 -38.83
CA SER A 399 -10.13 -2.73 -38.69
C SER A 399 -10.21 -1.38 -38.00
N LYS A 400 -9.42 -1.20 -36.94
CA LYS A 400 -9.40 0.05 -36.19
C LYS A 400 -8.40 1.08 -36.74
N LEU A 401 -7.72 0.73 -37.85
CA LEU A 401 -6.75 1.63 -38.52
C LEU A 401 -7.28 3.00 -38.99
N GLU A 402 -8.55 3.08 -39.38
CA GLU A 402 -9.11 4.33 -39.92
C GLU A 402 -9.37 5.41 -38.85
N VAL A 403 -9.48 5.00 -37.59
CA VAL A 403 -9.71 5.97 -36.51
C VAL A 403 -8.48 6.85 -36.32
N PHE A 404 -7.31 6.31 -36.59
CA PHE A 404 -6.06 7.03 -36.36
C PHE A 404 -5.80 8.10 -37.44
N SER A 405 -6.59 8.12 -38.52
CA SER A 405 -6.25 8.90 -39.70
C SER A 405 -6.30 10.41 -39.45
N PRO A 406 -5.50 11.19 -40.20
CA PRO A 406 -5.57 12.66 -40.09
C PRO A 406 -6.97 13.23 -40.38
N GLU A 407 -7.66 12.67 -41.37
CA GLU A 407 -9.05 13.08 -41.64
C GLU A 407 -9.94 12.86 -40.42
N ARG A 408 -9.76 11.71 -39.76
CA ARG A 408 -10.51 11.39 -38.54
C ARG A 408 -10.20 12.37 -37.41
N LEU A 409 -8.90 12.60 -37.19
CA LEU A 409 -8.42 13.53 -36.15
C LEU A 409 -9.08 14.87 -36.31
N ALA A 410 -9.07 15.36 -37.55
CA ALA A 410 -9.66 16.66 -37.88
C ALA A 410 -11.15 16.74 -37.53
N SER A 411 -11.90 15.70 -37.85
CA SER A 411 -13.33 15.65 -37.48
C SER A 411 -13.55 15.69 -35.96
N TYR A 412 -12.71 15.00 -35.22
CA TYR A 412 -12.80 15.01 -33.76
C TYR A 412 -12.59 16.41 -33.23
N ARG A 413 -11.54 17.09 -33.73
CA ARG A 413 -11.23 18.46 -33.33
C ARG A 413 -12.42 19.37 -33.59
N ARG A 414 -13.03 19.23 -34.76
CA ARG A 414 -14.23 19.99 -35.10
C ARG A 414 -15.36 19.81 -34.06
N GLU A 415 -15.69 18.56 -33.73
CA GLU A 415 -16.72 18.30 -32.72
C GLU A 415 -16.33 18.84 -31.35
N LEU A 416 -15.06 18.66 -30.97
CA LEU A 416 -14.58 19.13 -29.67
C LEU A 416 -14.63 20.66 -29.57
N GLU A 417 -14.40 21.35 -30.67
CA GLU A 417 -14.56 22.81 -30.71
C GLU A 417 -16.01 23.23 -30.45
N LEU A 418 -16.97 22.56 -31.09
CA LEU A 418 -18.38 22.85 -30.84
C LEU A 418 -18.75 22.59 -29.38
N ARG A 419 -18.38 21.41 -28.90
CA ARG A 419 -18.66 21.02 -27.52
C ARG A 419 -18.17 22.05 -26.52
N ALA A 420 -16.95 22.55 -26.76
CA ALA A 420 -16.36 23.58 -25.90
C ALA A 420 -17.24 24.82 -25.88
N GLU A 421 -17.68 25.27 -27.05
CA GLU A 421 -18.58 26.43 -27.15
C GLU A 421 -19.91 26.17 -26.44
N GLN A 422 -20.38 24.93 -26.47
CA GLN A 422 -21.59 24.54 -25.73
C GLN A 422 -21.38 24.46 -24.20
N GLY A 423 -20.13 24.48 -23.74
CA GLY A 423 -19.83 24.51 -22.31
C GLY A 423 -19.39 23.18 -21.72
N HIS A 424 -19.24 22.17 -22.57
CA HIS A 424 -18.68 20.89 -22.14
C HIS A 424 -17.17 21.02 -21.95
N PRO A 425 -16.59 20.22 -21.04
CA PRO A 425 -15.13 20.19 -20.95
C PRO A 425 -14.57 19.44 -22.15
N THR A 426 -13.31 19.69 -22.48
CA THR A 426 -12.65 19.09 -23.63
C THR A 426 -11.21 18.76 -23.29
N THR A 427 -10.99 17.52 -22.90
CA THR A 427 -9.71 16.99 -22.42
C THR A 427 -9.43 15.72 -23.21
N PHE A 428 -8.31 15.05 -22.90
CA PHE A 428 -7.99 13.77 -23.52
C PHE A 428 -9.12 12.75 -23.36
N VAL A 429 -9.79 12.78 -22.20
CA VAL A 429 -10.93 11.89 -21.95
C VAL A 429 -12.04 12.05 -22.98
N ASP A 430 -12.27 13.29 -23.38
CA ASP A 430 -13.30 13.60 -24.37
C ASP A 430 -12.92 13.10 -25.77
N LEU A 431 -11.63 13.08 -26.08
CA LEU A 431 -11.15 12.44 -27.31
C LEU A 431 -11.40 10.93 -27.27
N TRP A 432 -11.12 10.32 -26.12
CA TRP A 432 -11.37 8.89 -25.93
C TRP A 432 -12.85 8.59 -26.15
N ALA A 433 -13.72 9.47 -25.68
CA ALA A 433 -15.16 9.30 -25.88
C ALA A 433 -15.51 9.13 -27.36
N LEU A 434 -14.94 10.00 -28.20
CA LEU A 434 -15.28 10.01 -29.64
C LEU A 434 -14.67 8.81 -30.36
N VAL A 435 -13.43 8.47 -30.02
CA VAL A 435 -12.78 7.32 -30.65
C VAL A 435 -13.43 6.01 -30.19
N LEU A 436 -13.74 5.88 -28.90
CA LEU A 436 -14.45 4.71 -28.38
C LEU A 436 -15.79 4.57 -29.08
N GLU A 437 -16.53 5.68 -29.20
CA GLU A 437 -17.82 5.67 -29.88
C GLU A 437 -17.68 5.14 -31.30
N SER A 438 -16.66 5.60 -32.00
CA SER A 438 -16.36 5.13 -33.35
C SER A 438 -16.03 3.64 -33.41
N MET A 439 -15.32 3.13 -32.42
CA MET A 439 -14.95 1.71 -32.41
C MET A 439 -16.14 0.80 -32.11
N LEU A 440 -16.98 1.22 -31.17
CA LEU A 440 -18.15 0.43 -30.75
C LEU A 440 -19.31 0.50 -31.74
N HIS A 441 -19.51 1.67 -32.33
CA HIS A 441 -20.59 1.91 -33.26
C HIS A 441 -19.87 2.54 -34.44
N GLY A 442 -20.47 2.59 -35.61
CA GLY A 442 -19.79 3.20 -36.75
C GLY A 442 -19.99 4.70 -36.82
N GLN A 443 -20.55 5.29 -35.77
CA GLN A 443 -21.21 6.57 -35.90
C GLN A 443 -21.53 7.21 -34.56
N VAL A 444 -22.03 8.44 -34.63
CA VAL A 444 -22.58 9.13 -33.47
C VAL A 444 -23.77 8.33 -32.94
N MET A 445 -23.74 8.01 -31.65
CA MET A 445 -24.77 7.19 -31.03
C MET A 445 -25.54 8.05 -30.05
N ASP A 446 -26.66 8.60 -30.49
CA ASP A 446 -27.37 9.63 -29.74
C ASP A 446 -28.31 9.04 -28.69
N GLN A 447 -27.72 8.38 -27.69
CA GLN A 447 -28.45 7.85 -26.55
C GLN A 447 -27.85 8.42 -25.29
N LYS A 448 -28.67 8.60 -24.26
CA LYS A 448 -28.24 9.21 -23.00
C LYS A 448 -28.65 8.35 -21.83
N LEU A 449 -27.90 8.46 -20.73
CA LEU A 449 -28.17 7.69 -19.53
C LEU A 449 -29.61 7.88 -19.03
N SER A 450 -30.11 9.11 -19.08
CA SER A 450 -31.49 9.39 -18.64
C SER A 450 -32.53 8.64 -19.48
N GLY A 451 -32.23 8.41 -20.75
CA GLY A 451 -33.09 7.63 -21.64
C GLY A 451 -33.24 6.16 -21.25
N GLN A 452 -32.32 5.66 -20.43
CA GLN A 452 -32.37 4.27 -19.93
C GLN A 452 -33.52 4.04 -18.95
N ARG A 453 -34.11 5.11 -18.43
CA ARG A 453 -35.31 4.99 -17.59
C ARG A 453 -36.46 4.26 -18.32
N ALA A 454 -36.53 4.39 -19.64
CA ALA A 454 -37.53 3.68 -20.44
C ALA A 454 -37.38 2.15 -20.33
N ALA A 455 -36.14 1.68 -20.20
CA ALA A 455 -35.87 0.25 -20.00
C ALA A 455 -36.35 -0.28 -18.65
N LEU A 456 -36.77 0.61 -17.76
CA LEU A 456 -37.18 0.25 -16.40
C LEU A 456 -38.64 0.57 -16.07
N GLU A 457 -39.37 1.10 -17.07
CA GLU A 457 -40.71 1.62 -16.83
C GLU A 457 -41.71 0.56 -16.37
N ARG A 458 -41.55 -0.67 -16.89
CA ARG A 458 -42.42 -1.79 -16.51
C ARG A 458 -41.68 -2.84 -15.66
N GLY A 459 -40.53 -2.46 -15.11
CA GLY A 459 -39.67 -3.39 -14.39
C GLY A 459 -39.16 -4.52 -15.26
N GLN A 460 -39.02 -4.27 -16.55
CA GLN A 460 -38.74 -5.33 -17.54
C GLN A 460 -37.25 -5.64 -17.72
N ASN A 461 -36.40 -4.86 -17.05
CA ASN A 461 -34.96 -5.14 -17.00
C ASN A 461 -34.46 -4.86 -15.59
N PRO A 462 -33.27 -5.39 -15.23
CA PRO A 462 -32.68 -5.01 -13.95
C PRO A 462 -32.24 -3.54 -13.95
N LEU A 463 -32.11 -2.95 -12.76
CA LEU A 463 -31.57 -1.60 -12.64
C LEU A 463 -30.06 -1.64 -12.89
N PRO A 464 -29.57 -0.90 -13.91
CA PRO A 464 -28.14 -0.85 -14.19
C PRO A 464 -27.40 0.17 -13.34
N LEU A 465 -26.26 -0.25 -12.79
CA LEU A 465 -25.47 0.58 -11.91
C LEU A 465 -24.03 0.65 -12.43
N TYR A 466 -23.62 1.84 -12.84
CA TYR A 466 -22.30 2.04 -13.40
C TYR A 466 -21.48 2.80 -12.39
N LEU A 467 -20.21 2.43 -12.22
CA LEU A 467 -19.32 3.11 -11.28
C LEU A 467 -18.04 3.64 -11.92
N SER A 468 -17.60 4.79 -11.42
CA SER A 468 -16.26 5.31 -11.64
C SER A 468 -15.71 5.66 -10.28
N LEU A 469 -14.39 5.84 -10.23
CA LEU A 469 -13.73 6.35 -9.05
C LEU A 469 -13.44 7.82 -9.30
N ASN A 470 -13.73 8.66 -8.32
CA ASN A 470 -13.24 10.03 -8.30
C ASN A 470 -11.88 10.03 -7.65
N VAL A 471 -10.93 10.66 -8.32
CA VAL A 471 -9.56 10.65 -7.92
C VAL A 471 -9.16 12.11 -7.69
N LYS A 472 -8.24 12.34 -6.78
CA LYS A 472 -7.90 13.67 -6.34
C LYS A 472 -6.39 13.81 -6.30
N GLU A 473 -5.94 15.04 -6.47
CA GLU A 473 -4.52 15.39 -6.45
C GLU A 473 -3.74 14.68 -5.33
N ASN A 474 -4.33 14.62 -4.15
CA ASN A 474 -3.72 13.95 -3.00
C ASN A 474 -3.86 12.41 -2.91
N ASN A 475 -4.66 11.77 -3.78
CA ASN A 475 -4.80 10.30 -3.73
C ASN A 475 -4.61 9.52 -5.04
N LEU A 476 -4.33 10.21 -6.15
CA LEU A 476 -4.13 9.51 -7.43
C LEU A 476 -2.90 8.63 -7.34
N GLU A 477 -1.86 9.12 -6.67
CA GLU A 477 -0.60 8.43 -6.48
C GLU A 477 -0.37 7.98 -5.02
N THR A 478 -1.46 7.60 -4.36
CA THR A 478 -1.39 7.06 -3.00
C THR A 478 -2.36 5.89 -2.87
N LEU A 479 -2.24 5.21 -1.74
CA LEU A 479 -3.15 4.16 -1.33
C LEU A 479 -4.25 4.72 -0.45
N ASP A 480 -4.29 6.03 -0.26
CA ASP A 480 -5.44 6.68 0.38
C ASP A 480 -6.71 6.36 -0.40
N PHE A 481 -7.85 6.51 0.27
CA PHE A 481 -9.12 6.13 -0.32
C PHE A 481 -9.42 7.03 -1.53
N LYS A 482 -10.06 6.43 -2.53
CA LYS A 482 -10.61 7.15 -3.67
C LYS A 482 -12.10 7.05 -3.45
N GLU A 483 -12.90 7.72 -4.26
CA GLU A 483 -14.30 7.84 -3.91
C GLU A 483 -15.16 7.24 -5.00
N TRP A 484 -16.07 6.38 -4.59
CA TRP A 484 -16.94 5.70 -5.53
C TRP A 484 -18.07 6.59 -5.96
N VAL A 485 -18.21 6.75 -7.27
CA VAL A 485 -19.32 7.50 -7.84
C VAL A 485 -20.20 6.55 -8.65
N GLU A 486 -21.46 6.43 -8.22
CA GLU A 486 -22.43 5.51 -8.80
C GLU A 486 -23.33 6.23 -9.77
N PHE A 487 -23.57 5.62 -10.93
CA PHE A 487 -24.49 6.13 -11.93
C PHE A 487 -25.62 5.15 -12.16
N SER A 488 -26.85 5.65 -12.19
CA SER A 488 -27.99 4.88 -12.65
C SER A 488 -28.90 5.78 -13.49
N PRO A 489 -29.89 5.18 -14.17
CA PRO A 489 -30.84 6.00 -14.93
C PRO A 489 -31.66 6.95 -14.07
N TYR A 490 -31.77 6.67 -12.76
CA TYR A 490 -32.50 7.54 -11.82
C TYR A 490 -31.62 8.58 -11.11
N GLU A 491 -30.40 8.21 -10.73
CA GLU A 491 -29.52 9.17 -10.06
C GLU A 491 -28.04 8.83 -10.09
N VAL A 492 -27.23 9.87 -9.96
CA VAL A 492 -25.77 9.80 -9.98
C VAL A 492 -25.25 10.47 -8.72
N GLY A 493 -24.34 9.81 -8.00
CA GLY A 493 -23.81 10.39 -6.78
C GLY A 493 -22.72 9.64 -6.06
N PHE A 494 -22.28 10.21 -4.95
CA PHE A 494 -21.23 9.64 -4.12
C PHE A 494 -21.87 8.77 -3.06
N LEU A 495 -21.50 7.49 -3.02
CA LEU A 495 -21.96 6.60 -1.96
C LEU A 495 -21.54 7.07 -0.59
N LYS A 496 -20.28 7.51 -0.49
CA LYS A 496 -19.73 7.90 0.78
C LYS A 496 -20.48 9.10 1.39
N TYR A 497 -20.91 10.04 0.55
CA TYR A 497 -21.48 11.29 1.04
C TYR A 497 -23.00 11.32 1.02
N GLY A 498 -23.63 10.29 0.46
CA GLY A 498 -25.08 10.21 0.41
C GLY A 498 -25.65 11.39 -0.31
N ALA A 499 -25.09 11.70 -1.49
CA ALA A 499 -25.44 12.91 -2.22
C ALA A 499 -25.57 12.61 -3.70
N PHE A 500 -26.75 12.89 -4.27
CA PHE A 500 -27.08 12.43 -5.62
C PHE A 500 -27.82 13.46 -6.44
N VAL A 501 -27.67 13.39 -7.76
CA VAL A 501 -28.43 14.20 -8.71
C VAL A 501 -28.99 13.31 -9.82
N PRO A 502 -30.08 13.74 -10.48
CA PRO A 502 -30.53 13.01 -11.66
C PRO A 502 -29.45 13.00 -12.74
N PRO A 503 -29.36 11.92 -13.53
CA PRO A 503 -28.29 11.84 -14.51
C PRO A 503 -28.29 12.99 -15.51
N GLU A 504 -29.46 13.53 -15.83
CA GLU A 504 -29.55 14.69 -16.74
C GLU A 504 -28.76 15.89 -16.21
N LEU A 505 -28.63 15.99 -14.90
CA LEU A 505 -27.96 17.13 -14.29
C LEU A 505 -26.48 16.87 -14.01
N PHE A 506 -26.00 15.64 -14.23
CA PHE A 506 -24.59 15.34 -14.03
C PHE A 506 -23.76 16.04 -15.11
N GLY A 507 -22.78 16.84 -14.68
CA GLY A 507 -22.01 17.67 -15.59
C GLY A 507 -22.44 19.13 -15.56
N SER A 508 -23.54 19.42 -14.86
CA SER A 508 -23.98 20.80 -14.68
C SER A 508 -23.21 21.41 -13.51
N GLU A 509 -23.30 22.73 -13.38
CA GLU A 509 -22.58 23.46 -12.36
C GLU A 509 -23.47 23.71 -11.16
N PHE A 510 -22.92 23.46 -9.99
CA PHE A 510 -23.67 23.53 -8.75
C PHE A 510 -22.92 24.36 -7.74
N PHE A 511 -23.66 24.85 -6.75
CA PHE A 511 -23.06 25.46 -5.59
C PHE A 511 -23.93 25.21 -4.36
N MET A 512 -23.33 24.62 -3.32
CA MET A 512 -24.03 24.30 -2.09
C MET A 512 -25.35 23.57 -2.33
N GLY A 513 -25.32 22.62 -3.26
CA GLY A 513 -26.49 21.80 -3.55
C GLY A 513 -27.49 22.39 -4.54
N ARG A 514 -27.32 23.66 -4.91
CA ARG A 514 -28.20 24.30 -5.90
C ARG A 514 -27.62 24.24 -7.29
N LEU A 515 -28.49 24.07 -8.27
CA LEU A 515 -28.11 24.12 -9.68
C LEU A 515 -27.83 25.56 -10.04
N MET A 516 -26.61 25.84 -10.48
CA MET A 516 -26.20 27.18 -10.86
C MET A 516 -26.26 27.39 -12.37
N ARG A 517 -25.83 26.39 -13.13
CA ARG A 517 -25.89 26.46 -14.59
C ARG A 517 -26.10 25.09 -15.19
N ARG A 518 -27.23 24.94 -15.88
CA ARG A 518 -27.60 23.70 -16.52
C ARG A 518 -26.83 23.51 -17.81
N ILE A 519 -26.10 22.40 -17.89
CA ILE A 519 -25.39 22.00 -19.11
C ILE A 519 -26.15 20.82 -19.71
N PRO A 520 -26.32 20.80 -21.04
CA PRO A 520 -27.06 19.68 -21.63
C PRO A 520 -26.44 18.31 -21.31
N GLU A 521 -27.27 17.33 -21.01
CA GLU A 521 -26.80 15.96 -20.76
C GLU A 521 -26.02 15.46 -21.96
N PRO A 522 -24.82 14.91 -21.73
CA PRO A 522 -24.05 14.42 -22.86
C PRO A 522 -24.53 13.08 -23.41
N ARG A 523 -24.08 12.80 -24.63
CA ARG A 523 -24.16 11.49 -25.26
C ARG A 523 -23.50 10.45 -24.36
N ILE A 524 -24.01 9.22 -24.37
CA ILE A 524 -23.53 8.19 -23.43
C ILE A 524 -22.04 7.84 -23.59
N CYS A 525 -21.48 8.00 -24.79
CA CYS A 525 -20.06 7.72 -25.00
C CYS A 525 -19.15 8.55 -24.06
N PHE A 526 -19.63 9.72 -23.64
CA PHE A 526 -18.87 10.57 -22.73
C PHE A 526 -18.86 10.01 -21.30
N LEU A 527 -19.93 9.32 -20.91
CA LEU A 527 -19.91 8.58 -19.64
C LEU A 527 -19.11 7.30 -19.77
N GLU A 528 -19.27 6.59 -20.88
CA GLU A 528 -18.47 5.40 -21.13
C GLU A 528 -16.98 5.71 -21.06
N ALA A 529 -16.58 6.90 -21.54
CA ALA A 529 -15.18 7.32 -21.52
C ALA A 529 -14.62 7.44 -20.11
N ILE A 530 -15.39 8.02 -19.18
CA ILE A 530 -14.92 8.07 -17.79
C ILE A 530 -14.94 6.68 -17.11
N TRP A 531 -16.01 5.93 -17.36
CA TRP A 531 -16.14 4.59 -16.76
C TRP A 531 -15.01 3.66 -17.20
N SER A 532 -14.52 3.88 -18.42
CA SER A 532 -13.43 3.07 -18.97
C SER A 532 -12.19 3.91 -19.29
N ASN A 533 -12.01 5.00 -18.55
CA ASN A 533 -10.93 5.96 -18.80
C ASN A 533 -9.56 5.29 -18.97
N ILE A 534 -9.11 5.22 -20.22
CA ILE A 534 -7.81 4.62 -20.55
C ILE A 534 -6.62 5.41 -20.00
N PHE A 535 -6.85 6.67 -19.64
CA PHE A 535 -5.82 7.52 -19.05
C PHE A 535 -5.80 7.44 -17.53
N SER A 536 -6.50 6.47 -16.95
CA SER A 536 -6.62 6.37 -15.48
C SER A 536 -5.30 6.33 -14.69
N LEU A 537 -4.27 5.67 -15.22
CA LEU A 537 -2.93 5.72 -14.59
C LEU A 537 -2.05 6.83 -15.17
N ASN A 538 -2.68 7.76 -15.88
CA ASN A 538 -2.01 8.94 -16.40
C ASN A 538 -0.94 8.56 -17.42
N LEU A 539 -1.20 7.52 -18.20
CA LEU A 539 -0.32 7.06 -19.26
C LEU A 539 -0.94 7.46 -20.58
N LEU A 540 -0.07 7.76 -21.54
CA LEU A 540 -0.50 8.20 -22.85
C LEU A 540 0.21 7.41 -23.94
N ASP A 541 1.54 7.52 -24.03
CA ASP A 541 2.26 6.93 -25.17
C ASP A 541 2.20 5.40 -25.23
N ALA A 542 1.98 4.76 -24.08
CA ALA A 542 1.67 3.33 -24.09
C ALA A 542 0.37 3.07 -24.86
N TRP A 543 -0.52 4.06 -24.91
CA TRP A 543 -1.80 3.88 -25.58
C TRP A 543 -1.77 3.90 -27.10
N TYR A 544 -0.72 4.46 -27.69
CA TYR A 544 -0.60 4.36 -29.15
C TYR A 544 -0.45 2.89 -29.52
N ASP A 545 -1.43 2.39 -30.27
CA ASP A 545 -1.43 1.00 -30.76
C ASP A 545 -2.03 0.95 -32.16
N SER A 581 -6.85 26.27 -28.55
CA SER A 581 -7.41 27.52 -28.07
C SER A 581 -8.74 27.29 -27.35
N TRP A 582 -9.74 26.78 -28.08
CA TRP A 582 -11.05 26.47 -27.49
C TRP A 582 -10.98 25.41 -26.39
N LEU A 583 -9.94 24.58 -26.41
CA LEU A 583 -9.90 23.38 -25.57
C LEU A 583 -9.57 23.68 -24.10
N GLN A 584 -10.47 23.28 -23.20
CA GLN A 584 -10.27 23.46 -21.75
C GLN A 584 -11.14 22.46 -20.95
N PRO A 585 -10.81 22.21 -19.66
CA PRO A 585 -9.70 22.75 -18.87
C PRO A 585 -8.34 22.17 -19.27
N GLY A 586 -7.28 22.90 -19.00
CA GLY A 586 -5.93 22.42 -19.27
C GLY A 586 -5.51 22.60 -20.71
N THR A 587 -4.27 22.23 -21.00
CA THR A 587 -3.63 22.43 -22.28
C THR A 587 -3.01 21.19 -22.95
N ALA A 588 -3.01 20.05 -22.27
CA ALA A 588 -2.31 18.88 -22.80
C ALA A 588 -2.92 18.40 -24.13
N LEU A 589 -4.24 18.45 -24.22
CA LEU A 589 -4.96 18.02 -25.43
C LEU A 589 -4.57 18.91 -26.61
N ALA A 590 -4.62 20.23 -26.39
CA ALA A 590 -4.26 21.20 -27.42
C ALA A 590 -2.79 21.08 -27.79
N GLN A 591 -1.93 20.92 -26.79
CA GLN A 591 -0.49 20.80 -27.03
C GLN A 591 -0.17 19.61 -27.93
N ALA A 592 -0.88 18.50 -27.73
CA ALA A 592 -0.64 17.30 -28.53
C ALA A 592 -1.20 17.43 -29.94
N PHE A 593 -2.23 18.26 -30.14
CA PHE A 593 -2.69 18.53 -31.52
C PHE A 593 -1.69 19.36 -32.32
N LYS A 594 -0.98 20.25 -31.63
CA LYS A 594 0.01 21.13 -32.26
C LYS A 594 1.30 20.40 -32.67
N GLY A 595 1.67 19.32 -31.97
CA GLY A 595 2.91 18.62 -32.32
C GLY A 595 3.42 17.65 -31.29
N PHE A 596 3.70 18.17 -30.11
CA PHE A 596 4.45 17.45 -29.07
C PHE A 596 3.57 17.06 -27.90
N LEU A 597 3.24 15.77 -27.85
CA LEU A 597 2.36 15.21 -26.83
C LEU A 597 3.13 14.78 -25.58
N THR A 598 3.87 15.74 -25.02
CA THR A 598 4.53 15.60 -23.73
C THR A 598 3.59 15.77 -22.51
N GLY A 599 2.32 16.14 -22.72
CA GLY A 599 1.41 16.45 -21.60
C GLY A 599 0.78 15.28 -20.85
N ARG A 600 0.47 15.52 -19.58
CA ARG A 600 -0.21 14.54 -18.72
C ARG A 600 -1.69 14.47 -19.13
N PRO A 601 -2.24 13.27 -19.38
CA PRO A 601 -3.60 13.17 -19.90
C PRO A 601 -4.71 13.51 -18.88
N LEU A 602 -4.52 13.10 -17.63
CA LEU A 602 -5.51 13.37 -16.57
C LEU A 602 -5.55 14.83 -16.13
N HIS A 603 -6.77 15.36 -15.99
CA HIS A 603 -6.96 16.70 -15.48
C HIS A 603 -8.33 16.81 -14.82
N GLN A 604 -8.47 17.75 -13.90
CA GLN A 604 -9.79 18.09 -13.35
C GLN A 604 -10.72 18.40 -14.50
N ARG A 605 -11.93 17.87 -14.48
CA ARG A 605 -12.75 17.92 -15.67
C ARG A 605 -14.21 18.15 -15.36
N SER A 606 -14.93 17.13 -14.91
CA SER A 606 -16.38 17.26 -14.73
C SER A 606 -16.66 18.21 -13.58
N PRO A 607 -17.59 19.16 -13.79
CA PRO A 607 -18.01 19.99 -12.67
C PRO A 607 -18.53 19.13 -11.51
N ASN A 608 -18.15 19.49 -10.30
CA ASN A 608 -18.53 18.72 -9.12
C ASN A 608 -19.89 19.17 -8.60
N PHE A 609 -20.89 18.30 -8.70
CA PHE A 609 -22.22 18.62 -8.17
C PHE A 609 -22.24 18.78 -6.64
N LEU A 610 -21.18 18.34 -5.96
CA LEU A 610 -21.05 18.60 -4.53
C LEU A 610 -20.39 19.94 -4.17
N GLN A 611 -20.01 20.72 -5.17
CA GLN A 611 -19.21 21.93 -4.93
C GLN A 611 -19.75 22.79 -3.80
N GLY A 612 -18.89 23.14 -2.87
CA GLY A 612 -19.24 24.06 -1.79
C GLY A 612 -19.80 23.40 -0.55
N LEU A 613 -20.34 22.19 -0.69
CA LEU A 613 -20.91 21.47 0.46
C LEU A 613 -19.83 21.15 1.48
N GLN A 614 -20.21 21.10 2.76
CA GLN A 614 -19.26 20.97 3.85
C GLN A 614 -19.46 19.68 4.63
N LEU A 615 -18.40 19.22 5.28
CA LEU A 615 -18.45 17.96 6.04
C LEU A 615 -19.05 18.19 7.41
N HIS A 616 -19.91 17.25 7.81
CA HIS A 616 -20.59 17.32 9.10
C HIS A 616 -19.57 17.15 10.20
N GLN A 617 -19.87 17.70 11.37
CA GLN A 617 -19.04 17.55 12.56
C GLN A 617 -18.69 16.08 12.87
N ASP A 618 -19.64 15.17 12.62
CA ASP A 618 -19.55 13.73 12.91
C ASP A 618 -18.91 12.91 11.80
N TYR A 619 -18.54 13.55 10.70
CA TYR A 619 -17.92 12.86 9.57
C TYR A 619 -16.78 11.94 10.00
N CYS A 620 -16.00 12.39 10.97
CA CYS A 620 -14.98 11.55 11.59
C CYS A 620 -14.53 12.20 12.88
N SER A 621 -13.56 11.57 13.55
CA SER A 621 -13.08 12.08 14.82
C SER A 621 -11.99 13.12 14.66
N HIS A 622 -11.85 13.99 15.66
CA HIS A 622 -10.75 14.97 15.70
C HIS A 622 -9.40 14.28 15.87
N LYS A 623 -9.43 13.08 16.47
CA LYS A 623 -8.24 12.26 16.71
C LYS A 623 -7.53 11.82 15.43
N ASP A 624 -8.29 11.60 14.36
CA ASP A 624 -7.78 10.99 13.11
C ASP A 624 -6.67 11.79 12.43
N PHE A 625 -6.73 13.12 12.56
CA PHE A 625 -5.72 13.98 11.95
C PHE A 625 -4.75 14.63 12.92
N SER A 626 -4.86 14.33 14.21
CA SER A 626 -3.92 14.85 15.18
C SER A 626 -2.87 13.78 15.44
N THR A 627 -1.69 14.21 15.86
CA THR A 627 -0.66 13.27 16.30
C THR A 627 -0.13 13.64 17.69
N TRP A 628 0.80 14.58 17.74
CA TRP A 628 1.46 14.92 18.99
C TRP A 628 0.66 15.89 19.88
N ALA A 629 -0.30 16.58 19.30
CA ALA A 629 -1.12 17.55 19.98
C ALA A 629 -2.61 17.40 19.62
N ASP A 630 -3.42 17.14 20.63
CA ASP A 630 -4.86 16.95 20.45
C ASP A 630 -5.46 18.22 19.86
N TYR A 631 -6.35 18.05 18.88
CA TYR A 631 -7.02 19.16 18.19
C TYR A 631 -6.14 20.00 17.26
N GLN A 632 -4.84 19.69 17.16
CA GLN A 632 -4.00 20.29 16.11
C GLN A 632 -3.85 19.31 14.97
N LEU A 633 -4.00 19.84 13.76
CA LEU A 633 -3.82 19.08 12.54
C LEU A 633 -2.48 19.50 11.96
N ASP A 634 -1.68 18.54 11.49
CA ASP A 634 -0.35 18.85 10.97
C ASP A 634 -0.39 19.52 9.60
N SER A 635 -1.45 19.22 8.84
CA SER A 635 -1.75 19.91 7.61
C SER A 635 -3.26 19.83 7.44
N MET A 636 -3.81 20.57 6.49
CA MET A 636 -5.24 20.56 6.25
C MET A 636 -5.60 19.36 5.38
N PRO A 637 -6.27 18.33 5.94
CA PRO A 637 -6.63 17.22 5.09
C PRO A 637 -7.66 17.65 4.05
N SER A 638 -7.46 17.21 2.81
CA SER A 638 -8.36 17.57 1.74
C SER A 638 -9.76 16.96 1.90
N GLN A 639 -9.89 15.91 2.71
CA GLN A 639 -11.21 15.33 2.94
C GLN A 639 -12.06 16.16 3.94
N LEU A 640 -11.45 17.15 4.59
CA LEU A 640 -12.17 18.11 5.43
C LEU A 640 -12.50 19.47 4.78
N THR A 641 -11.91 19.77 3.62
CA THR A 641 -12.22 21.03 2.92
C THR A 641 -13.61 20.96 2.32
N PRO A 642 -14.28 22.13 2.18
CA PRO A 642 -15.50 22.18 1.40
C PRO A 642 -15.26 21.53 0.04
N LYS A 643 -16.28 20.90 -0.52
CA LYS A 643 -16.06 20.16 -1.75
C LYS A 643 -15.70 21.07 -2.92
N GLU A 644 -14.75 20.57 -3.70
CA GLU A 644 -14.02 21.33 -4.71
C GLU A 644 -14.87 21.54 -5.96
N PRO A 645 -14.47 22.46 -6.85
CA PRO A 645 -15.28 22.75 -8.04
C PRO A 645 -15.36 21.63 -9.10
N ARG A 646 -14.37 20.74 -9.17
CA ARG A 646 -14.32 19.75 -10.24
C ARG A 646 -13.99 18.35 -9.75
N LEU A 647 -14.30 17.37 -10.59
CA LEU A 647 -13.99 15.96 -10.34
C LEU A 647 -12.94 15.48 -11.34
N CYS A 648 -12.32 14.34 -11.03
CA CYS A 648 -11.48 13.63 -11.98
C CYS A 648 -11.88 12.14 -11.95
N LEU A 649 -12.74 11.76 -12.88
CA LEU A 649 -13.36 10.44 -12.84
C LEU A 649 -12.58 9.44 -13.67
N VAL A 650 -12.29 8.29 -13.08
CA VAL A 650 -11.43 7.29 -13.72
C VAL A 650 -12.04 5.89 -13.62
N ASP A 651 -11.43 5.00 -14.41
CA ASP A 651 -11.82 3.62 -14.45
C ASP A 651 -11.32 2.88 -13.18
N ALA A 652 -12.28 2.33 -12.45
CA ALA A 652 -12.02 1.57 -11.24
C ALA A 652 -11.09 0.39 -11.46
N ALA A 653 -11.12 -0.18 -12.67
CA ALA A 653 -10.33 -1.36 -13.00
C ALA A 653 -8.82 -1.18 -12.89
N TYR A 654 -8.34 0.06 -12.87
CA TYR A 654 -6.90 0.31 -12.70
C TYR A 654 -6.49 0.33 -11.24
N PHE A 655 -7.44 0.32 -10.31
CA PHE A 655 -7.13 0.45 -8.88
C PHE A 655 -7.78 -0.65 -8.04
N ILE A 656 -9.10 -0.76 -8.12
CA ILE A 656 -9.88 -1.70 -7.32
C ILE A 656 -10.95 -2.25 -8.27
N ASN A 657 -10.69 -3.44 -8.80
CA ASN A 657 -11.42 -3.95 -9.96
C ASN A 657 -12.75 -4.62 -9.62
N THR A 658 -13.65 -3.88 -9.00
CA THR A 658 -14.94 -4.41 -8.60
C THR A 658 -16.04 -3.36 -8.76
N SER A 659 -17.25 -3.82 -9.07
CA SER A 659 -18.43 -2.97 -9.09
C SER A 659 -19.30 -3.21 -7.87
N SER A 660 -18.72 -3.87 -6.86
CA SER A 660 -19.47 -4.30 -5.68
C SER A 660 -20.03 -3.18 -4.78
N PRO A 661 -19.38 -2.01 -4.72
CA PRO A 661 -19.88 -0.97 -3.80
C PRO A 661 -21.35 -0.63 -4.01
N SER A 662 -21.81 -0.66 -5.26
CA SER A 662 -23.22 -0.45 -5.58
C SER A 662 -24.15 -1.53 -5.00
N MET A 663 -23.64 -2.74 -4.82
CA MET A 663 -24.40 -3.81 -4.15
C MET A 663 -24.55 -3.60 -2.65
N PHE A 664 -23.82 -2.65 -2.07
CA PHE A 664 -23.90 -2.41 -0.63
C PHE A 664 -24.30 -1.01 -0.24
N ARG A 665 -24.88 -0.26 -1.18
CA ARG A 665 -25.55 0.97 -0.83
C ARG A 665 -26.70 0.62 0.12
N PRO A 666 -26.87 1.39 1.21
CA PRO A 666 -27.96 1.13 2.14
C PRO A 666 -29.33 1.07 1.47
N GLY A 667 -30.16 0.10 1.87
CA GLY A 667 -31.49 -0.07 1.30
C GLY A 667 -31.59 -1.15 0.25
N ARG A 668 -30.47 -1.49 -0.40
CA ARG A 668 -30.51 -2.44 -1.51
C ARG A 668 -30.70 -3.89 -1.04
N ARG A 669 -30.12 -4.24 0.11
CA ARG A 669 -30.41 -5.50 0.81
C ARG A 669 -30.29 -6.72 -0.09
N LEU A 670 -29.11 -6.91 -0.67
CA LEU A 670 -28.91 -8.04 -1.55
C LEU A 670 -28.88 -9.36 -0.78
N ASP A 671 -29.58 -10.34 -1.33
CA ASP A 671 -29.64 -11.70 -0.76
C ASP A 671 -28.68 -12.62 -1.50
N LEU A 672 -28.62 -12.46 -2.82
CA LEU A 672 -27.69 -13.23 -3.65
C LEU A 672 -27.01 -12.33 -4.66
N ILE A 673 -25.69 -12.52 -4.81
CA ILE A 673 -24.94 -11.81 -5.83
C ILE A 673 -24.20 -12.80 -6.72
N LEU A 674 -24.45 -12.71 -8.02
CA LEU A 674 -23.66 -13.43 -9.01
C LEU A 674 -22.49 -12.54 -9.41
N SER A 675 -21.29 -12.93 -9.01
CA SER A 675 -20.08 -12.15 -9.22
C SER A 675 -19.33 -12.66 -10.44
N PHE A 676 -19.28 -11.85 -11.51
CA PHE A 676 -18.54 -12.19 -12.72
C PHE A 676 -17.20 -11.46 -12.75
N ASP A 677 -16.11 -12.22 -12.82
CA ASP A 677 -14.76 -11.65 -12.74
C ASP A 677 -14.01 -11.91 -14.03
N TYR A 678 -13.42 -10.85 -14.59
CA TYR A 678 -12.75 -10.91 -15.88
C TYR A 678 -11.24 -10.74 -15.79
N SER A 679 -10.67 -10.89 -14.61
CA SER A 679 -9.22 -10.84 -14.47
C SER A 679 -8.54 -12.03 -15.16
N LEU A 680 -7.40 -11.79 -15.80
CA LEU A 680 -6.61 -12.85 -16.42
C LEU A 680 -5.58 -13.46 -15.47
N SER A 681 -5.33 -12.81 -14.32
CA SER A 681 -4.22 -13.17 -13.41
C SER A 681 -4.54 -13.52 -11.95
N ALA A 682 -5.60 -12.93 -11.40
CA ALA A 682 -5.91 -13.05 -9.99
C ALA A 682 -7.44 -13.07 -9.79
N PRO A 683 -8.08 -14.22 -10.08
CA PRO A 683 -9.54 -14.29 -10.11
C PRO A 683 -10.27 -14.00 -8.78
N PHE A 684 -9.57 -14.05 -7.64
CA PHE A 684 -10.17 -13.73 -6.35
C PHE A 684 -9.80 -12.34 -5.78
N GLU A 685 -8.93 -11.61 -6.47
CA GLU A 685 -8.45 -10.29 -6.00
C GLU A 685 -9.59 -9.31 -5.75
N ALA A 686 -10.43 -9.11 -6.76
CA ALA A 686 -11.56 -8.19 -6.66
C ALA A 686 -12.50 -8.56 -5.52
N LEU A 687 -12.82 -9.85 -5.40
CA LEU A 687 -13.70 -10.28 -4.32
C LEU A 687 -13.14 -10.04 -2.96
N GLN A 688 -11.83 -10.24 -2.82
CA GLN A 688 -11.19 -10.02 -1.55
C GLN A 688 -11.23 -8.51 -1.21
N GLN A 689 -11.09 -7.66 -2.23
CA GLN A 689 -11.33 -6.22 -2.07
C GLN A 689 -12.77 -5.92 -1.60
N THR A 690 -13.76 -6.57 -2.20
CA THR A 690 -15.15 -6.41 -1.77
C THR A 690 -15.33 -6.76 -0.30
N GLU A 691 -14.68 -7.85 0.14
CA GLU A 691 -14.76 -8.27 1.54
C GLU A 691 -14.17 -7.21 2.48
N LEU A 692 -12.99 -6.73 2.13
CA LEU A 692 -12.35 -5.64 2.87
C LEU A 692 -13.23 -4.38 2.89
N TYR A 693 -13.81 -4.04 1.74
CA TYR A 693 -14.72 -2.89 1.61
C TYR A 693 -15.88 -3.00 2.60
N CYS A 694 -16.50 -4.18 2.62
CA CYS A 694 -17.59 -4.43 3.55
C CYS A 694 -17.16 -4.44 5.02
N ARG A 695 -15.98 -4.98 5.30
CA ARG A 695 -15.48 -5.07 6.67
C ARG A 695 -15.21 -3.67 7.22
N ALA A 696 -14.64 -2.80 6.38
CA ALA A 696 -14.38 -1.43 6.80
C ALA A 696 -15.67 -0.71 7.23
N ARG A 697 -16.80 -1.12 6.67
CA ARG A 697 -18.08 -0.46 6.94
C ARG A 697 -19.02 -1.27 7.85
N GLY A 698 -18.53 -2.34 8.45
CA GLY A 698 -19.35 -3.21 9.32
C GLY A 698 -20.50 -3.89 8.60
N LEU A 699 -20.31 -4.20 7.32
CA LEU A 699 -21.37 -4.80 6.51
C LEU A 699 -21.17 -6.31 6.45
N PRO A 700 -22.22 -7.09 6.77
CA PRO A 700 -22.08 -8.55 6.72
C PRO A 700 -21.72 -9.03 5.31
N PHE A 701 -20.68 -9.82 5.22
CA PHE A 701 -20.17 -10.33 3.95
C PHE A 701 -19.42 -11.61 4.25
N PRO A 702 -19.57 -12.63 3.38
CA PRO A 702 -18.91 -13.89 3.70
C PRO A 702 -17.39 -13.82 3.55
N ARG A 703 -16.69 -14.71 4.25
CA ARG A 703 -15.23 -14.75 4.14
C ARG A 703 -14.86 -15.23 2.74
N VAL A 704 -13.82 -14.64 2.16
CA VAL A 704 -13.33 -15.02 0.85
C VAL A 704 -11.93 -15.55 1.08
N GLU A 705 -11.83 -16.83 1.39
CA GLU A 705 -10.57 -17.48 1.74
C GLU A 705 -10.43 -18.74 0.88
N PRO A 706 -10.25 -18.55 -0.43
CA PRO A 706 -10.13 -19.71 -1.31
C PRO A 706 -8.93 -20.55 -0.88
N SER A 707 -9.10 -21.87 -0.93
CA SER A 707 -8.08 -22.81 -0.50
C SER A 707 -6.90 -22.73 -1.45
N PRO A 708 -5.74 -23.27 -1.05
CA PRO A 708 -4.60 -23.34 -1.96
C PRO A 708 -4.95 -24.03 -3.29
N GLN A 709 -5.78 -25.08 -3.21
CA GLN A 709 -6.29 -25.77 -4.39
C GLN A 709 -7.13 -24.86 -5.28
N ASP A 710 -8.00 -24.06 -4.66
CA ASP A 710 -8.82 -23.09 -5.39
C ASP A 710 -7.98 -22.11 -6.19
N GLN A 711 -6.90 -21.61 -5.56
CA GLN A 711 -5.99 -20.68 -6.23
C GLN A 711 -5.18 -21.37 -7.32
N HIS A 712 -4.67 -22.57 -7.03
CA HIS A 712 -3.90 -23.35 -8.01
C HIS A 712 -4.74 -23.61 -9.25
N GLN A 713 -5.98 -24.06 -9.06
CA GLN A 713 -6.87 -24.37 -10.17
C GLN A 713 -8.29 -23.90 -9.84
N PRO A 714 -8.66 -22.68 -10.26
CA PRO A 714 -10.05 -22.25 -10.06
C PRO A 714 -11.05 -22.97 -10.99
N ARG A 715 -12.25 -23.19 -10.47
CA ARG A 715 -13.36 -23.82 -11.20
C ARG A 715 -14.34 -22.78 -11.73
N GLU A 716 -15.34 -23.22 -12.49
CA GLU A 716 -16.32 -22.34 -13.13
C GLU A 716 -17.14 -21.52 -12.12
N CYS A 717 -17.32 -22.06 -10.93
CA CYS A 717 -18.21 -21.44 -9.94
C CYS A 717 -17.73 -21.73 -8.53
N HIS A 718 -17.55 -20.67 -7.73
CA HIS A 718 -17.20 -20.80 -6.32
C HIS A 718 -18.27 -20.15 -5.47
N LEU A 719 -18.71 -20.88 -4.46
CA LEU A 719 -19.71 -20.39 -3.52
C LEU A 719 -18.99 -19.80 -2.32
N PHE A 720 -19.33 -18.55 -1.99
CA PHE A 720 -18.86 -17.94 -0.76
C PHE A 720 -20.08 -17.52 0.02
N SER A 721 -20.30 -18.15 1.15
CA SER A 721 -21.51 -17.92 1.92
C SER A 721 -21.26 -18.23 3.39
N ASP A 722 -21.96 -17.52 4.26
CA ASP A 722 -21.92 -17.78 5.68
C ASP A 722 -23.25 -18.38 6.11
N PRO A 723 -23.33 -19.72 6.22
CA PRO A 723 -24.57 -20.32 6.67
C PRO A 723 -24.97 -19.90 8.09
N ALA A 724 -23.99 -19.52 8.91
CA ALA A 724 -24.26 -18.96 10.23
C ALA A 724 -24.99 -17.63 10.19
N CYS A 725 -24.71 -16.82 9.16
CA CYS A 725 -25.23 -15.45 9.06
C CYS A 725 -26.12 -15.24 7.83
N PRO A 726 -27.45 -15.34 8.00
CA PRO A 726 -28.37 -15.11 6.88
C PRO A 726 -28.31 -13.69 6.30
N GLU A 727 -27.98 -12.72 7.15
CA GLU A 727 -27.93 -11.32 6.72
C GLU A 727 -26.89 -11.09 5.63
N ALA A 728 -25.75 -11.79 5.74
CA ALA A 728 -24.72 -11.70 4.73
C ALA A 728 -25.22 -12.26 3.42
N PRO A 729 -24.98 -11.55 2.30
CA PRO A 729 -25.44 -12.07 1.03
C PRO A 729 -24.66 -13.31 0.62
N ILE A 730 -25.33 -14.15 -0.13
CA ILE A 730 -24.72 -15.31 -0.73
C ILE A 730 -23.99 -14.87 -2.00
N LEU A 731 -22.78 -15.36 -2.19
CA LEU A 731 -22.01 -15.06 -3.37
C LEU A 731 -21.67 -16.28 -4.18
N LEU A 732 -22.04 -16.23 -5.46
CA LEU A 732 -21.61 -17.20 -6.47
C LEU A 732 -20.62 -16.49 -7.40
N HIS A 733 -19.37 -16.92 -7.36
CA HIS A 733 -18.28 -16.23 -8.06
C HIS A 733 -17.82 -17.02 -9.28
N PHE A 734 -17.78 -16.35 -10.43
CA PHE A 734 -17.46 -16.97 -11.71
C PHE A 734 -16.16 -16.38 -12.28
N PRO A 735 -15.00 -17.01 -11.98
CA PRO A 735 -13.75 -16.49 -12.52
C PRO A 735 -13.60 -16.77 -14.01
N LEU A 736 -12.76 -15.98 -14.68
CA LEU A 736 -12.52 -16.18 -16.10
C LEU A 736 -11.50 -17.30 -16.24
N VAL A 737 -12.00 -18.50 -16.46
CA VAL A 737 -11.16 -19.69 -16.50
C VAL A 737 -11.71 -20.64 -17.55
N ASN A 738 -10.80 -21.26 -18.29
CA ASN A 738 -11.16 -22.31 -19.23
C ASN A 738 -10.86 -23.64 -18.56
N ALA A 739 -11.85 -24.20 -17.88
CA ALA A 739 -11.69 -25.49 -17.21
C ALA A 739 -12.36 -26.58 -18.04
N SER A 740 -13.57 -27.00 -17.65
CA SER A 740 -14.23 -28.11 -18.30
C SER A 740 -14.62 -27.79 -19.75
N PHE A 741 -14.72 -26.50 -20.08
CA PHE A 741 -15.03 -26.06 -21.45
C PHE A 741 -14.00 -26.52 -22.49
N LYS A 742 -12.77 -26.78 -22.03
N LYS A 742 -12.78 -26.84 -22.07
CA LYS A 742 -11.63 -27.15 -22.85
CA LYS A 742 -11.82 -27.41 -23.01
C LYS A 742 -11.75 -28.50 -23.50
C LYS A 742 -12.42 -28.64 -23.72
N ASP A 743 -12.01 -29.53 -22.71
N ASP A 743 -13.17 -29.45 -22.97
CA ASP A 743 -12.06 -30.88 -23.24
CA ASP A 743 -13.72 -30.70 -23.48
C ASP A 743 -13.50 -31.35 -23.36
C ASP A 743 -15.19 -30.70 -23.95
N HIS A 744 -14.46 -30.49 -23.03
N HIS A 744 -15.93 -29.60 -23.75
CA HIS A 744 -15.85 -30.91 -23.06
CA HIS A 744 -17.35 -29.59 -24.10
C HIS A 744 -16.77 -29.96 -23.81
C HIS A 744 -17.82 -28.37 -24.90
N SER A 745 -17.60 -30.55 -24.67
N SER A 745 -18.80 -28.58 -25.77
CA SER A 745 -18.69 -29.83 -25.31
CA SER A 745 -19.41 -27.51 -26.55
C SER A 745 -19.76 -29.58 -24.25
C SER A 745 -20.74 -27.08 -25.93
N ALA A 746 -19.82 -30.48 -23.29
N ALA A 746 -21.16 -27.79 -24.89
CA ALA A 746 -20.76 -30.40 -22.17
CA ALA A 746 -22.42 -27.50 -24.20
C ALA A 746 -20.18 -31.20 -21.01
C ALA A 746 -22.46 -28.29 -22.90
N PRO A 747 -20.77 -31.07 -19.81
N PRO A 747 -23.36 -27.93 -21.98
CA PRO A 747 -20.23 -31.81 -18.67
CA PRO A 747 -23.40 -28.73 -20.76
C PRO A 747 -20.31 -33.33 -18.85
C PRO A 747 -23.65 -30.20 -21.04
N GLY A 748 -19.17 -33.99 -18.71
N GLY A 748 -22.78 -31.05 -20.50
CA GLY A 748 -19.11 -35.45 -18.84
CA GLY A 748 -22.93 -32.50 -20.61
C GLY A 748 -18.84 -35.91 -20.25
C GLY A 748 -22.67 -33.08 -22.00
N VAL A 749 -19.02 -35.02 -21.22
N VAL A 749 -22.14 -32.25 -22.89
CA VAL A 749 -18.89 -35.38 -22.64
CA VAL A 749 -21.95 -32.65 -24.29
C VAL A 749 -17.60 -34.84 -23.23
C VAL A 749 -20.50 -32.52 -24.75
N GLN A 750 -16.74 -35.75 -23.68
N GLN A 750 -19.73 -33.60 -24.62
CA GLN A 750 -15.47 -35.37 -24.30
CA GLN A 750 -18.33 -33.57 -25.00
C GLN A 750 -15.72 -34.61 -25.60
C GLN A 750 -18.19 -33.23 -26.48
N ARG A 751 -14.82 -33.68 -25.92
N ARG A 751 -17.33 -32.26 -26.78
CA ARG A 751 -14.90 -32.96 -27.18
CA ARG A 751 -17.20 -31.75 -28.14
C ARG A 751 -14.44 -33.87 -28.31
C ARG A 751 -16.82 -32.82 -29.16
N SER A 752 -15.15 -33.83 -29.43
N SER A 752 -17.36 -32.67 -30.36
CA SER A 752 -14.71 -34.54 -30.62
CA SER A 752 -16.99 -33.54 -31.49
C SER A 752 -13.64 -33.71 -31.32
C SER A 752 -15.61 -33.14 -31.98
N PRO A 753 -12.79 -34.37 -32.13
N PRO A 753 -14.92 -34.07 -32.66
CA PRO A 753 -11.93 -33.54 -32.96
CA PRO A 753 -13.57 -33.74 -33.14
C PRO A 753 -12.77 -32.76 -33.97
C PRO A 753 -13.59 -32.50 -34.01
N ALA A 754 -12.41 -31.51 -34.21
N ALA A 754 -14.73 -32.24 -34.65
CA ALA A 754 -13.24 -30.63 -35.04
CA ALA A 754 -14.87 -31.09 -35.52
C ALA A 754 -14.05 -29.73 -34.13
C ALA A 754 -14.86 -29.80 -34.72
N GLU A 755 -14.39 -30.25 -32.95
N GLU A 755 -14.75 -29.91 -33.41
CA GLU A 755 -14.97 -29.46 -31.88
CA GLU A 755 -14.83 -28.72 -32.58
C GLU A 755 -13.84 -28.94 -31.02
C GLU A 755 -13.88 -28.70 -31.37
N LEU A 756 -12.64 -29.46 -31.26
N LEU A 756 -12.72 -29.34 -31.47
CA LEU A 756 -11.53 -29.26 -30.34
CA LEU A 756 -11.71 -29.25 -30.40
C LEU A 756 -11.02 -27.83 -30.33
C LEU A 756 -11.07 -27.84 -30.35
N GLN A 757 -10.96 -27.20 -31.52
CA GLN A 757 -10.44 -25.83 -31.62
C GLN A 757 -11.29 -24.82 -30.85
N GLY A 758 -12.60 -24.99 -30.88
CA GLY A 758 -13.54 -24.13 -30.17
C GLY A 758 -13.31 -23.99 -28.67
N GLY A 759 -12.62 -24.95 -28.06
CA GLY A 759 -12.32 -24.92 -26.62
C GLY A 759 -10.89 -24.53 -26.30
N GLN A 760 -10.18 -24.05 -27.31
CA GLN A 760 -8.81 -23.59 -27.14
C GLN A 760 -8.85 -22.07 -26.98
N VAL A 761 -9.16 -21.62 -25.77
CA VAL A 761 -9.31 -20.19 -25.50
C VAL A 761 -7.99 -19.68 -24.97
N ASP A 762 -7.36 -18.77 -25.72
CA ASP A 762 -6.04 -18.28 -25.37
C ASP A 762 -6.12 -17.22 -24.26
N LEU A 763 -6.13 -17.69 -23.02
CA LEU A 763 -6.24 -16.79 -21.86
C LEU A 763 -4.91 -16.50 -21.18
N THR A 764 -3.87 -17.24 -21.54
CA THR A 764 -2.60 -17.20 -20.82
C THR A 764 -1.49 -17.11 -21.85
N GLY A 765 -0.33 -16.61 -21.44
CA GLY A 765 0.82 -16.54 -22.32
C GLY A 765 0.73 -15.41 -23.34
N ALA A 766 1.80 -15.25 -24.12
CA ALA A 766 1.88 -14.18 -25.12
C ALA A 766 0.94 -14.47 -26.27
N THR A 767 0.66 -13.43 -27.07
CA THR A 767 -0.34 -13.50 -28.13
C THR A 767 -1.77 -13.74 -27.62
N CYS A 768 -1.98 -13.65 -26.31
CA CYS A 768 -3.33 -13.62 -25.74
C CYS A 768 -4.07 -12.44 -26.37
N PRO A 769 -5.15 -12.71 -27.14
CA PRO A 769 -5.84 -11.65 -27.84
C PRO A 769 -6.83 -10.86 -26.98
N TYR A 770 -6.89 -11.15 -25.68
CA TYR A 770 -7.87 -10.55 -24.79
C TYR A 770 -7.24 -9.56 -23.82
N THR A 771 -6.07 -9.05 -24.19
CA THR A 771 -5.35 -8.09 -23.36
C THR A 771 -6.08 -6.74 -23.34
N LEU A 772 -5.89 -6.02 -22.24
CA LEU A 772 -6.63 -4.79 -21.96
C LEU A 772 -6.73 -3.83 -23.15
N SER A 773 -5.59 -3.54 -23.78
CA SER A 773 -5.47 -2.57 -24.87
C SER A 773 -6.09 -3.00 -26.21
N ASN A 774 -6.20 -4.31 -26.43
CA ASN A 774 -6.65 -4.81 -27.72
C ASN A 774 -8.13 -4.49 -27.97
N MET A 775 -8.38 -3.83 -29.10
CA MET A 775 -9.73 -3.45 -29.51
C MET A 775 -10.12 -4.08 -30.86
N THR A 776 -9.35 -5.07 -31.30
CA THR A 776 -9.64 -5.79 -32.52
C THR A 776 -9.62 -7.28 -32.22
N TYR A 777 -10.81 -7.89 -32.26
CA TYR A 777 -10.96 -9.33 -32.02
C TYR A 777 -11.35 -9.97 -33.33
N LYS A 778 -10.59 -10.98 -33.75
CA LYS A 778 -11.04 -11.85 -34.83
C LYS A 778 -12.32 -12.53 -34.35
N GLU A 779 -13.31 -12.65 -35.24
CA GLU A 779 -14.59 -13.25 -34.86
C GLU A 779 -14.38 -14.61 -34.20
N GLU A 780 -13.39 -15.35 -34.69
CA GLU A 780 -12.92 -16.59 -34.07
C GLU A 780 -12.67 -16.42 -32.57
N ASP A 781 -11.84 -15.44 -32.22
CA ASP A 781 -11.47 -15.17 -30.81
C ASP A 781 -12.62 -14.61 -29.97
N PHE A 782 -13.48 -13.82 -30.61
CA PHE A 782 -14.68 -13.30 -29.95
C PHE A 782 -15.57 -14.45 -29.51
N GLU A 783 -15.88 -15.34 -30.44
CA GLU A 783 -16.81 -16.45 -30.20
C GLU A 783 -16.34 -17.37 -29.08
N ARG A 784 -15.05 -17.69 -29.07
CA ARG A 784 -14.49 -18.54 -28.02
C ARG A 784 -14.72 -17.98 -26.63
N LEU A 785 -14.40 -16.69 -26.46
CA LEU A 785 -14.53 -16.05 -25.16
C LEU A 785 -16.01 -15.97 -24.76
N LEU A 786 -16.85 -15.58 -25.71
CA LEU A 786 -18.29 -15.51 -25.48
C LEU A 786 -18.88 -16.87 -25.09
N ARG A 787 -18.58 -17.89 -25.88
CA ARG A 787 -19.15 -19.21 -25.65
C ARG A 787 -18.61 -19.84 -24.36
N LEU A 788 -17.34 -19.60 -24.06
CA LEU A 788 -16.77 -20.02 -22.78
C LEU A 788 -17.56 -19.44 -21.61
N SER A 789 -17.81 -18.14 -21.67
CA SER A 789 -18.55 -17.42 -20.62
C SER A 789 -19.97 -17.97 -20.47
N ASP A 790 -20.66 -18.10 -21.60
CA ASP A 790 -21.99 -18.71 -21.66
C ASP A 790 -21.98 -20.09 -21.02
N TYR A 791 -21.03 -20.92 -21.42
CA TYR A 791 -20.91 -22.29 -20.92
C TYR A 791 -20.71 -22.33 -19.41
N ASN A 792 -19.74 -21.56 -18.91
CA ASN A 792 -19.40 -21.55 -17.48
C ASN A 792 -20.59 -21.25 -16.57
N VAL A 793 -21.51 -20.41 -17.05
CA VAL A 793 -22.73 -20.10 -16.29
C VAL A 793 -23.77 -21.22 -16.44
N GLN A 794 -23.99 -21.67 -17.67
CA GLN A 794 -24.95 -22.76 -17.91
C GLN A 794 -24.60 -24.02 -17.10
N THR A 795 -23.32 -24.41 -17.14
CA THR A 795 -22.80 -25.53 -16.35
C THR A 795 -22.99 -25.36 -14.83
N SER A 796 -23.22 -24.13 -14.38
CA SER A 796 -23.42 -23.85 -12.96
C SER A 796 -24.90 -23.68 -12.61
N GLN A 797 -25.81 -24.02 -13.52
CA GLN A 797 -27.24 -23.83 -13.31
C GLN A 797 -27.71 -24.36 -11.94
N GLY A 798 -27.26 -25.57 -11.61
CA GLY A 798 -27.64 -26.22 -10.35
C GLY A 798 -27.27 -25.37 -9.14
N ALA A 799 -26.03 -24.90 -9.11
CA ALA A 799 -25.55 -24.07 -8.01
C ALA A 799 -26.36 -22.77 -7.88
N ILE A 800 -26.72 -22.18 -9.01
CA ILE A 800 -27.51 -20.95 -9.02
C ILE A 800 -28.91 -21.17 -8.46
N LEU A 801 -29.59 -22.23 -8.91
CA LEU A 801 -30.93 -22.55 -8.43
C LEU A 801 -30.94 -22.87 -6.93
N GLN A 802 -29.93 -23.63 -6.49
CA GLN A 802 -29.73 -23.91 -5.07
C GLN A 802 -29.59 -22.63 -4.25
N ALA A 803 -28.76 -21.71 -4.74
CA ALA A 803 -28.54 -20.45 -4.04
C ALA A 803 -29.82 -19.63 -4.01
N LEU A 804 -30.55 -19.64 -5.12
CA LEU A 804 -31.85 -18.96 -5.17
C LEU A 804 -32.83 -19.52 -4.14
N ARG A 805 -32.85 -20.83 -3.97
CA ARG A 805 -33.71 -21.46 -2.96
C ARG A 805 -33.32 -21.04 -1.55
N THR A 806 -32.02 -21.03 -1.27
CA THR A 806 -31.54 -20.58 0.02
C THR A 806 -31.86 -19.10 0.24
N ALA A 807 -31.65 -18.29 -0.80
CA ALA A 807 -31.97 -16.86 -0.72
C ALA A 807 -33.44 -16.68 -0.39
N LEU A 808 -34.27 -17.51 -1.01
CA LEU A 808 -35.71 -17.49 -0.75
C LEU A 808 -36.03 -17.78 0.72
N LYS A 809 -35.45 -18.83 1.28
CA LYS A 809 -35.67 -19.16 2.69
C LYS A 809 -35.34 -17.98 3.60
N HIS A 810 -34.19 -17.37 3.39
CA HIS A 810 -33.77 -16.18 4.16
C HIS A 810 -34.78 -15.04 4.15
N ARG A 811 -35.41 -14.85 2.99
CA ARG A 811 -36.27 -13.70 2.76
C ARG A 811 -37.74 -14.02 3.07
N GLY B 20 14.87 -25.82 27.81
CA GLY B 20 14.06 -25.96 29.05
C GLY B 20 14.90 -25.77 30.30
N GLU B 21 14.57 -24.74 31.08
CA GLU B 21 15.38 -24.39 32.25
C GLU B 21 14.56 -23.64 33.32
N ALA B 22 14.77 -24.00 34.59
CA ALA B 22 14.13 -23.33 35.71
C ALA B 22 15.13 -22.37 36.34
N SER B 23 14.74 -21.11 36.49
CA SER B 23 15.59 -20.11 37.13
C SER B 23 14.79 -19.12 37.98
N THR B 24 15.24 -18.87 39.21
CA THR B 24 14.52 -18.01 40.16
C THR B 24 14.84 -16.51 40.02
N CYS B 25 13.82 -15.67 40.21
CA CYS B 25 13.94 -14.20 40.10
C CYS B 25 14.29 -13.52 41.42
N TRP B 26 14.93 -12.36 41.34
CA TRP B 26 15.21 -11.52 42.50
C TRP B 26 14.34 -10.28 42.45
N GLN B 27 14.18 -9.61 43.60
CA GLN B 27 13.53 -8.31 43.62
C GLN B 27 14.56 -7.19 43.67
N LEU B 28 14.48 -6.23 42.75
CA LEU B 28 15.35 -5.04 42.78
C LEU B 28 14.58 -3.80 43.23
N THR B 29 15.09 -3.13 44.26
CA THR B 29 14.56 -1.81 44.64
C THR B 29 15.53 -0.74 44.13
N VAL B 30 15.00 0.18 43.32
CA VAL B 30 15.79 1.28 42.78
C VAL B 30 15.30 2.56 43.44
N ARG B 31 16.15 3.17 44.26
CA ARG B 31 15.79 4.41 44.96
C ARG B 31 16.44 5.61 44.29
N VAL B 32 15.63 6.40 43.59
CA VAL B 32 16.08 7.62 42.92
C VAL B 32 16.15 8.72 43.96
N LEU B 33 17.36 9.15 44.31
CA LEU B 33 17.55 10.12 45.38
C LEU B 33 17.45 11.56 44.90
N GLU B 34 18.44 11.99 44.14
CA GLU B 34 18.54 13.39 43.71
C GLU B 34 19.47 13.53 42.52
N ALA B 35 19.42 14.70 41.89
CA ALA B 35 20.34 15.05 40.82
C ALA B 35 20.89 16.45 41.04
N ARG B 36 22.03 16.74 40.40
CA ARG B 36 22.70 18.04 40.56
C ARG B 36 23.20 18.59 39.23
N ASN B 37 23.21 19.92 39.12
CA ASN B 37 23.79 20.64 37.99
C ASN B 37 23.05 20.41 36.67
N LEU B 38 21.73 20.26 36.72
CA LEU B 38 20.96 20.09 35.48
C LEU B 38 20.84 21.42 34.74
N ARG B 39 20.68 21.33 33.42
CA ARG B 39 20.58 22.49 32.53
C ARG B 39 19.24 23.22 32.65
N TRP B 40 19.27 24.56 32.62
CA TRP B 40 18.06 25.38 32.74
C TRP B 40 17.20 25.32 31.47
N ALA B 41 15.91 25.57 31.61
CA ALA B 41 15.00 25.67 30.47
C ALA B 41 15.25 26.97 29.73
N ALA B 47 15.02 23.95 35.20
CA ALA B 47 14.23 22.86 34.65
C ALA B 47 13.11 22.43 35.59
N ASP B 48 12.13 21.72 35.02
CA ASP B 48 11.07 21.07 35.78
C ASP B 48 11.28 19.56 35.68
N PRO B 49 12.21 19.01 36.47
CA PRO B 49 12.71 17.67 36.15
C PRO B 49 11.94 16.52 36.79
N TYR B 50 11.78 15.44 36.02
CA TYR B 50 11.31 14.15 36.53
C TYR B 50 12.19 13.04 35.95
N VAL B 51 12.27 11.91 36.66
CA VAL B 51 13.06 10.77 36.21
C VAL B 51 12.16 9.67 35.68
N ILE B 52 12.57 9.10 34.55
CA ILE B 52 11.91 7.92 33.99
C ILE B 52 12.83 6.72 34.21
N LEU B 53 12.25 5.60 34.63
CA LEU B 53 12.97 4.34 34.71
C LEU B 53 12.34 3.32 33.76
N GLN B 54 13.18 2.75 32.91
CA GLN B 54 12.76 1.68 32.02
C GLN B 54 13.78 0.56 32.13
N LEU B 55 13.29 -0.67 32.07
CA LEU B 55 14.15 -1.84 32.08
C LEU B 55 14.02 -2.50 30.72
N SER B 56 15.16 -2.81 30.11
CA SER B 56 15.18 -3.37 28.75
C SER B 56 14.35 -4.65 28.61
N THR B 57 14.22 -5.40 29.70
CA THR B 57 13.51 -6.68 29.72
C THR B 57 12.07 -6.57 30.30
N ALA B 58 11.59 -5.35 30.47
CA ALA B 58 10.21 -5.08 30.86
C ALA B 58 9.64 -3.95 29.97
N PRO B 59 9.55 -4.21 28.66
CA PRO B 59 9.01 -3.21 27.76
C PRO B 59 7.57 -2.86 28.13
N GLY B 60 7.25 -1.56 28.11
CA GLY B 60 5.90 -1.09 28.37
C GLY B 60 5.64 -0.79 29.85
N MET B 61 6.58 -1.16 30.72
CA MET B 61 6.54 -0.78 32.12
C MET B 61 7.50 0.40 32.35
N LYS B 62 6.95 1.59 32.50
CA LYS B 62 7.71 2.78 32.78
C LYS B 62 7.41 3.16 34.20
N PHE B 63 8.42 3.59 34.94
CA PHE B 63 8.20 4.31 36.18
C PHE B 63 8.60 5.77 36.00
N LYS B 64 7.91 6.64 36.71
CA LYS B 64 8.08 8.08 36.58
C LYS B 64 8.03 8.69 37.98
N THR B 65 9.04 9.47 38.33
CA THR B 65 9.02 10.20 39.60
C THR B 65 8.05 11.36 39.47
N LYS B 66 7.81 12.04 40.58
CA LYS B 66 7.09 13.31 40.54
C LYS B 66 7.94 14.34 39.81
N THR B 67 7.28 15.31 39.18
CA THR B 67 7.97 16.42 38.55
C THR B 67 8.20 17.49 39.60
N LEU B 68 9.45 17.93 39.72
CA LEU B 68 9.76 19.07 40.57
C LEU B 68 9.82 20.33 39.72
N THR B 69 9.72 21.48 40.39
CA THR B 69 9.49 22.76 39.75
C THR B 69 10.68 23.69 39.97
N ASP B 70 11.27 24.15 38.87
CA ASP B 70 12.26 25.25 38.91
C ASP B 70 13.36 24.99 39.94
N THR B 71 14.05 23.85 39.84
CA THR B 71 15.09 23.51 40.83
C THR B 71 16.53 23.41 40.30
N SER B 72 16.77 22.62 39.25
CA SER B 72 18.13 22.39 38.75
C SER B 72 18.97 21.48 39.68
N HIS B 73 18.48 21.29 40.90
CA HIS B 73 19.06 20.35 41.85
C HIS B 73 17.95 19.55 42.55
N PRO B 74 17.21 18.74 41.79
CA PRO B 74 16.03 18.09 42.37
C PRO B 74 16.36 16.99 43.37
N VAL B 75 15.52 16.87 44.40
CA VAL B 75 15.59 15.78 45.37
C VAL B 75 14.23 15.07 45.39
N TRP B 76 14.16 13.89 44.78
CA TRP B 76 12.91 13.14 44.69
C TRP B 76 12.73 12.15 45.85
N ASN B 77 13.78 11.39 46.12
CA ASN B 77 13.75 10.30 47.10
C ASN B 77 12.54 9.37 46.91
N GLU B 78 12.42 8.81 45.72
CA GLU B 78 11.36 7.83 45.42
C GLU B 78 11.98 6.49 45.06
N ALA B 79 11.34 5.41 45.51
CA ALA B 79 11.82 4.05 45.28
C ALA B 79 10.84 3.28 44.40
N PHE B 80 11.38 2.42 43.55
CA PHE B 80 10.59 1.59 42.64
C PHE B 80 11.12 0.15 42.65
N ARG B 81 10.25 -0.81 42.35
CA ARG B 81 10.58 -2.24 42.47
C ARG B 81 10.35 -3.02 41.19
N PHE B 82 11.37 -3.80 40.80
CA PHE B 82 11.32 -4.69 39.65
C PHE B 82 11.56 -6.15 40.06
N LEU B 83 10.91 -7.09 39.38
CA LEU B 83 11.33 -8.49 39.43
C LEU B 83 12.41 -8.72 38.36
N ILE B 84 13.56 -9.24 38.78
CA ILE B 84 14.73 -9.40 37.92
C ILE B 84 15.09 -10.89 37.72
N GLN B 85 15.19 -11.30 36.47
CA GLN B 85 15.64 -12.65 36.09
C GLN B 85 17.16 -12.60 35.87
N SER B 86 17.90 -13.28 36.73
CA SER B 86 19.37 -13.25 36.68
C SER B 86 19.97 -13.83 35.40
N GLN B 87 19.24 -14.71 34.72
CA GLN B 87 19.72 -15.36 33.50
C GLN B 87 19.61 -14.53 32.22
N VAL B 88 19.00 -13.35 32.29
CA VAL B 88 18.96 -12.48 31.12
C VAL B 88 19.77 -11.22 31.36
N LYS B 89 20.15 -10.56 30.27
CA LYS B 89 20.80 -9.27 30.35
C LYS B 89 19.76 -8.21 30.66
N ASN B 90 19.99 -7.47 31.73
CA ASN B 90 19.07 -6.45 32.21
C ASN B 90 19.75 -5.10 32.19
N VAL B 91 19.27 -4.22 31.31
CA VAL B 91 19.81 -2.88 31.21
C VAL B 91 18.74 -1.91 31.70
N LEU B 92 19.09 -1.14 32.71
CA LEU B 92 18.18 -0.16 33.27
C LEU B 92 18.49 1.19 32.65
N GLU B 93 17.46 1.84 32.11
CA GLU B 93 17.60 3.18 31.56
C GLU B 93 17.07 4.16 32.59
N LEU B 94 17.90 5.13 32.96
CA LEU B 94 17.50 6.22 33.84
C LEU B 94 17.63 7.53 33.06
N SER B 95 16.49 8.16 32.79
CA SER B 95 16.46 9.39 32.01
C SER B 95 15.80 10.50 32.80
N ILE B 96 16.39 11.70 32.79
CA ILE B 96 15.77 12.88 33.39
C ILE B 96 15.26 13.76 32.25
N TYR B 97 13.98 14.12 32.35
CA TYR B 97 13.35 14.99 31.37
C TYR B 97 12.96 16.32 32.02
N ASP B 98 12.83 17.35 31.20
CA ASP B 98 12.41 18.68 31.64
C ASP B 98 10.96 18.88 31.21
N GLU B 99 10.05 18.98 32.19
CA GLU B 99 8.63 19.06 31.88
C GLU B 99 8.22 20.41 31.29
N ASP B 100 7.52 20.35 30.16
CA ASP B 100 6.96 21.53 29.50
C ASP B 100 5.61 21.14 28.93
N SER B 101 4.57 21.84 29.36
CA SER B 101 3.20 21.54 28.94
C SER B 101 2.92 21.84 27.47
N VAL B 102 3.73 22.69 26.85
CA VAL B 102 3.51 23.09 25.45
C VAL B 102 4.22 22.12 24.47
N THR B 103 5.53 21.99 24.62
CA THR B 103 6.32 21.15 23.73
C THR B 103 6.66 19.82 24.38
N GLU B 104 7.00 18.85 23.54
CA GLU B 104 7.48 17.57 24.03
C GLU B 104 8.72 17.80 24.88
N ASP B 105 8.78 17.10 26.00
CA ASP B 105 9.78 17.35 27.02
C ASP B 105 11.19 17.02 26.55
N ASP B 106 12.13 17.93 26.80
CA ASP B 106 13.52 17.71 26.46
C ASP B 106 14.20 16.84 27.51
N ILE B 107 15.08 15.97 27.03
CA ILE B 107 15.88 15.12 27.91
C ILE B 107 17.11 15.91 28.33
N CYS B 108 17.38 15.93 29.64
CA CYS B 108 18.59 16.59 30.15
C CYS B 108 19.62 15.61 30.73
N PHE B 109 19.27 14.33 30.82
CA PHE B 109 20.16 13.33 31.40
C PHE B 109 19.71 11.93 31.00
N LYS B 110 20.67 11.06 30.67
CA LYS B 110 20.39 9.68 30.31
C LYS B 110 21.60 8.81 30.63
N VAL B 111 21.36 7.73 31.37
CA VAL B 111 22.36 6.70 31.57
C VAL B 111 21.76 5.31 31.35
N LEU B 112 22.56 4.40 30.80
CA LEU B 112 22.20 2.99 30.67
C LEU B 112 23.08 2.23 31.63
N TYR B 113 22.46 1.36 32.43
CA TYR B 113 23.14 0.69 33.51
C TYR B 113 22.86 -0.81 33.51
N ASP B 114 23.92 -1.60 33.36
CA ASP B 114 23.86 -3.04 33.47
C ASP B 114 23.77 -3.38 34.95
N ILE B 115 22.60 -3.84 35.40
CA ILE B 115 22.37 -4.10 36.81
C ILE B 115 23.02 -5.39 37.32
N SER B 116 23.75 -6.13 36.48
CA SER B 116 24.47 -7.31 36.95
C SER B 116 25.55 -6.95 37.96
N GLU B 117 25.94 -5.68 38.02
CA GLU B 117 26.86 -5.18 39.04
C GLU B 117 26.28 -5.31 40.46
N VAL B 118 24.97 -5.20 40.59
CA VAL B 118 24.33 -5.21 41.92
C VAL B 118 24.20 -6.65 42.43
N LEU B 119 24.91 -6.93 43.52
CA LEU B 119 24.94 -8.25 44.12
C LEU B 119 23.91 -8.36 45.24
N PRO B 120 23.25 -9.52 45.34
CA PRO B 120 22.16 -9.68 46.32
C PRO B 120 22.63 -9.44 47.76
N GLY B 121 21.83 -8.71 48.53
CA GLY B 121 22.15 -8.40 49.92
C GLY B 121 22.91 -7.10 50.14
N LYS B 122 23.83 -6.78 49.23
CA LYS B 122 24.69 -5.60 49.37
C LYS B 122 24.09 -4.36 48.71
N LEU B 123 23.68 -3.38 49.51
CA LEU B 123 23.22 -2.11 48.98
C LEU B 123 24.34 -1.45 48.18
N LEU B 124 24.02 -1.04 46.96
CA LEU B 124 24.99 -0.37 46.10
C LEU B 124 24.57 1.07 45.88
N ARG B 125 25.42 2.00 46.31
CA ARG B 125 25.19 3.44 46.07
C ARG B 125 25.95 3.87 44.83
N LYS B 126 25.24 4.57 43.94
CA LYS B 126 25.78 4.95 42.65
C LYS B 126 25.55 6.45 42.39
N THR B 127 26.59 7.11 41.88
CA THR B 127 26.47 8.47 41.35
C THR B 127 26.83 8.40 39.88
N PHE B 128 25.85 8.66 39.02
CA PHE B 128 26.05 8.57 37.57
C PHE B 128 26.43 9.93 36.99
N SER B 129 27.44 9.95 36.13
CA SER B 129 27.95 11.18 35.51
C SER B 129 27.84 11.10 34.01
N GLN B 130 27.54 12.22 33.36
CA GLN B 130 27.25 12.27 31.93
C GLN B 130 28.50 12.13 31.05
N SER B 131 29.41 13.07 31.22
CA SER B 131 30.56 13.22 30.33
C SER B 131 31.82 13.31 31.18
N PRO B 132 33.00 13.13 30.57
CA PRO B 132 34.26 13.14 31.32
C PRO B 132 34.45 14.43 32.11
N GLN B 133 34.06 15.55 31.52
CA GLN B 133 33.99 16.81 32.22
C GLN B 133 32.55 17.19 32.54
N GLY B 134 31.59 16.37 32.10
CA GLY B 134 30.17 16.62 32.33
C GLY B 134 29.90 16.76 33.80
N GLU B 135 29.12 17.78 34.14
CA GLU B 135 28.96 18.23 35.50
C GLU B 135 27.66 17.69 36.10
N GLU B 136 26.78 17.14 35.27
CA GLU B 136 25.46 16.68 35.72
C GLU B 136 25.62 15.33 36.47
N GLU B 137 24.95 15.18 37.61
CA GLU B 137 25.05 13.94 38.41
C GLU B 137 23.70 13.45 38.92
N LEU B 138 23.54 12.12 38.96
CA LEU B 138 22.33 11.47 39.47
C LEU B 138 22.70 10.45 40.56
N ASP B 139 22.16 10.63 41.76
CA ASP B 139 22.38 9.69 42.87
C ASP B 139 21.24 8.67 42.96
N VAL B 140 21.61 7.40 42.93
CA VAL B 140 20.65 6.29 43.00
C VAL B 140 21.21 5.22 43.93
N GLU B 141 20.31 4.49 44.61
CA GLU B 141 20.72 3.29 45.35
C GLU B 141 19.95 2.06 44.94
N PHE B 142 20.66 0.94 44.89
CA PHE B 142 20.12 -0.33 44.44
C PHE B 142 20.20 -1.38 45.54
N LEU B 143 19.10 -2.09 45.77
CA LEU B 143 19.12 -3.24 46.65
C LEU B 143 18.45 -4.43 45.99
N MET B 144 19.20 -5.51 45.88
CA MET B 144 18.70 -6.74 45.31
C MET B 144 18.45 -7.73 46.45
N GLU B 145 17.24 -8.27 46.48
CA GLU B 145 16.82 -9.18 47.52
C GLU B 145 16.17 -10.42 46.97
N GLU B 146 16.28 -11.51 47.73
CA GLU B 146 15.71 -12.80 47.38
C GLU B 146 14.19 -12.73 47.54
N THR B 147 13.48 -13.55 46.78
CA THR B 147 12.04 -13.68 46.89
C THR B 147 11.71 -15.15 47.13
N SER B 148 10.50 -15.43 47.55
CA SER B 148 10.06 -16.80 47.83
C SER B 148 9.24 -17.42 46.69
N ASP B 149 9.16 -16.72 45.55
CA ASP B 149 8.44 -17.23 44.39
C ASP B 149 9.04 -18.55 43.86
N ARG B 150 8.24 -19.34 43.14
CA ARG B 150 8.75 -20.49 42.39
C ARG B 150 9.73 -20.00 41.33
N PRO B 151 10.56 -20.90 40.77
CA PRO B 151 11.42 -20.45 39.68
C PRO B 151 10.63 -20.19 38.39
N GLU B 152 11.14 -19.29 37.56
CA GLU B 152 10.56 -19.03 36.24
C GLU B 152 10.99 -20.13 35.27
N ASN B 153 10.08 -20.55 34.40
CA ASN B 153 10.39 -21.52 33.36
C ASN B 153 10.87 -20.84 32.07
N LEU B 154 12.19 -20.84 31.87
CA LEU B 154 12.83 -20.23 30.71
C LEU B 154 13.13 -21.26 29.64
N ILE B 155 13.25 -20.78 28.39
CA ILE B 155 13.78 -21.58 27.27
C ILE B 155 14.89 -20.76 26.62
N THR B 156 16.07 -21.39 26.43
CA THR B 156 17.22 -20.71 25.83
C THR B 156 18.06 -21.56 24.88
N ASN B 157 18.86 -20.89 24.06
CA ASN B 157 20.01 -21.50 23.39
C ASN B 157 21.32 -20.88 23.91
N LYS B 158 21.23 -20.23 25.08
CA LYS B 158 22.34 -19.56 25.77
C LYS B 158 22.74 -18.19 25.19
N VAL B 159 22.03 -17.72 24.16
CA VAL B 159 22.20 -16.33 23.69
C VAL B 159 20.84 -15.61 23.68
N ILE B 160 19.80 -16.26 23.17
CA ILE B 160 18.44 -15.75 23.22
C ILE B 160 17.68 -16.49 24.30
N VAL B 161 16.84 -15.77 25.05
CA VAL B 161 16.00 -16.34 26.10
C VAL B 161 14.53 -16.03 25.84
N ALA B 162 13.72 -17.07 25.89
CA ALA B 162 12.28 -16.94 25.90
C ALA B 162 11.81 -16.95 27.35
N ARG B 163 11.26 -15.82 27.78
CA ARG B 163 10.76 -15.68 29.15
C ARG B 163 9.46 -16.46 29.28
N GLU B 164 9.13 -16.87 30.51
CA GLU B 164 7.86 -17.57 30.75
C GLU B 164 6.70 -16.64 30.39
N LEU B 165 5.72 -17.15 29.66
CA LEU B 165 4.63 -16.32 29.15
C LEU B 165 3.32 -16.78 29.77
N SER B 166 2.55 -15.80 30.26
CA SER B 166 1.18 -16.05 30.68
C SER B 166 0.22 -15.48 29.64
N CYS B 167 -0.97 -16.07 29.58
CA CYS B 167 -1.98 -15.71 28.61
C CYS B 167 -3.26 -15.39 29.38
N LEU B 168 -3.91 -14.26 29.09
CA LEU B 168 -5.16 -13.90 29.76
C LEU B 168 -6.29 -13.61 28.78
N ASP B 169 -7.39 -14.35 28.95
CA ASP B 169 -8.55 -14.22 28.07
C ASP B 169 -9.68 -13.45 28.74
N VAL B 170 -10.27 -12.51 28.01
CA VAL B 170 -11.40 -11.72 28.51
C VAL B 170 -12.61 -11.94 27.59
N HIS B 171 -13.68 -12.49 28.14
CA HIS B 171 -14.92 -12.76 27.39
C HIS B 171 -16.05 -11.87 27.87
N LEU B 172 -16.99 -11.60 26.98
CA LEU B 172 -17.98 -10.54 27.21
C LEU B 172 -19.41 -10.91 26.83
N ASP B 173 -20.31 -10.85 27.80
CA ASP B 173 -21.75 -10.93 27.59
C ASP B 173 -22.30 -9.55 27.29
N LYS B 186 -21.95 3.13 20.05
CA LYS B 186 -22.35 2.66 21.37
C LYS B 186 -21.24 2.94 22.39
N LEU B 187 -21.17 2.09 23.41
CA LEU B 187 -20.06 2.05 24.35
C LEU B 187 -18.82 1.42 23.74
N GLU B 188 -17.66 1.99 24.09
CA GLU B 188 -16.38 1.41 23.75
C GLU B 188 -15.70 0.85 25.01
N LEU B 189 -15.43 -0.46 25.01
CA LEU B 189 -14.68 -1.10 26.09
C LEU B 189 -13.18 -0.93 25.86
N GLU B 190 -12.47 -0.42 26.86
CA GLU B 190 -11.01 -0.30 26.79
C GLU B 190 -10.36 -1.19 27.85
N LEU B 191 -9.54 -2.15 27.39
CA LEU B 191 -8.77 -3.04 28.24
C LEU B 191 -7.29 -2.72 28.15
N VAL B 192 -6.64 -2.53 29.30
CA VAL B 192 -5.23 -2.20 29.35
C VAL B 192 -4.50 -3.18 30.24
N LEU B 193 -3.40 -3.72 29.74
CA LEU B 193 -2.53 -4.61 30.51
C LEU B 193 -1.10 -4.20 30.25
N LYS B 194 -0.60 -3.29 31.09
CA LYS B 194 0.75 -2.77 30.94
C LYS B 194 1.80 -3.87 31.00
N GLY B 195 2.70 -3.87 30.03
CA GLY B 195 3.75 -4.90 29.95
C GLY B 195 3.40 -6.04 29.02
N SER B 196 2.16 -6.12 28.57
CA SER B 196 1.75 -7.14 27.61
C SER B 196 2.16 -6.76 26.21
N TYR B 197 2.15 -7.73 25.30
CA TYR B 197 2.41 -7.49 23.89
C TYR B 197 1.37 -6.56 23.26
N GLU B 198 0.10 -6.82 23.58
CA GLU B 198 -1.01 -6.07 23.00
C GLU B 198 -1.10 -4.70 23.65
N ASP B 199 -0.78 -4.64 24.94
CA ASP B 199 -0.80 -3.41 25.73
C ASP B 199 -2.22 -2.88 25.99
N THR B 200 -2.88 -2.42 24.93
CA THR B 200 -4.23 -1.87 25.02
C THR B 200 -5.09 -2.45 23.91
N GLN B 201 -6.31 -2.83 24.25
CA GLN B 201 -7.27 -3.30 23.25
C GLN B 201 -8.61 -2.62 23.50
N THR B 202 -9.19 -2.07 22.44
CA THR B 202 -10.46 -1.37 22.52
C THR B 202 -11.45 -2.00 21.56
N SER B 203 -12.73 -1.79 21.85
CA SER B 203 -13.77 -2.31 21.01
C SER B 203 -15.15 -1.79 21.42
N PHE B 204 -16.01 -1.62 20.43
CA PHE B 204 -17.41 -1.31 20.69
C PHE B 204 -18.13 -2.56 21.15
N LEU B 205 -19.20 -2.37 21.92
CA LEU B 205 -19.98 -3.51 22.40
C LEU B 205 -20.72 -4.16 21.23
N GLY B 206 -20.74 -5.49 21.21
CA GLY B 206 -21.23 -6.25 20.07
C GLY B 206 -20.16 -6.51 19.02
N THR B 207 -19.42 -5.45 18.69
CA THR B 207 -18.36 -5.52 17.69
C THR B 207 -17.14 -6.37 18.13
N ALA B 208 -16.88 -6.49 19.44
CA ALA B 208 -15.86 -7.44 19.92
C ALA B 208 -16.39 -8.39 20.98
N SER B 209 -16.11 -9.68 20.79
CA SER B 209 -16.58 -10.74 21.68
C SER B 209 -15.52 -11.15 22.73
N ALA B 210 -14.28 -11.33 22.28
CA ALA B 210 -13.21 -11.90 23.12
C ALA B 210 -11.86 -11.21 22.92
N PHE B 211 -11.01 -11.29 23.94
CA PHE B 211 -9.68 -10.69 23.90
C PHE B 211 -8.63 -11.58 24.55
N ARG B 212 -7.43 -11.56 23.97
CA ARG B 212 -6.30 -12.29 24.53
C ARG B 212 -5.15 -11.32 24.74
N PHE B 213 -4.54 -11.37 25.92
CA PHE B 213 -3.31 -10.66 26.19
C PHE B 213 -2.19 -11.67 26.48
N HIS B 214 -1.01 -11.40 25.92
CA HIS B 214 0.18 -12.18 26.24
C HIS B 214 1.14 -11.29 26.99
N TYR B 215 1.68 -11.80 28.09
CA TYR B 215 2.59 -11.02 28.93
C TYR B 215 3.46 -11.95 29.75
N MET B 216 4.61 -11.43 30.17
CA MET B 216 5.53 -12.18 30.98
C MET B 216 4.97 -12.53 32.35
N ALA B 217 5.12 -13.80 32.73
CA ALA B 217 4.68 -14.27 34.05
C ALA B 217 5.41 -13.54 35.17
N ALA B 218 6.64 -13.11 34.92
CA ALA B 218 7.43 -12.40 35.93
C ALA B 218 7.02 -10.96 36.23
N LEU B 219 6.09 -10.40 35.46
CA LEU B 219 5.64 -9.03 35.72
C LEU B 219 4.72 -8.94 36.94
N GLU B 220 4.86 -7.85 37.70
CA GLU B 220 3.79 -7.39 38.57
C GLU B 220 3.06 -6.31 37.82
N THR B 221 1.82 -6.60 37.43
CA THR B 221 1.04 -5.68 36.64
C THR B 221 -0.45 -5.90 36.91
N GLU B 222 -1.30 -5.35 36.06
CA GLU B 222 -2.74 -5.45 36.27
C GLU B 222 -3.47 -5.32 34.96
N LEU B 223 -4.70 -5.83 34.91
CA LEU B 223 -5.61 -5.54 33.83
C LEU B 223 -6.61 -4.52 34.32
N SER B 224 -6.70 -3.39 33.62
CA SER B 224 -7.73 -2.40 33.90
C SER B 224 -8.76 -2.36 32.78
N GLY B 225 -10.02 -2.19 33.16
CA GLY B 225 -11.15 -2.21 32.22
C GLY B 225 -12.11 -1.06 32.48
N ARG B 226 -12.62 -0.49 31.40
CA ARG B 226 -13.59 0.61 31.52
C ARG B 226 -14.41 0.78 30.26
N LEU B 227 -15.58 1.39 30.43
CA LEU B 227 -16.48 1.70 29.32
C LEU B 227 -16.53 3.20 29.08
N ARG B 228 -16.38 3.60 27.82
CA ARG B 228 -16.44 5.00 27.40
C ARG B 228 -17.53 5.22 26.35
N SER B 229 -18.11 6.43 26.39
CA SER B 229 -19.06 6.88 25.38
C SER B 229 -18.78 8.33 24.98
N SER B 230 -19.43 8.79 23.91
CA SER B 230 -19.32 10.17 23.48
C SER B 230 -19.96 11.13 24.49
N ASN B 239 -20.34 12.81 32.46
CA ASN B 239 -19.97 11.78 33.44
C ASN B 239 -19.35 10.52 32.82
N SER B 240 -18.23 10.09 33.39
CA SER B 240 -17.51 8.90 32.95
C SER B 240 -17.54 7.83 34.02
N ALA B 241 -17.80 6.58 33.61
CA ALA B 241 -17.91 5.48 34.55
C ALA B 241 -16.55 5.08 35.11
N GLY B 242 -16.57 4.48 36.30
CA GLY B 242 -15.35 4.06 36.96
C GLY B 242 -14.72 2.87 36.26
N TYR B 243 -13.39 2.76 36.38
CA TYR B 243 -12.67 1.62 35.83
C TYR B 243 -12.44 0.57 36.90
N LEU B 244 -12.34 -0.68 36.46
CA LEU B 244 -12.03 -1.78 37.35
C LEU B 244 -10.64 -2.30 37.05
N THR B 245 -9.93 -2.73 38.09
CA THR B 245 -8.60 -3.32 37.94
C THR B 245 -8.52 -4.69 38.58
N VAL B 246 -7.88 -5.62 37.89
CA VAL B 246 -7.61 -6.95 38.40
C VAL B 246 -6.09 -7.12 38.48
N PRO B 247 -5.54 -7.28 39.69
CA PRO B 247 -4.09 -7.37 39.81
C PRO B 247 -3.55 -8.67 39.22
N LEU B 248 -2.35 -8.61 38.68
CA LEU B 248 -1.69 -9.76 38.09
C LEU B 248 -0.32 -9.89 38.76
N ARG B 249 -0.23 -10.82 39.71
CA ARG B 249 0.99 -11.00 40.51
C ARG B 249 1.96 -11.97 39.85
N PRO B 250 3.27 -11.78 40.08
CA PRO B 250 4.28 -12.59 39.39
C PRO B 250 4.15 -14.07 39.66
N LEU B 251 4.34 -14.86 38.60
CA LEU B 251 4.41 -16.31 38.70
C LEU B 251 3.23 -16.94 39.45
N THR B 252 2.04 -16.34 39.33
CA THR B 252 0.83 -16.90 39.94
C THR B 252 0.34 -18.12 39.16
N ILE B 253 -0.60 -18.82 39.79
CA ILE B 253 -1.31 -19.91 39.13
C ILE B 253 -2.52 -19.30 38.44
N GLY B 254 -3.05 -20.02 37.45
CA GLY B 254 -4.29 -19.67 36.80
C GLY B 254 -5.43 -19.33 37.76
N LYS B 255 -6.31 -18.44 37.32
CA LYS B 255 -7.45 -18.01 38.10
C LYS B 255 -8.56 -17.56 37.17
N GLU B 256 -9.72 -17.32 37.75
CA GLU B 256 -10.92 -17.00 37.00
C GLU B 256 -11.74 -15.97 37.75
N VAL B 257 -11.96 -14.81 37.13
CA VAL B 257 -12.69 -13.72 37.76
C VAL B 257 -13.86 -13.31 36.88
N THR B 258 -14.95 -12.90 37.53
CA THR B 258 -16.08 -12.27 36.87
C THR B 258 -16.23 -10.90 37.50
N MET B 259 -16.36 -9.89 36.67
CA MET B 259 -16.74 -8.58 37.19
C MET B 259 -17.59 -7.82 36.22
N ASP B 260 -18.34 -6.88 36.79
CA ASP B 260 -19.27 -6.08 36.04
C ASP B 260 -18.65 -4.69 35.86
N VAL B 261 -18.36 -4.34 34.60
CA VAL B 261 -17.75 -3.07 34.28
C VAL B 261 -18.89 -2.07 34.20
N PRO B 262 -18.85 -1.00 35.01
CA PRO B 262 -19.94 -0.05 34.98
C PRO B 262 -19.96 0.75 33.67
N ALA B 263 -21.17 1.02 33.18
CA ALA B 263 -21.37 1.85 32.00
C ALA B 263 -21.80 3.25 32.41
N PRO B 264 -21.58 4.24 31.55
CA PRO B 264 -22.19 5.55 31.77
C PRO B 264 -23.69 5.46 31.49
N ASN B 265 -24.52 5.87 32.46
CA ASN B 265 -25.97 5.94 32.26
C ASN B 265 -26.55 4.63 31.72
N ALA B 266 -26.12 3.51 32.31
CA ALA B 266 -26.55 2.17 31.91
C ALA B 266 -25.99 1.19 32.93
N PRO B 267 -26.52 -0.05 32.98
CA PRO B 267 -26.05 -0.96 34.02
C PRO B 267 -24.76 -1.68 33.62
N GLY B 268 -24.14 -2.34 34.60
CA GLY B 268 -22.84 -3.00 34.41
C GLY B 268 -22.84 -4.02 33.29
N VAL B 269 -21.65 -4.23 32.71
CA VAL B 269 -21.46 -5.20 31.64
C VAL B 269 -20.55 -6.29 32.19
N ARG B 270 -20.97 -7.55 32.03
CA ARG B 270 -20.32 -8.67 32.70
C ARG B 270 -19.18 -9.21 31.85
N LEU B 271 -17.96 -9.17 32.36
CA LEU B 271 -16.81 -9.79 31.71
C LEU B 271 -16.27 -10.93 32.55
N GLN B 272 -15.79 -11.95 31.86
CA GLN B 272 -15.17 -13.10 32.50
C GLN B 272 -13.74 -13.23 32.03
N LEU B 273 -12.81 -13.24 32.97
CA LEU B 273 -11.44 -13.46 32.53
C LEU B 273 -10.71 -14.55 33.29
N LYS B 274 -9.88 -15.28 32.55
CA LYS B 274 -9.03 -16.30 33.12
C LYS B 274 -7.60 -16.17 32.62
N ALA B 275 -6.69 -16.04 33.58
CA ALA B 275 -5.26 -16.04 33.32
C ALA B 275 -4.76 -17.46 33.40
N GLU B 276 -3.93 -17.86 32.44
CA GLU B 276 -3.42 -19.21 32.35
C GLU B 276 -1.97 -19.17 31.87
N GLY B 277 -1.19 -20.19 32.21
CA GLY B 277 0.13 -20.35 31.64
C GLY B 277 -0.01 -20.52 30.13
N CYS B 278 0.79 -19.80 29.36
CA CYS B 278 0.86 -20.06 27.93
C CYS B 278 1.59 -21.40 27.77
N PRO B 279 1.17 -22.24 26.82
CA PRO B 279 1.93 -23.46 26.57
C PRO B 279 3.40 -23.17 26.28
N GLU B 280 4.32 -23.99 26.80
CA GLU B 280 5.76 -23.75 26.59
C GLU B 280 6.27 -24.30 25.24
N GLU B 281 5.56 -23.99 24.17
CA GLU B 281 6.00 -24.35 22.82
C GLU B 281 6.09 -23.13 21.91
N LEU B 282 7.23 -23.04 21.25
CA LEU B 282 7.65 -21.90 20.47
C LEU B 282 7.50 -22.21 18.99
N ALA B 283 7.09 -21.20 18.22
CA ALA B 283 7.16 -21.27 16.77
C ALA B 283 8.59 -20.96 16.30
N VAL B 284 9.35 -20.25 17.11
CA VAL B 284 10.75 -19.94 16.79
C VAL B 284 11.67 -21.03 17.34
N HIS B 285 12.47 -21.64 16.45
CA HIS B 285 13.45 -22.66 16.79
C HIS B 285 14.70 -21.99 17.35
N LEU B 286 15.10 -22.37 18.56
CA LEU B 286 16.27 -21.81 19.21
C LEU B 286 17.35 -22.86 19.32
N GLY B 287 18.45 -22.69 18.61
CA GLY B 287 19.59 -23.61 18.71
C GLY B 287 20.62 -23.29 17.66
N PHE B 288 21.87 -23.67 17.92
CA PHE B 288 23.00 -23.37 17.02
C PHE B 288 23.48 -24.56 16.23
N ASN B 289 22.64 -25.56 16.06
CA ASN B 289 22.99 -26.66 15.21
C ASN B 289 21.90 -26.77 14.17
N LEU B 290 22.12 -27.68 13.25
CA LEU B 290 21.24 -27.81 12.12
C LEU B 290 19.91 -28.36 12.61
N CYS B 291 18.83 -27.97 11.94
CA CYS B 291 17.51 -28.42 12.34
C CYS B 291 17.28 -29.86 11.87
N ALA B 292 16.31 -30.51 12.49
CA ALA B 292 16.01 -31.91 12.22
C ALA B 292 15.83 -32.17 10.72
N GLU B 293 15.08 -31.30 10.05
CA GLU B 293 14.82 -31.45 8.62
C GLU B 293 16.10 -31.39 7.78
N GLU B 294 17.04 -30.52 8.14
CA GLU B 294 18.31 -30.44 7.40
C GLU B 294 19.16 -31.68 7.66
N GLN B 295 19.21 -32.14 8.90
CA GLN B 295 19.91 -33.37 9.25
C GLN B 295 19.38 -34.56 8.46
N ALA B 296 18.05 -34.68 8.42
CA ALA B 296 17.41 -35.73 7.64
C ALA B 296 17.74 -35.60 6.16
N PHE B 297 17.73 -34.37 5.65
CA PHE B 297 18.10 -34.15 4.26
C PHE B 297 19.53 -34.63 4.00
N LEU B 298 20.43 -34.37 4.92
CA LEU B 298 21.83 -34.74 4.72
C LEU B 298 22.00 -36.24 4.55
N SER B 299 21.30 -37.03 5.38
CA SER B 299 21.33 -38.49 5.24
C SER B 299 20.83 -38.91 3.88
N ARG B 300 19.73 -38.31 3.42
CA ARG B 300 19.20 -38.58 2.09
C ARG B 300 20.18 -38.16 0.99
N ARG B 301 20.74 -36.95 1.11
CA ARG B 301 21.61 -36.41 0.07
C ARG B 301 22.94 -37.18 -0.04
N LYS B 302 23.50 -37.57 1.10
CA LYS B 302 24.79 -38.25 1.12
C LYS B 302 24.81 -39.60 0.43
N GLN B 303 23.66 -40.27 0.36
CA GLN B 303 23.53 -41.47 -0.45
C GLN B 303 23.72 -41.16 -1.93
N VAL B 304 23.07 -40.09 -2.38
CA VAL B 304 23.16 -39.68 -3.78
C VAL B 304 24.59 -39.22 -4.08
N VAL B 305 25.21 -38.52 -3.14
CA VAL B 305 26.58 -38.06 -3.30
C VAL B 305 27.59 -39.22 -3.32
N ALA B 306 27.43 -40.16 -2.40
CA ALA B 306 28.32 -41.34 -2.33
C ALA B 306 28.34 -42.08 -3.66
N LYS B 307 27.14 -42.30 -4.22
CA LYS B 307 27.00 -42.96 -5.52
C LYS B 307 27.67 -42.16 -6.63
N ALA B 308 27.32 -40.88 -6.73
CA ALA B 308 27.87 -40.01 -7.79
C ALA B 308 29.39 -39.86 -7.68
N LEU B 309 29.90 -39.87 -6.46
CA LEU B 309 31.34 -39.81 -6.23
C LEU B 309 32.06 -41.08 -6.69
N LYS B 310 31.49 -42.23 -6.37
CA LYS B 310 32.07 -43.50 -6.81
C LYS B 310 32.21 -43.52 -8.33
N GLN B 311 31.15 -43.13 -9.02
CA GLN B 311 31.13 -43.12 -10.48
C GLN B 311 32.11 -42.11 -11.05
N ALA B 312 32.16 -40.92 -10.46
CA ALA B 312 32.99 -39.82 -10.98
C ALA B 312 34.49 -40.05 -10.74
N LEU B 313 34.83 -40.62 -9.61
CA LEU B 313 36.23 -40.90 -9.27
C LEU B 313 36.64 -42.35 -9.59
N GLN B 314 35.70 -43.14 -10.13
CA GLN B 314 35.94 -44.55 -10.42
C GLN B 314 36.51 -45.24 -9.20
N LEU B 315 35.84 -45.09 -8.05
CA LEU B 315 36.33 -45.58 -6.77
C LEU B 315 36.20 -47.09 -6.65
N ASP B 316 37.26 -47.70 -6.15
CA ASP B 316 37.31 -49.12 -5.81
C ASP B 316 36.04 -49.58 -5.10
N ARG B 317 35.84 -49.07 -3.89
CA ARG B 317 34.72 -49.52 -3.06
C ARG B 317 33.63 -48.47 -2.85
N ASP B 318 32.64 -48.86 -2.06
CA ASP B 318 31.55 -47.98 -1.69
C ASP B 318 31.94 -47.13 -0.49
N LEU B 319 31.54 -45.87 -0.54
CA LEU B 319 31.85 -44.93 0.52
C LEU B 319 30.99 -45.12 1.74
N GLN B 320 31.66 -45.13 2.88
CA GLN B 320 31.05 -45.04 4.17
C GLN B 320 30.45 -43.62 4.38
N GLU B 321 29.35 -43.54 5.12
CA GLU B 321 28.66 -42.25 5.34
C GLU B 321 29.60 -41.17 5.87
N ASP B 322 30.41 -41.55 6.85
CA ASP B 322 31.40 -40.66 7.45
C ASP B 322 32.56 -40.26 6.53
N GLU B 323 32.69 -40.93 5.39
CA GLU B 323 33.76 -40.59 4.45
C GLU B 323 33.27 -39.65 3.34
N VAL B 324 31.96 -39.46 3.21
CA VAL B 324 31.42 -38.65 2.12
C VAL B 324 31.74 -37.17 2.38
N PRO B 325 32.53 -36.55 1.49
CA PRO B 325 32.86 -35.14 1.69
C PRO B 325 31.66 -34.22 1.42
N VAL B 326 31.57 -33.15 2.18
CA VAL B 326 30.49 -32.17 2.02
C VAL B 326 30.98 -31.11 1.04
N VAL B 327 30.32 -31.04 -0.11
CA VAL B 327 30.69 -30.12 -1.18
C VAL B 327 29.62 -29.04 -1.32
N GLY B 328 30.08 -27.79 -1.46
CA GLY B 328 29.17 -26.66 -1.64
C GLY B 328 29.49 -25.86 -2.88
N ILE B 329 28.44 -25.34 -3.52
CA ILE B 329 28.56 -24.31 -4.55
C ILE B 329 28.20 -23.00 -3.91
N MET B 330 28.99 -21.97 -4.19
CA MET B 330 28.81 -20.66 -3.59
C MET B 330 28.89 -19.61 -4.70
N ALA B 331 27.77 -18.89 -4.90
CA ALA B 331 27.65 -17.94 -6.00
C ALA B 331 27.57 -16.54 -5.43
N THR B 332 28.14 -15.57 -6.16
CA THR B 332 28.10 -14.17 -5.79
C THR B 332 26.94 -13.49 -6.51
N GLY B 333 26.86 -12.17 -6.35
CA GLY B 333 25.85 -11.39 -7.05
C GLY B 333 26.29 -10.92 -8.42
N GLY B 334 25.40 -10.18 -9.07
CA GLY B 334 25.64 -9.58 -10.38
C GLY B 334 24.45 -9.68 -11.31
N GLY B 335 23.26 -9.37 -10.81
CA GLY B 335 22.05 -9.30 -11.65
C GLY B 335 21.89 -10.43 -12.65
N ALA B 336 21.43 -10.10 -13.84
CA ALA B 336 21.21 -11.08 -14.92
C ALA B 336 22.49 -11.74 -15.41
N ARG B 337 23.62 -11.04 -15.24
CA ARG B 337 24.93 -11.59 -15.58
C ARG B 337 25.19 -12.81 -14.70
N ALA B 338 25.05 -12.65 -13.39
CA ALA B 338 25.20 -13.75 -12.44
C ALA B 338 24.20 -14.86 -12.74
N MET B 339 22.95 -14.50 -13.00
CA MET B 339 21.91 -15.48 -13.28
C MET B 339 22.27 -16.35 -14.48
N THR B 340 22.66 -15.70 -15.58
CA THR B 340 23.00 -16.39 -16.83
C THR B 340 24.21 -17.30 -16.65
N SER B 341 25.28 -16.73 -16.11
CA SER B 341 26.53 -17.46 -15.96
C SER B 341 26.37 -18.68 -15.04
N LEU B 342 25.59 -18.54 -13.98
CA LEU B 342 25.34 -19.61 -13.03
C LEU B 342 24.61 -20.79 -13.68
N TYR B 343 23.66 -20.49 -14.56
CA TYR B 343 23.02 -21.52 -15.37
C TYR B 343 24.06 -22.37 -16.12
N GLY B 344 25.03 -21.68 -16.71
CA GLY B 344 26.12 -22.32 -17.44
C GLY B 344 26.99 -23.17 -16.54
N HIS B 345 27.31 -22.66 -15.35
CA HIS B 345 28.10 -23.40 -14.38
C HIS B 345 27.38 -24.67 -13.93
N LEU B 346 26.07 -24.57 -13.74
CA LEU B 346 25.26 -25.73 -13.34
C LEU B 346 25.17 -26.75 -14.48
N LEU B 347 25.05 -26.27 -15.72
CA LEU B 347 25.02 -27.15 -16.89
C LEU B 347 26.31 -27.99 -16.98
N ALA B 348 27.45 -27.32 -16.78
CA ALA B 348 28.74 -27.99 -16.77
C ALA B 348 28.78 -29.09 -15.72
N LEU B 349 28.45 -28.75 -14.48
CA LEU B 349 28.50 -29.71 -13.39
C LEU B 349 27.58 -30.91 -13.66
N GLN B 350 26.45 -30.65 -14.30
CA GLN B 350 25.51 -31.72 -14.65
C GLN B 350 26.15 -32.66 -15.68
N LYS B 351 26.64 -32.08 -16.77
CA LYS B 351 27.28 -32.85 -17.84
C LYS B 351 28.46 -33.68 -17.33
N LEU B 352 29.24 -33.12 -16.41
CA LEU B 352 30.35 -33.84 -15.81
C LEU B 352 29.92 -34.86 -14.76
N GLY B 353 28.63 -34.91 -14.46
CA GLY B 353 28.11 -35.81 -13.42
C GLY B 353 28.54 -35.40 -12.02
N LEU B 354 28.92 -34.14 -11.83
CA LEU B 354 29.41 -33.68 -10.54
C LEU B 354 28.38 -32.89 -9.73
N LEU B 355 27.28 -32.51 -10.36
CA LEU B 355 26.19 -31.82 -9.66
C LEU B 355 25.63 -32.71 -8.55
N ASP B 356 25.53 -34.02 -8.82
CA ASP B 356 25.07 -34.99 -7.82
C ASP B 356 26.02 -35.17 -6.64
N CYS B 357 27.25 -34.67 -6.75
CA CYS B 357 28.19 -34.66 -5.64
C CYS B 357 28.05 -33.44 -4.72
N VAL B 358 27.18 -32.49 -5.06
CA VAL B 358 27.04 -31.24 -4.30
C VAL B 358 25.96 -31.35 -3.23
N THR B 359 26.31 -31.01 -2.00
CA THR B 359 25.36 -31.02 -0.88
C THR B 359 24.65 -29.67 -0.70
N TYR B 360 25.43 -28.59 -0.72
CA TYR B 360 24.91 -27.24 -0.46
C TYR B 360 25.07 -26.30 -1.65
N PHE B 361 24.12 -25.39 -1.81
CA PHE B 361 24.10 -24.46 -2.94
C PHE B 361 23.65 -23.09 -2.39
N SER B 362 24.62 -22.20 -2.18
CA SER B 362 24.36 -20.86 -1.64
C SER B 362 24.48 -19.77 -2.71
N GLY B 363 23.69 -18.73 -2.54
CA GLY B 363 23.69 -17.60 -3.46
C GLY B 363 23.13 -16.32 -2.87
N ILE B 364 23.44 -15.22 -3.54
CA ILE B 364 22.94 -13.89 -3.20
C ILE B 364 22.55 -13.15 -4.48
N SER B 365 21.72 -12.13 -4.32
CA SER B 365 21.36 -11.21 -5.41
C SER B 365 20.90 -11.96 -6.69
N GLY B 366 21.41 -11.60 -7.88
CA GLY B 366 21.00 -12.24 -9.15
C GLY B 366 21.12 -13.75 -9.23
N SER B 367 22.06 -14.32 -8.47
CA SER B 367 22.19 -15.78 -8.41
C SER B 367 20.95 -16.47 -7.86
N THR B 368 20.23 -15.79 -6.95
CA THR B 368 19.00 -16.34 -6.36
C THR B 368 17.89 -16.51 -7.39
N TRP B 369 17.95 -15.76 -8.49
CA TRP B 369 16.95 -15.88 -9.55
C TRP B 369 17.06 -17.24 -10.23
N THR B 370 18.30 -17.65 -10.50
CA THR B 370 18.57 -18.96 -11.08
C THR B 370 18.08 -20.05 -10.12
N MET B 371 18.47 -19.91 -8.86
CA MET B 371 18.12 -20.86 -7.83
C MET B 371 16.60 -20.98 -7.69
N ALA B 372 15.93 -19.86 -7.60
CA ALA B 372 14.47 -19.85 -7.40
C ALA B 372 13.74 -20.52 -8.56
N HIS B 373 14.12 -20.16 -9.78
CA HIS B 373 13.50 -20.77 -10.95
C HIS B 373 13.68 -22.30 -10.95
N LEU B 374 14.91 -22.75 -10.73
CA LEU B 374 15.22 -24.17 -10.80
C LEU B 374 14.51 -24.96 -9.71
N TYR B 375 14.56 -24.46 -8.48
CA TYR B 375 13.95 -25.16 -7.35
C TYR B 375 12.41 -25.14 -7.36
N GLY B 376 11.80 -24.42 -8.30
CA GLY B 376 10.39 -24.61 -8.61
C GLY B 376 10.06 -25.96 -9.24
N ASP B 377 11.05 -26.57 -9.90
CA ASP B 377 10.95 -27.94 -10.41
C ASP B 377 11.63 -28.89 -9.41
N PRO B 378 10.85 -29.77 -8.75
CA PRO B 378 11.42 -30.69 -7.75
C PRO B 378 12.49 -31.66 -8.28
N GLU B 379 12.58 -31.79 -9.60
CA GLU B 379 13.52 -32.71 -10.24
C GLU B 379 14.60 -32.01 -11.06
N TRP B 380 14.82 -30.72 -10.82
CA TRP B 380 15.62 -29.91 -11.75
C TRP B 380 17.02 -30.46 -12.05
N SER B 381 17.77 -30.91 -11.06
CA SER B 381 19.14 -31.40 -11.30
C SER B 381 19.14 -32.77 -11.97
N GLN B 382 18.01 -33.46 -11.94
CA GLN B 382 17.85 -34.76 -12.61
C GLN B 382 17.30 -34.61 -14.02
N ARG B 383 17.05 -33.38 -14.46
CA ARG B 383 16.52 -33.15 -15.78
C ARG B 383 17.44 -32.25 -16.56
N ASP B 384 17.35 -32.35 -17.88
CA ASP B 384 18.20 -31.60 -18.77
C ASP B 384 18.04 -30.12 -18.45
N LEU B 385 19.14 -29.48 -18.10
CA LEU B 385 19.13 -28.05 -17.78
C LEU B 385 18.84 -27.17 -18.99
N GLU B 386 18.99 -27.71 -20.19
CA GLU B 386 18.76 -26.93 -21.41
C GLU B 386 17.33 -26.36 -21.51
N GLY B 387 16.37 -27.01 -20.85
CA GLY B 387 15.00 -26.49 -20.80
C GLY B 387 14.88 -25.16 -20.07
N PRO B 388 15.24 -25.15 -18.77
CA PRO B 388 15.31 -23.92 -18.00
C PRO B 388 16.23 -22.85 -18.62
N ILE B 389 17.31 -23.27 -19.26
CA ILE B 389 18.20 -22.35 -19.96
C ILE B 389 17.45 -21.60 -21.04
N ARG B 390 16.71 -22.34 -21.86
CA ARG B 390 15.94 -21.78 -22.96
C ARG B 390 14.91 -20.79 -22.44
N TYR B 391 14.18 -21.21 -21.42
CA TYR B 391 13.19 -20.37 -20.74
C TYR B 391 13.81 -19.03 -20.34
N ALA B 392 14.94 -19.08 -19.65
CA ALA B 392 15.63 -17.88 -19.19
C ALA B 392 16.11 -17.02 -20.35
N ARG B 393 16.65 -17.66 -21.38
CA ARG B 393 17.14 -16.95 -22.56
C ARG B 393 16.02 -16.17 -23.24
N GLU B 394 14.88 -16.81 -23.40
CA GLU B 394 13.75 -16.20 -24.11
C GLU B 394 13.19 -14.99 -23.34
N HIS B 395 13.06 -15.13 -22.03
CA HIS B 395 12.58 -14.03 -21.19
C HIS B 395 13.59 -12.91 -21.10
N LEU B 396 14.87 -13.24 -21.11
CA LEU B 396 15.91 -12.22 -21.05
C LEU B 396 16.02 -11.48 -22.40
N ALA B 397 15.56 -12.13 -23.48
CA ALA B 397 15.60 -11.55 -24.83
C ALA B 397 14.45 -10.60 -25.15
N LYS B 398 13.27 -10.86 -24.57
CA LYS B 398 12.08 -10.05 -24.88
C LYS B 398 12.24 -8.59 -24.48
N SER B 399 11.51 -7.71 -25.15
CA SER B 399 11.59 -6.28 -24.88
C SER B 399 11.02 -5.94 -23.50
N LYS B 400 11.81 -5.23 -22.72
CA LYS B 400 11.39 -4.83 -21.38
C LYS B 400 10.65 -3.50 -21.37
N LEU B 401 10.48 -2.88 -22.53
CA LEU B 401 9.62 -1.73 -22.62
C LEU B 401 8.20 -2.20 -22.88
N GLU B 402 8.04 -3.17 -23.78
CA GLU B 402 6.71 -3.68 -24.12
C GLU B 402 6.13 -4.61 -23.04
N VAL B 403 6.98 -5.13 -22.15
CA VAL B 403 6.51 -5.96 -21.03
C VAL B 403 5.61 -5.12 -20.11
N PHE B 404 5.91 -3.83 -20.00
CA PHE B 404 5.11 -2.89 -19.20
C PHE B 404 3.92 -2.34 -19.98
N SER B 405 3.09 -3.27 -20.41
CA SER B 405 1.79 -3.00 -21.03
C SER B 405 0.84 -2.32 -20.04
N PRO B 406 -0.20 -1.64 -20.55
CA PRO B 406 -1.23 -1.10 -19.68
C PRO B 406 -1.89 -2.15 -18.78
N GLU B 407 -2.18 -3.34 -19.32
CA GLU B 407 -2.74 -4.43 -18.51
C GLU B 407 -1.82 -4.79 -17.35
N ARG B 408 -0.54 -4.89 -17.64
CA ARG B 408 0.46 -5.24 -16.64
C ARG B 408 0.61 -4.17 -15.55
N LEU B 409 0.70 -2.91 -15.98
CA LEU B 409 0.81 -1.79 -15.05
C LEU B 409 -0.42 -1.69 -14.14
N ALA B 410 -1.60 -1.88 -14.72
CA ALA B 410 -2.85 -1.92 -13.97
C ALA B 410 -2.85 -3.05 -12.93
N SER B 411 -2.35 -4.22 -13.33
CA SER B 411 -2.23 -5.36 -12.42
C SER B 411 -1.32 -5.05 -11.25
N TYR B 412 -0.22 -4.36 -11.50
CA TYR B 412 0.68 -3.99 -10.41
C TYR B 412 -0.06 -3.13 -9.41
N ARG B 413 -0.75 -2.11 -9.93
CA ARG B 413 -1.46 -1.17 -9.08
C ARG B 413 -2.53 -1.85 -8.26
N ARG B 414 -3.30 -2.71 -8.93
CA ARG B 414 -4.39 -3.43 -8.30
C ARG B 414 -3.84 -4.31 -7.19
N GLU B 415 -2.76 -5.02 -7.46
CA GLU B 415 -2.16 -5.88 -6.44
C GLU B 415 -1.64 -5.08 -5.26
N LEU B 416 -0.96 -3.96 -5.53
CA LEU B 416 -0.42 -3.14 -4.45
C LEU B 416 -1.54 -2.49 -3.62
N GLU B 417 -2.65 -2.15 -4.26
CA GLU B 417 -3.82 -1.61 -3.55
C GLU B 417 -4.42 -2.66 -2.60
N LEU B 418 -4.54 -3.91 -3.07
CA LEU B 418 -5.07 -4.97 -2.23
C LEU B 418 -4.14 -5.21 -1.05
N ARG B 419 -2.85 -5.35 -1.33
CA ARG B 419 -1.85 -5.56 -0.28
C ARG B 419 -1.93 -4.50 0.81
N ALA B 420 -2.07 -3.25 0.39
CA ALA B 420 -2.19 -2.14 1.34
C ALA B 420 -3.42 -2.31 2.23
N GLU B 421 -4.56 -2.65 1.64
CA GLU B 421 -5.79 -2.90 2.40
C GLU B 421 -5.64 -4.09 3.34
N GLN B 422 -4.86 -5.09 2.93
CA GLN B 422 -4.56 -6.24 3.77
C GLN B 422 -3.61 -5.90 4.93
N GLY B 423 -2.97 -4.73 4.88
CA GLY B 423 -2.14 -4.28 5.98
C GLY B 423 -0.66 -4.43 5.75
N HIS B 424 -0.27 -4.86 4.54
CA HIS B 424 1.14 -4.90 4.18
C HIS B 424 1.62 -3.48 3.92
N PRO B 425 2.90 -3.21 4.25
CA PRO B 425 3.47 -1.93 3.85
C PRO B 425 3.75 -1.93 2.35
N THR B 426 3.91 -0.74 1.78
CA THR B 426 4.26 -0.59 0.38
C THR B 426 5.64 0.05 0.25
N THR B 427 6.59 -0.70 -0.31
CA THR B 427 7.94 -0.20 -0.47
C THR B 427 8.44 -0.44 -1.89
N PHE B 428 9.63 0.06 -2.18
CA PHE B 428 10.28 -0.16 -3.47
C PHE B 428 10.45 -1.65 -3.75
N VAL B 429 10.71 -2.42 -2.69
CA VAL B 429 10.87 -3.86 -2.79
C VAL B 429 9.62 -4.53 -3.33
N ASP B 430 8.46 -4.02 -2.93
CA ASP B 430 7.20 -4.59 -3.40
C ASP B 430 7.01 -4.36 -4.88
N LEU B 431 7.36 -3.17 -5.37
CA LEU B 431 7.21 -2.91 -6.81
C LEU B 431 8.24 -3.70 -7.58
N TRP B 432 9.46 -3.74 -7.06
CA TRP B 432 10.54 -4.48 -7.70
C TRP B 432 10.19 -5.96 -7.82
N ALA B 433 9.52 -6.50 -6.80
CA ALA B 433 9.05 -7.87 -6.84
C ALA B 433 8.17 -8.14 -8.04
N LEU B 434 7.22 -7.26 -8.29
CA LEU B 434 6.25 -7.46 -9.37
C LEU B 434 6.89 -7.28 -10.74
N VAL B 435 7.75 -6.27 -10.85
CA VAL B 435 8.45 -5.99 -12.08
C VAL B 435 9.45 -7.09 -12.43
N LEU B 436 10.24 -7.50 -11.44
CA LEU B 436 11.19 -8.60 -11.62
C LEU B 436 10.45 -9.86 -12.05
N GLU B 437 9.33 -10.15 -11.39
CA GLU B 437 8.50 -11.30 -11.74
C GLU B 437 8.07 -11.24 -13.19
N SER B 438 7.62 -10.07 -13.62
CA SER B 438 7.21 -9.85 -15.01
C SER B 438 8.37 -10.06 -16.01
N MET B 439 9.57 -9.65 -15.64
CA MET B 439 10.73 -9.78 -16.54
C MET B 439 11.20 -11.22 -16.65
N LEU B 440 11.22 -11.93 -15.53
CA LEU B 440 11.68 -13.32 -15.50
C LEU B 440 10.65 -14.29 -16.05
N HIS B 441 9.36 -14.03 -15.82
CA HIS B 441 8.29 -14.96 -16.24
C HIS B 441 7.13 -14.43 -17.08
N GLY B 442 6.97 -13.12 -17.17
CA GLY B 442 5.83 -12.56 -17.90
C GLY B 442 4.44 -12.87 -17.34
N GLN B 443 4.39 -13.45 -16.15
CA GLN B 443 3.13 -13.72 -15.45
C GLN B 443 3.37 -13.90 -13.96
N VAL B 444 2.27 -13.94 -13.21
CA VAL B 444 2.29 -14.30 -11.81
C VAL B 444 2.82 -15.72 -11.68
N MET B 445 3.84 -15.90 -10.84
CA MET B 445 4.50 -17.18 -10.68
C MET B 445 4.22 -17.68 -9.26
N ASP B 446 3.19 -18.51 -9.13
CA ASP B 446 2.69 -18.87 -7.80
C ASP B 446 3.47 -20.03 -7.17
N GLN B 447 4.74 -19.78 -6.89
CA GLN B 447 5.60 -20.73 -6.21
C GLN B 447 6.14 -20.04 -4.97
N LYS B 448 6.39 -20.84 -3.93
CA LYS B 448 6.83 -20.31 -2.65
C LYS B 448 8.07 -21.04 -2.16
N LEU B 449 8.86 -20.38 -1.32
CA LEU B 449 10.06 -20.97 -0.77
C LEU B 449 9.79 -22.30 -0.08
N SER B 450 8.69 -22.38 0.67
CA SER B 450 8.32 -23.61 1.36
C SER B 450 8.08 -24.78 0.39
N GLY B 451 7.59 -24.47 -0.81
CA GLY B 451 7.37 -25.47 -1.85
C GLY B 451 8.64 -26.11 -2.38
N GLN B 452 9.79 -25.48 -2.10
CA GLN B 452 11.09 -26.03 -2.50
C GLN B 452 11.50 -27.26 -1.68
N ARG B 453 10.83 -27.50 -0.55
CA ARG B 453 11.05 -28.73 0.21
C ARG B 453 10.81 -29.99 -0.62
N ALA B 454 9.90 -29.91 -1.59
CA ALA B 454 9.62 -31.04 -2.49
C ALA B 454 10.86 -31.41 -3.31
N ALA B 455 11.67 -30.41 -3.67
CA ALA B 455 12.93 -30.64 -4.39
C ALA B 455 14.00 -31.35 -3.56
N LEU B 456 13.76 -31.51 -2.26
CA LEU B 456 14.71 -32.11 -1.36
C LEU B 456 14.23 -33.40 -0.70
N GLU B 457 13.02 -33.86 -1.04
CA GLU B 457 12.37 -34.96 -0.31
C GLU B 457 13.11 -36.30 -0.47
N ARG B 458 13.77 -36.50 -1.62
CA ARG B 458 14.56 -37.71 -1.86
C ARG B 458 16.07 -37.44 -1.90
N GLY B 459 16.47 -36.27 -1.42
CA GLY B 459 17.87 -35.83 -1.51
C GLY B 459 18.32 -35.68 -2.95
N GLN B 460 17.38 -35.37 -3.84
CA GLN B 460 17.65 -35.39 -5.28
C GLN B 460 18.22 -34.06 -5.83
N ASN B 461 18.31 -33.05 -4.97
CA ASN B 461 18.97 -31.79 -5.31
C ASN B 461 19.77 -31.32 -4.11
N PRO B 462 20.74 -30.40 -4.31
CA PRO B 462 21.41 -29.80 -3.15
C PRO B 462 20.47 -28.90 -2.33
N LEU B 463 20.79 -28.66 -1.07
CA LEU B 463 20.02 -27.72 -0.24
C LEU B 463 20.36 -26.28 -0.67
N PRO B 464 19.36 -25.50 -1.09
CA PRO B 464 19.61 -24.12 -1.50
C PRO B 464 19.59 -23.16 -0.31
N LEU B 465 20.57 -22.26 -0.27
CA LEU B 465 20.71 -21.29 0.81
C LEU B 465 20.79 -19.88 0.23
N TYR B 466 19.81 -19.05 0.56
CA TYR B 466 19.73 -17.69 0.05
C TYR B 466 20.04 -16.74 1.20
N LEU B 467 20.87 -15.72 0.95
CA LEU B 467 21.31 -14.81 2.03
C LEU B 467 20.85 -13.37 1.86
N SER B 468 20.61 -12.74 3.01
CA SER B 468 20.39 -11.30 3.10
C SER B 468 20.97 -10.76 4.40
N LEU B 469 21.11 -9.44 4.48
CA LEU B 469 21.60 -8.76 5.68
C LEU B 469 20.48 -7.98 6.35
N ASN B 470 20.35 -8.13 7.67
CA ASN B 470 19.49 -7.26 8.46
C ASN B 470 20.29 -6.04 8.91
N VAL B 471 19.72 -4.88 8.68
CA VAL B 471 20.40 -3.62 8.89
C VAL B 471 19.51 -2.74 9.81
N LYS B 472 20.09 -1.73 10.45
CA LYS B 472 19.27 -0.70 11.13
C LYS B 472 18.84 0.35 10.10
N GLU B 473 17.55 0.65 10.03
CA GLU B 473 17.00 1.55 9.01
C GLU B 473 16.98 3.01 9.45
N ASN B 474 17.42 3.93 8.58
CA ASN B 474 17.36 5.38 8.88
C ASN B 474 18.13 5.79 10.14
N ASN B 475 19.30 5.19 10.34
CA ASN B 475 20.13 5.49 11.52
C ASN B 475 21.55 5.74 11.03
N LEU B 476 21.96 7.00 11.03
CA LEU B 476 23.23 7.41 10.43
C LEU B 476 24.42 6.88 11.25
N GLU B 477 24.24 6.78 12.56
CA GLU B 477 25.15 5.99 13.38
C GLU B 477 24.69 4.56 13.13
N THR B 478 25.57 3.57 13.35
CA THR B 478 25.23 2.17 13.12
C THR B 478 25.11 1.79 11.62
N LEU B 479 25.87 2.46 10.76
CA LEU B 479 25.77 2.27 9.30
C LEU B 479 26.18 0.84 8.92
N ASP B 480 27.26 0.39 9.57
CA ASP B 480 27.87 -0.91 9.32
C ASP B 480 27.49 -2.00 10.34
N PHE B 481 26.43 -1.76 11.11
CA PHE B 481 25.74 -2.82 11.84
C PHE B 481 25.01 -3.72 10.85
N LYS B 482 25.31 -5.00 10.87
CA LYS B 482 24.77 -5.92 9.85
C LYS B 482 24.80 -7.35 10.33
N GLU B 483 23.67 -8.02 10.17
CA GLU B 483 23.43 -9.39 10.65
C GLU B 483 22.97 -10.27 9.50
N TRP B 484 23.61 -11.42 9.34
CA TRP B 484 23.28 -12.33 8.26
C TRP B 484 21.98 -13.07 8.58
N VAL B 485 21.05 -13.00 7.64
CA VAL B 485 19.80 -13.76 7.70
C VAL B 485 19.79 -14.76 6.54
N GLU B 486 19.79 -16.03 6.92
CA GLU B 486 19.84 -17.13 5.96
C GLU B 486 18.44 -17.65 5.67
N PHE B 487 18.15 -17.93 4.38
CA PHE B 487 16.89 -18.54 3.97
C PHE B 487 17.14 -19.90 3.34
N SER B 488 16.35 -20.90 3.77
CA SER B 488 16.31 -22.21 3.09
C SER B 488 14.87 -22.71 3.06
N PRO B 489 14.61 -23.78 2.28
CA PRO B 489 13.27 -24.36 2.28
C PRO B 489 12.81 -24.90 3.64
N TYR B 490 13.76 -25.19 4.54
CA TYR B 490 13.44 -25.68 5.87
C TYR B 490 13.36 -24.58 6.93
N GLU B 491 14.23 -23.57 6.87
CA GLU B 491 14.16 -22.51 7.86
C GLU B 491 14.85 -21.20 7.46
N VAL B 492 14.38 -20.13 8.09
CA VAL B 492 14.83 -18.77 7.86
C VAL B 492 15.21 -18.21 9.22
N GLY B 493 16.41 -17.65 9.32
CA GLY B 493 16.85 -17.13 10.61
C GLY B 493 18.22 -16.49 10.68
N PHE B 494 18.56 -16.08 11.89
CA PHE B 494 19.77 -15.33 12.18
C PHE B 494 20.85 -16.29 12.62
N LEU B 495 21.97 -16.29 11.90
CA LEU B 495 23.14 -17.07 12.29
C LEU B 495 23.68 -16.60 13.67
N LYS B 496 23.72 -15.29 13.89
CA LYS B 496 24.23 -14.74 15.15
C LYS B 496 23.42 -15.16 16.40
N TYR B 497 22.10 -15.23 16.28
CA TYR B 497 21.23 -15.47 17.46
C TYR B 497 20.76 -16.92 17.58
N GLY B 498 21.05 -17.74 16.58
CA GLY B 498 20.64 -19.14 16.59
C GLY B 498 19.14 -19.30 16.69
N ALA B 499 18.41 -18.55 15.86
CA ALA B 499 16.96 -18.46 15.99
C ALA B 499 16.34 -18.45 14.60
N PHE B 500 15.43 -19.39 14.37
CA PHE B 500 14.92 -19.65 13.04
C PHE B 500 13.43 -19.94 13.05
N VAL B 501 12.77 -19.69 11.92
CA VAL B 501 11.39 -20.10 11.72
C VAL B 501 11.27 -20.78 10.37
N PRO B 502 10.24 -21.63 10.20
CA PRO B 502 9.99 -22.16 8.87
C PRO B 502 9.68 -21.04 7.89
N PRO B 503 10.07 -21.21 6.62
CA PRO B 503 9.90 -20.13 5.66
C PRO B 503 8.45 -19.68 5.53
N GLU B 504 7.50 -20.61 5.70
CA GLU B 504 6.08 -20.28 5.61
C GLU B 504 5.64 -19.30 6.69
N LEU B 505 6.38 -19.21 7.79
CA LEU B 505 6.08 -18.27 8.85
C LEU B 505 6.88 -16.96 8.80
N PHE B 506 7.84 -16.85 7.89
CA PHE B 506 8.63 -15.62 7.76
C PHE B 506 7.75 -14.50 7.21
N GLY B 507 7.68 -13.40 7.95
CA GLY B 507 6.77 -12.32 7.64
C GLY B 507 5.55 -12.28 8.54
N SER B 508 5.39 -13.32 9.36
CA SER B 508 4.30 -13.34 10.35
C SER B 508 4.72 -12.57 11.59
N GLU B 509 3.76 -12.29 12.45
CA GLU B 509 4.02 -11.51 13.66
C GLU B 509 4.21 -12.43 14.86
N PHE B 510 5.22 -12.12 15.66
CA PHE B 510 5.62 -12.97 16.76
C PHE B 510 5.78 -12.17 18.02
N PHE B 511 5.70 -12.87 19.16
CA PHE B 511 6.08 -12.31 20.45
C PHE B 511 6.63 -13.39 21.36
N MET B 512 7.84 -13.16 21.87
CA MET B 512 8.52 -14.11 22.76
C MET B 512 8.56 -15.53 22.17
N GLY B 513 8.80 -15.61 20.86
CA GLY B 513 8.95 -16.89 20.20
C GLY B 513 7.65 -17.54 19.80
N ARG B 514 6.51 -16.96 20.20
CA ARG B 514 5.19 -17.47 19.81
C ARG B 514 4.63 -16.73 18.61
N LEU B 515 3.92 -17.46 17.77
CA LEU B 515 3.24 -16.87 16.63
C LEU B 515 2.02 -16.10 17.12
N MET B 516 1.98 -14.80 16.84
CA MET B 516 0.88 -13.92 17.27
C MET B 516 -0.15 -13.72 16.16
N ARG B 517 0.33 -13.56 14.93
CA ARG B 517 -0.58 -13.43 13.79
C ARG B 517 0.06 -13.99 12.52
N ARG B 518 -0.57 -15.02 11.98
CA ARG B 518 -0.10 -15.68 10.78
C ARG B 518 -0.43 -14.85 9.54
N ILE B 519 0.60 -14.49 8.78
CA ILE B 519 0.44 -13.80 7.51
C ILE B 519 0.74 -14.82 6.42
N PRO B 520 -0.06 -14.85 5.35
CA PRO B 520 0.21 -15.84 4.29
C PRO B 520 1.64 -15.73 3.71
N GLU B 521 2.29 -16.86 3.49
CA GLU B 521 3.62 -16.89 2.88
C GLU B 521 3.54 -16.22 1.51
N PRO B 522 4.46 -15.30 1.22
CA PRO B 522 4.38 -14.65 -0.07
C PRO B 522 4.90 -15.50 -1.23
N ARG B 523 4.50 -15.10 -2.42
CA ARG B 523 5.04 -15.58 -3.67
C ARG B 523 6.57 -15.37 -3.67
N ILE B 524 7.32 -16.26 -4.34
CA ILE B 524 8.78 -16.22 -4.26
C ILE B 524 9.41 -14.93 -4.83
N CYS B 525 8.75 -14.29 -5.78
CA CYS B 525 9.24 -13.02 -6.31
C CYS B 525 9.47 -11.97 -5.23
N PHE B 526 8.71 -12.04 -4.13
CA PHE B 526 8.87 -11.11 -3.02
C PHE B 526 10.15 -11.37 -2.24
N LEU B 527 10.56 -12.63 -2.15
CA LEU B 527 11.85 -12.95 -1.55
C LEU B 527 12.98 -12.62 -2.53
N GLU B 528 12.80 -12.95 -3.80
CA GLU B 528 13.78 -12.58 -4.81
C GLU B 528 14.05 -11.08 -4.80
N ALA B 529 13.00 -10.29 -4.58
CA ALA B 529 13.13 -8.83 -4.52
C ALA B 529 14.01 -8.38 -3.36
N ILE B 530 13.86 -9.00 -2.18
CA ILE B 530 14.69 -8.75 -0.99
C ILE B 530 16.13 -9.13 -1.28
N TRP B 531 16.31 -10.33 -1.80
CA TRP B 531 17.64 -10.88 -2.07
C TRP B 531 18.41 -10.02 -3.07
N SER B 532 17.70 -9.44 -4.03
CA SER B 532 18.31 -8.63 -5.07
C SER B 532 17.87 -7.16 -4.98
N ASN B 533 17.57 -6.67 -3.77
CA ASN B 533 17.08 -5.27 -3.63
C ASN B 533 18.12 -4.16 -3.82
N ILE B 534 19.34 -4.52 -4.22
CA ILE B 534 20.26 -3.52 -4.78
C ILE B 534 19.54 -2.80 -5.93
N PHE B 535 18.66 -3.50 -6.62
CA PHE B 535 17.89 -2.91 -7.71
C PHE B 535 16.88 -1.86 -7.27
N SER B 536 16.40 -1.95 -6.03
CA SER B 536 15.56 -0.90 -5.43
C SER B 536 16.34 0.40 -5.35
N LEU B 537 17.61 0.32 -4.98
CA LEU B 537 18.43 1.51 -4.93
C LEU B 537 18.74 2.03 -6.34
N ASN B 538 18.98 1.13 -7.29
CA ASN B 538 19.21 1.57 -8.66
C ASN B 538 17.97 2.23 -9.27
N LEU B 539 16.79 1.75 -8.88
CA LEU B 539 15.54 2.32 -9.38
C LEU B 539 15.38 3.72 -8.79
N LEU B 540 15.76 3.88 -7.53
CA LEU B 540 15.62 5.16 -6.85
C LEU B 540 16.53 6.23 -7.46
N ASP B 541 17.79 5.88 -7.75
CA ASP B 541 18.72 6.81 -8.40
C ASP B 541 18.35 7.15 -9.84
N ALA B 542 17.94 6.15 -10.60
CA ALA B 542 17.54 6.36 -11.99
C ALA B 542 16.28 7.23 -12.10
N TRP B 543 15.41 7.17 -11.10
CA TRP B 543 14.11 7.85 -11.15
C TRP B 543 14.04 9.21 -10.50
N TYR B 544 14.69 9.35 -9.34
CA TYR B 544 14.55 10.52 -8.48
C TYR B 544 15.86 11.25 -8.40
N ASP B 545 15.84 12.53 -8.79
CA ASP B 545 17.01 13.38 -8.64
C ASP B 545 17.18 13.69 -7.16
N LEU B 546 17.78 12.76 -6.41
CA LEU B 546 17.97 12.95 -4.97
C LEU B 546 19.05 13.98 -4.69
N THR B 547 18.61 15.24 -4.69
CA THR B 547 19.35 16.37 -4.16
C THR B 547 18.40 16.91 -3.11
N SER B 548 18.03 16.03 -2.19
CA SER B 548 16.81 16.17 -1.39
C SER B 548 17.00 15.77 0.07
N SER B 549 15.87 15.69 0.79
CA SER B 549 15.82 15.40 2.22
C SER B 549 16.22 13.97 2.60
N GLY B 550 15.71 12.98 1.87
CA GLY B 550 15.89 11.57 2.20
C GLY B 550 17.36 11.14 2.26
N GLU B 551 17.87 11.00 3.50
CA GLU B 551 19.27 10.63 3.74
C GLU B 551 19.49 9.12 3.88
N SER B 552 18.51 8.33 3.44
CA SER B 552 18.68 6.91 3.16
C SER B 552 19.33 6.80 1.80
N TRP B 553 20.65 6.99 1.76
CA TRP B 553 21.41 7.03 0.49
C TRP B 553 22.05 5.67 0.21
N LYS B 554 22.66 5.07 1.24
CA LYS B 554 23.38 3.80 1.12
C LYS B 554 24.44 3.80 -0.01
N GLN B 555 24.01 4.11 -1.23
CA GLN B 555 24.86 4.68 -2.29
C GLN B 555 26.04 3.84 -2.75
N HIS B 556 25.90 2.51 -2.72
CA HIS B 556 26.91 1.61 -3.25
C HIS B 556 26.35 0.93 -4.50
N GLU B 567 32.75 -1.49 -12.43
CA GLU B 567 32.22 -2.03 -13.68
C GLU B 567 32.63 -1.17 -14.88
N PRO B 568 32.76 -1.79 -16.08
CA PRO B 568 33.29 -1.09 -17.25
C PRO B 568 32.49 0.15 -17.63
N LEU B 569 33.18 1.29 -17.75
CA LEU B 569 32.53 2.56 -18.06
C LEU B 569 31.93 2.58 -19.45
N THR B 570 31.03 3.53 -19.69
CA THR B 570 30.32 3.65 -20.97
C THR B 570 31.21 4.29 -22.02
N THR B 571 30.69 4.41 -23.24
CA THR B 571 31.41 5.11 -24.32
C THR B 571 31.63 6.59 -23.97
N SER B 572 30.76 7.14 -23.11
CA SER B 572 30.88 8.52 -22.64
C SER B 572 31.87 8.69 -21.47
N GLY B 573 32.44 7.59 -21.00
CA GLY B 573 33.33 7.62 -19.85
C GLY B 573 32.60 7.70 -18.52
N THR B 574 31.30 7.41 -18.53
CA THR B 574 30.46 7.46 -17.32
C THR B 574 30.11 6.05 -16.83
N SER B 575 29.58 5.96 -15.62
CA SER B 575 29.20 4.69 -15.02
C SER B 575 28.13 3.98 -15.85
N SER B 576 28.27 2.66 -15.96
CA SER B 576 27.30 1.84 -16.68
C SER B 576 26.13 1.40 -15.77
N ARG B 577 26.19 1.76 -14.49
CA ARG B 577 25.27 1.23 -13.47
C ARG B 577 23.81 1.51 -13.76
N LEU B 578 23.46 2.79 -13.90
CA LEU B 578 22.08 3.20 -14.12
C LEU B 578 21.75 3.38 -15.60
N GLU B 579 22.06 2.37 -16.41
CA GLU B 579 21.74 2.41 -17.83
C GLU B 579 21.28 1.06 -18.35
N ALA B 580 19.96 0.97 -18.51
CA ALA B 580 19.29 -0.13 -19.15
C ALA B 580 17.90 0.39 -19.50
N SER B 581 17.25 -0.23 -20.47
CA SER B 581 16.00 0.31 -20.99
C SER B 581 14.90 0.40 -19.93
N TRP B 582 14.68 -0.70 -19.22
CA TRP B 582 13.59 -0.78 -18.22
C TRP B 582 13.69 0.27 -17.11
N LEU B 583 14.92 0.70 -16.84
CA LEU B 583 15.23 1.52 -15.68
C LEU B 583 15.10 3.05 -15.91
N GLN B 584 14.95 3.47 -17.17
CA GLN B 584 15.02 4.89 -17.51
C GLN B 584 13.79 5.70 -17.10
N PRO B 585 14.00 7.01 -16.80
CA PRO B 585 12.95 7.85 -16.18
C PRO B 585 11.69 8.14 -17.01
N GLY B 586 11.73 7.92 -18.33
CA GLY B 586 10.57 8.25 -19.17
C GLY B 586 9.68 7.08 -19.55
N THR B 587 9.79 5.96 -18.85
CA THR B 587 9.13 4.74 -19.32
C THR B 587 7.65 4.74 -18.93
N ALA B 588 6.89 3.81 -19.50
CA ALA B 588 5.52 3.58 -19.05
C ALA B 588 5.53 3.22 -17.57
N LEU B 589 6.54 2.46 -17.15
CA LEU B 589 6.67 2.03 -15.76
C LEU B 589 6.84 3.25 -14.86
N ALA B 590 7.78 4.13 -15.23
CA ALA B 590 8.05 5.34 -14.46
C ALA B 590 6.85 6.25 -14.45
N GLN B 591 6.21 6.41 -15.59
CA GLN B 591 5.04 7.28 -15.70
C GLN B 591 3.92 6.83 -14.76
N ALA B 592 3.73 5.52 -14.62
CA ALA B 592 2.68 4.98 -13.77
C ALA B 592 3.02 5.00 -12.29
N PHE B 593 4.30 4.87 -11.96
CA PHE B 593 4.75 4.55 -10.59
C PHE B 593 5.80 5.48 -9.97
N LYS B 594 6.36 6.40 -10.72
CA LYS B 594 7.37 7.31 -10.18
C LYS B 594 6.77 8.11 -9.03
N GLY B 595 5.60 8.70 -9.30
CA GLY B 595 4.90 9.50 -8.32
C GLY B 595 4.41 8.65 -7.16
N PHE B 596 3.78 7.54 -7.50
CA PHE B 596 3.27 6.57 -6.52
C PHE B 596 4.32 6.18 -5.47
N LEU B 597 5.54 5.92 -5.92
CA LEU B 597 6.61 5.45 -5.02
C LEU B 597 7.36 6.53 -4.22
N THR B 598 7.07 7.81 -4.45
CA THR B 598 7.91 8.93 -3.97
C THR B 598 8.23 8.89 -2.46
N GLY B 599 7.19 8.71 -1.67
CA GLY B 599 7.36 8.77 -0.22
C GLY B 599 8.20 7.64 0.39
N ARG B 600 8.33 6.54 -0.34
CA ARG B 600 8.45 5.23 0.27
C ARG B 600 9.86 4.67 0.56
N PRO B 601 9.96 3.83 1.60
CA PRO B 601 11.25 3.23 1.93
C PRO B 601 11.78 2.30 0.84
N LEU B 602 13.09 2.13 0.81
CA LEU B 602 13.75 1.30 -0.16
C LEU B 602 13.53 -0.18 0.13
N HIS B 603 13.53 -0.51 1.42
CA HIS B 603 13.61 -1.88 1.90
C HIS B 603 12.31 -2.36 2.52
N GLN B 604 12.08 -3.67 2.47
CA GLN B 604 10.91 -4.29 3.10
C GLN B 604 10.94 -4.03 4.61
N ARG B 605 9.77 -3.83 5.21
CA ARG B 605 9.67 -3.68 6.65
C ARG B 605 9.08 -4.92 7.31
N SER B 606 9.87 -6.00 7.29
CA SER B 606 9.39 -7.31 7.69
C SER B 606 9.22 -7.39 9.19
N PRO B 607 8.08 -7.94 9.64
CA PRO B 607 7.92 -8.19 11.06
C PRO B 607 9.05 -9.07 11.61
N ASN B 608 9.56 -8.72 12.78
CA ASN B 608 10.68 -9.44 13.36
C ASN B 608 10.21 -10.65 14.16
N PHE B 609 10.52 -11.84 13.66
CA PHE B 609 10.16 -13.08 14.36
C PHE B 609 10.86 -13.24 15.72
N LEU B 610 11.91 -12.46 15.97
CA LEU B 610 12.56 -12.46 17.28
C LEU B 610 11.90 -11.53 18.31
N GLN B 611 10.87 -10.78 17.90
CA GLN B 611 10.31 -9.73 18.76
C GLN B 611 10.02 -10.18 20.19
N GLY B 612 10.51 -9.42 21.16
CA GLY B 612 10.21 -9.67 22.56
C GLY B 612 11.15 -10.64 23.25
N LEU B 613 11.87 -11.46 22.49
CA LEU B 613 12.88 -12.34 23.08
C LEU B 613 13.97 -11.49 23.72
N GLN B 614 14.63 -12.04 24.74
CA GLN B 614 15.64 -11.30 25.48
C GLN B 614 17.00 -11.97 25.41
N LEU B 615 18.05 -11.19 25.67
CA LEU B 615 19.41 -11.70 25.59
C LEU B 615 19.80 -12.39 26.88
N HIS B 616 20.48 -13.54 26.76
CA HIS B 616 20.97 -14.29 27.91
C HIS B 616 22.06 -13.48 28.62
N GLN B 617 22.18 -13.67 29.92
CA GLN B 617 23.18 -12.94 30.72
C GLN B 617 24.61 -13.06 30.19
N ASP B 618 24.95 -14.23 29.66
CA ASP B 618 26.30 -14.39 29.12
C ASP B 618 26.29 -14.63 27.61
N TYR B 619 25.32 -14.02 26.92
CA TYR B 619 25.26 -14.07 25.45
C TYR B 619 26.60 -13.71 24.78
N CYS B 620 27.31 -12.72 25.32
CA CYS B 620 28.58 -12.27 24.73
C CYS B 620 29.65 -13.33 24.63
N SER B 621 29.76 -14.17 25.65
CA SER B 621 30.79 -15.18 25.72
C SER B 621 30.23 -16.53 25.23
N HIS B 622 29.56 -16.52 24.07
CA HIS B 622 29.08 -17.73 23.43
C HIS B 622 29.80 -17.82 22.10
N LYS B 623 30.25 -19.01 21.74
CA LYS B 623 31.14 -19.16 20.59
C LYS B 623 30.54 -18.63 19.31
N ASP B 624 29.29 -18.98 19.05
CA ASP B 624 28.64 -18.60 17.81
C ASP B 624 28.19 -17.15 17.75
N PHE B 625 27.74 -16.58 18.86
CA PHE B 625 27.37 -15.17 18.88
C PHE B 625 28.64 -14.34 18.68
N SER B 626 29.68 -14.72 19.42
CA SER B 626 30.99 -14.05 19.32
C SER B 626 31.55 -14.08 17.90
N THR B 627 31.32 -15.18 17.20
CA THR B 627 31.78 -15.30 15.80
C THR B 627 31.18 -14.21 14.95
N TRP B 628 29.88 -13.99 15.11
CA TRP B 628 29.14 -13.04 14.27
C TRP B 628 29.02 -11.64 14.86
N ALA B 629 29.50 -11.43 16.08
CA ALA B 629 29.32 -10.12 16.74
C ALA B 629 30.12 -8.96 16.13
N ASP B 630 29.41 -7.91 15.72
CA ASP B 630 29.92 -6.54 15.48
C ASP B 630 30.24 -5.91 16.84
N TYR B 631 31.51 -5.75 17.18
CA TYR B 631 31.87 -5.62 18.59
C TYR B 631 31.00 -4.63 19.39
N GLN B 632 31.10 -3.36 19.01
CA GLN B 632 30.65 -2.25 19.87
C GLN B 632 29.15 -2.28 20.07
N LEU B 633 28.42 -2.32 18.96
CA LEU B 633 26.96 -2.40 19.03
C LEU B 633 26.46 -3.69 19.71
N ASP B 634 27.18 -4.78 19.51
CA ASP B 634 26.76 -6.07 20.07
C ASP B 634 26.99 -6.17 21.58
N SER B 635 27.96 -5.41 22.10
CA SER B 635 28.14 -5.33 23.57
C SER B 635 27.00 -4.53 24.25
N MET B 636 26.08 -3.99 23.47
CA MET B 636 24.93 -3.23 23.96
C MET B 636 23.65 -4.05 23.80
N PRO B 637 23.31 -4.86 24.81
CA PRO B 637 22.22 -5.80 24.64
C PRO B 637 20.84 -5.16 24.46
N SER B 638 20.60 -4.02 25.10
CA SER B 638 19.32 -3.31 24.91
C SER B 638 19.16 -2.75 23.50
N GLN B 639 20.25 -2.59 22.75
CA GLN B 639 20.21 -2.10 21.37
C GLN B 639 20.28 -3.20 20.30
N LEU B 640 20.13 -4.46 20.69
CA LEU B 640 20.17 -5.56 19.72
C LEU B 640 18.82 -5.82 19.06
N THR B 641 18.78 -6.72 18.08
CA THR B 641 17.60 -6.93 17.24
C THR B 641 16.34 -7.52 17.94
N PRO B 642 16.52 -8.38 18.97
CA PRO B 642 15.34 -9.01 19.57
C PRO B 642 14.24 -8.04 19.99
N LYS B 643 14.61 -6.85 20.45
CA LYS B 643 13.63 -5.88 20.90
C LYS B 643 12.95 -5.09 19.78
N GLU B 644 13.35 -5.27 18.52
CA GLU B 644 12.73 -4.55 17.42
C GLU B 644 11.45 -5.26 16.93
N PRO B 645 10.38 -4.50 16.73
CA PRO B 645 9.20 -5.07 16.05
C PRO B 645 9.44 -5.42 14.59
N ARG B 646 10.42 -4.80 13.94
CA ARG B 646 10.64 -5.00 12.51
C ARG B 646 12.10 -5.20 12.14
N LEU B 647 12.30 -5.76 10.94
CA LEU B 647 13.61 -5.95 10.35
C LEU B 647 13.75 -5.03 9.15
N CYS B 648 14.97 -4.79 8.72
CA CYS B 648 15.25 -4.09 7.49
C CYS B 648 16.24 -4.91 6.68
N LEU B 649 15.73 -5.71 5.75
CA LEU B 649 16.52 -6.70 5.06
C LEU B 649 17.04 -6.17 3.72
N VAL B 650 18.34 -6.35 3.52
CA VAL B 650 19.05 -5.76 2.43
C VAL B 650 19.81 -6.82 1.63
N ASP B 651 19.98 -6.57 0.33
CA ASP B 651 20.84 -7.38 -0.56
C ASP B 651 22.27 -7.40 -0.02
N ALA B 652 22.91 -8.56 0.05
CA ALA B 652 24.33 -8.66 0.49
C ALA B 652 25.27 -7.79 -0.33
N ALA B 653 24.92 -7.55 -1.59
CA ALA B 653 25.69 -6.69 -2.48
C ALA B 653 25.87 -5.24 -1.98
N TYR B 654 25.06 -4.80 -1.00
CA TYR B 654 25.28 -3.49 -0.36
C TYR B 654 26.55 -3.44 0.50
N PHE B 655 27.00 -4.61 0.94
CA PHE B 655 28.16 -4.70 1.83
C PHE B 655 29.28 -5.58 1.27
N ILE B 656 29.03 -6.88 1.12
CA ILE B 656 30.05 -7.83 0.64
C ILE B 656 29.48 -8.85 -0.33
N ASN B 657 30.15 -9.01 -1.47
CA ASN B 657 29.62 -9.78 -2.59
C ASN B 657 29.91 -11.29 -2.49
N THR B 658 29.46 -11.89 -1.39
CA THR B 658 29.67 -13.31 -1.13
C THR B 658 28.45 -13.98 -0.48
N SER B 659 28.26 -15.25 -0.80
CA SER B 659 27.23 -16.06 -0.13
C SER B 659 27.86 -17.03 0.88
N SER B 660 29.11 -16.76 1.25
CA SER B 660 29.90 -17.67 2.08
C SER B 660 29.45 -17.91 3.53
N PRO B 661 28.82 -16.92 4.17
CA PRO B 661 28.42 -17.14 5.57
C PRO B 661 27.59 -18.41 5.81
N SER B 662 26.74 -18.77 4.85
CA SER B 662 25.95 -20.00 4.95
C SER B 662 26.83 -21.26 4.91
N MET B 663 27.99 -21.17 4.25
CA MET B 663 28.96 -22.28 4.24
C MET B 663 29.66 -22.48 5.59
N PHE B 664 29.49 -21.55 6.53
CA PHE B 664 30.14 -21.66 7.86
C PHE B 664 29.19 -21.70 9.05
N ARG B 665 27.90 -21.91 8.81
CA ARG B 665 27.00 -22.19 9.91
C ARG B 665 27.48 -23.47 10.61
N PRO B 666 27.48 -23.49 11.95
CA PRO B 666 27.92 -24.69 12.67
C PRO B 666 27.15 -25.94 12.26
N GLY B 667 27.86 -27.06 12.10
CA GLY B 667 27.24 -28.31 11.70
C GLY B 667 27.40 -28.65 10.24
N ARG B 668 27.59 -27.64 9.39
CA ARG B 668 27.65 -27.88 7.94
C ARG B 668 28.95 -28.55 7.48
N ARG B 669 30.07 -28.21 8.12
CA ARG B 669 31.36 -28.90 7.91
C ARG B 669 31.76 -29.06 6.45
N LEU B 670 31.89 -27.97 5.73
CA LEU B 670 32.26 -28.07 4.32
C LEU B 670 33.71 -28.48 4.13
N ASP B 671 33.91 -29.42 3.21
CA ASP B 671 35.23 -29.93 2.85
C ASP B 671 35.73 -29.27 1.58
N LEU B 672 34.83 -29.09 0.61
CA LEU B 672 35.16 -28.43 -0.64
C LEU B 672 34.09 -27.42 -1.02
N ILE B 673 34.51 -26.23 -1.45
CA ILE B 673 33.60 -25.21 -1.94
C ILE B 673 33.98 -24.81 -3.35
N LEU B 674 33.06 -24.94 -4.29
CA LEU B 674 33.23 -24.40 -5.62
C LEU B 674 32.69 -22.98 -5.61
N SER B 675 33.61 -22.02 -5.71
CA SER B 675 33.29 -20.60 -5.63
C SER B 675 33.16 -20.02 -7.02
N PHE B 676 31.94 -19.63 -7.38
CA PHE B 676 31.69 -18.98 -8.66
C PHE B 676 31.55 -17.47 -8.45
N ASP B 677 32.39 -16.70 -9.15
CA ASP B 677 32.45 -15.26 -8.97
C ASP B 677 32.07 -14.58 -10.27
N TYR B 678 31.14 -13.65 -10.18
CA TYR B 678 30.61 -13.00 -11.37
C TYR B 678 31.03 -11.52 -11.49
N SER B 679 32.03 -11.09 -10.73
CA SER B 679 32.52 -9.72 -10.87
C SER B 679 33.16 -9.49 -12.24
N LEU B 680 32.94 -8.31 -12.82
CA LEU B 680 33.59 -7.94 -14.09
C LEU B 680 34.95 -7.30 -13.89
N SER B 681 35.28 -6.98 -12.65
CA SER B 681 36.58 -6.44 -12.31
C SER B 681 36.89 -7.02 -10.95
N ALA B 682 38.15 -7.21 -10.60
CA ALA B 682 38.48 -7.71 -9.27
C ALA B 682 37.84 -9.08 -8.93
N PRO B 683 38.14 -10.10 -9.74
CA PRO B 683 37.66 -11.46 -9.53
C PRO B 683 38.06 -12.13 -8.21
N PHE B 684 39.06 -11.59 -7.51
CA PHE B 684 39.48 -12.13 -6.22
C PHE B 684 39.04 -11.28 -5.03
N GLU B 685 38.44 -10.11 -5.31
CA GLU B 685 38.07 -9.16 -4.27
C GLU B 685 37.15 -9.80 -3.24
N ALA B 686 36.04 -10.37 -3.72
CA ALA B 686 35.06 -11.01 -2.85
C ALA B 686 35.71 -12.09 -2.00
N LEU B 687 36.50 -12.98 -2.61
CA LEU B 687 37.16 -14.07 -1.89
C LEU B 687 38.09 -13.53 -0.80
N GLN B 688 38.82 -12.46 -1.11
CA GLN B 688 39.77 -11.86 -0.17
C GLN B 688 39.10 -11.20 1.02
N GLN B 689 38.00 -10.51 0.75
CA GLN B 689 37.25 -9.86 1.81
C GLN B 689 36.67 -10.93 2.71
N THR B 690 36.11 -11.99 2.10
CA THR B 690 35.58 -13.09 2.91
C THR B 690 36.68 -13.71 3.77
N GLU B 691 37.88 -13.87 3.23
CA GLU B 691 38.99 -14.43 4.01
C GLU B 691 39.31 -13.57 5.23
N LEU B 692 39.43 -12.27 5.02
CA LEU B 692 39.65 -11.32 6.12
C LEU B 692 38.50 -11.38 7.13
N TYR B 693 37.28 -11.41 6.61
CA TYR B 693 36.08 -11.49 7.43
C TYR B 693 36.12 -12.75 8.31
N CYS B 694 36.47 -13.90 7.72
CA CYS B 694 36.62 -15.17 8.45
C CYS B 694 37.74 -15.12 9.47
N ARG B 695 38.87 -14.51 9.09
CA ARG B 695 40.04 -14.47 9.96
C ARG B 695 39.76 -13.65 11.21
N ALA B 696 39.06 -12.52 11.04
CA ALA B 696 38.69 -11.68 12.17
C ALA B 696 37.82 -12.44 13.18
N ARG B 697 37.07 -13.43 12.71
CA ARG B 697 36.14 -14.18 13.56
C ARG B 697 36.61 -15.60 13.90
N GLY B 698 37.87 -15.90 13.61
CA GLY B 698 38.45 -17.21 13.94
C GLY B 698 37.82 -18.38 13.20
N LEU B 699 37.36 -18.14 11.97
CA LEU B 699 36.80 -19.20 11.15
C LEU B 699 37.88 -19.71 10.20
N PRO B 700 38.15 -21.03 10.22
CA PRO B 700 39.23 -21.53 9.37
C PRO B 700 38.92 -21.40 7.88
N PHE B 701 39.83 -20.76 7.17
CA PHE B 701 39.67 -20.47 5.77
C PHE B 701 41.06 -20.33 5.15
N PRO B 702 41.28 -20.86 3.93
CA PRO B 702 42.64 -20.80 3.36
C PRO B 702 43.04 -19.40 2.96
N ARG B 703 44.34 -19.19 2.87
CA ARG B 703 44.87 -17.93 2.38
C ARG B 703 44.47 -17.76 0.93
N VAL B 704 44.11 -16.53 0.57
CA VAL B 704 43.76 -16.17 -0.80
C VAL B 704 44.82 -15.19 -1.25
N GLU B 705 45.90 -15.73 -1.81
CA GLU B 705 47.07 -14.96 -2.19
C GLU B 705 47.42 -15.23 -3.65
N PRO B 706 46.58 -14.72 -4.57
CA PRO B 706 46.93 -14.83 -5.98
C PRO B 706 48.21 -14.02 -6.31
N SER B 707 49.05 -14.58 -7.17
CA SER B 707 50.28 -13.91 -7.60
C SER B 707 49.96 -12.69 -8.47
N PRO B 708 50.95 -11.80 -8.67
CA PRO B 708 50.75 -10.68 -9.61
C PRO B 708 50.29 -11.15 -10.99
N GLN B 709 50.86 -12.26 -11.45
CA GLN B 709 50.47 -12.88 -12.71
C GLN B 709 48.99 -13.31 -12.69
N ASP B 710 48.56 -13.90 -11.58
CA ASP B 710 47.16 -14.31 -11.40
C ASP B 710 46.21 -13.13 -11.55
N GLN B 711 46.56 -11.99 -10.94
CA GLN B 711 45.76 -10.77 -11.07
C GLN B 711 45.81 -10.18 -12.47
N HIS B 712 47.00 -10.13 -13.07
CA HIS B 712 47.15 -9.62 -14.43
C HIS B 712 46.27 -10.40 -15.41
N GLN B 713 46.35 -11.73 -15.36
CA GLN B 713 45.55 -12.59 -16.22
C GLN B 713 45.04 -13.79 -15.41
N PRO B 714 43.81 -13.68 -14.87
CA PRO B 714 43.23 -14.82 -14.17
C PRO B 714 42.84 -15.94 -15.14
N ARG B 715 42.97 -17.17 -14.65
CA ARG B 715 42.62 -18.37 -15.37
C ARG B 715 41.23 -18.86 -14.98
N GLU B 716 40.78 -19.90 -15.67
CA GLU B 716 39.45 -20.46 -15.47
C GLU B 716 39.22 -21.01 -14.05
N CYS B 717 40.29 -21.44 -13.39
CA CYS B 717 40.17 -22.07 -12.10
C CYS B 717 41.40 -21.83 -11.23
N HIS B 718 41.18 -21.38 -10.00
CA HIS B 718 42.25 -21.19 -9.03
C HIS B 718 41.98 -21.96 -7.77
N LEU B 719 43.00 -22.67 -7.29
CA LEU B 719 42.91 -23.46 -6.07
C LEU B 719 43.43 -22.68 -4.88
N PHE B 720 42.61 -22.58 -3.83
CA PHE B 720 43.05 -22.00 -2.58
C PHE B 720 42.82 -23.02 -1.49
N SER B 721 43.91 -23.52 -0.92
CA SER B 721 43.86 -24.61 0.02
C SER B 721 45.09 -24.62 0.92
N ASP B 722 44.86 -24.93 2.19
CA ASP B 722 45.91 -24.95 3.21
C ASP B 722 45.97 -26.36 3.79
N PRO B 723 46.82 -27.22 3.22
CA PRO B 723 46.91 -28.59 3.73
C PRO B 723 47.38 -28.67 5.19
N ALA B 724 48.08 -27.64 5.64
CA ALA B 724 48.50 -27.53 7.05
C ALA B 724 47.31 -27.47 8.02
N CYS B 725 46.19 -26.88 7.59
CA CYS B 725 44.97 -26.85 8.39
C CYS B 725 43.85 -27.65 7.71
N PRO B 726 43.65 -28.92 8.12
CA PRO B 726 42.59 -29.75 7.55
C PRO B 726 41.17 -29.22 7.80
N GLU B 727 40.98 -28.51 8.91
CA GLU B 727 39.66 -27.98 9.28
C GLU B 727 39.16 -26.97 8.26
N ALA B 728 40.07 -26.18 7.71
CA ALA B 728 39.73 -25.22 6.66
C ALA B 728 39.30 -25.95 5.39
N PRO B 729 38.24 -25.47 4.72
CA PRO B 729 37.80 -26.09 3.47
C PRO B 729 38.70 -25.79 2.28
N ILE B 730 38.66 -26.67 1.28
CA ILE B 730 39.33 -26.46 0.01
C ILE B 730 38.45 -25.58 -0.86
N LEU B 731 39.06 -24.59 -1.51
CA LEU B 731 38.36 -23.70 -2.42
C LEU B 731 38.86 -23.78 -3.85
N LEU B 732 37.94 -24.03 -4.77
CA LEU B 732 38.17 -23.91 -6.19
C LEU B 732 37.40 -22.70 -6.66
N HIS B 733 38.12 -21.69 -7.14
CA HIS B 733 37.54 -20.41 -7.47
C HIS B 733 37.50 -20.21 -8.99
N PHE B 734 36.33 -19.85 -9.49
CA PHE B 734 36.08 -19.68 -10.92
C PHE B 734 35.72 -18.24 -11.23
N PRO B 735 36.72 -17.41 -11.58
CA PRO B 735 36.41 -16.04 -11.92
C PRO B 735 35.73 -15.92 -13.28
N LEU B 736 35.00 -14.83 -13.48
CA LEU B 736 34.37 -14.60 -14.77
C LEU B 736 35.40 -14.03 -15.73
N VAL B 737 35.97 -14.90 -16.55
CA VAL B 737 37.06 -14.51 -17.45
C VAL B 737 36.95 -15.29 -18.75
N ASN B 738 37.25 -14.63 -19.86
CA ASN B 738 37.34 -15.27 -21.17
C ASN B 738 38.81 -15.49 -21.47
N ALA B 739 39.32 -16.67 -21.11
CA ALA B 739 40.73 -17.00 -21.35
C ALA B 739 40.82 -17.98 -22.53
N SER B 740 40.99 -19.27 -22.25
CA SER B 740 41.21 -20.26 -23.30
C SER B 740 39.99 -20.41 -24.21
N PHE B 741 38.81 -20.02 -23.71
CA PHE B 741 37.56 -20.07 -24.48
C PHE B 741 37.59 -19.23 -25.74
N LYS B 742 38.45 -18.21 -25.79
CA LYS B 742 38.57 -17.40 -27.02
C LYS B 742 38.91 -18.32 -28.20
N ASP B 743 39.81 -19.28 -27.95
CA ASP B 743 40.34 -20.16 -29.00
C ASP B 743 39.55 -21.45 -29.16
N HIS B 744 39.05 -21.99 -28.04
CA HIS B 744 38.52 -23.35 -28.00
C HIS B 744 37.01 -23.38 -27.84
N SER B 745 36.35 -24.20 -28.66
CA SER B 745 34.90 -24.40 -28.58
C SER B 745 34.53 -25.45 -27.54
N ALA B 746 35.52 -26.25 -27.14
CA ALA B 746 35.34 -27.27 -26.13
C ALA B 746 36.70 -27.61 -25.53
N PRO B 747 36.71 -28.22 -24.34
CA PRO B 747 37.97 -28.55 -23.68
C PRO B 747 38.95 -29.29 -24.61
N GLY B 748 40.08 -28.64 -24.89
CA GLY B 748 41.11 -29.20 -25.76
C GLY B 748 40.74 -29.24 -27.24
N VAL B 749 39.74 -28.45 -27.64
CA VAL B 749 39.26 -28.44 -29.02
C VAL B 749 39.35 -27.03 -29.61
N GLN B 750 40.23 -26.85 -30.60
CA GLN B 750 40.39 -25.58 -31.30
C GLN B 750 39.13 -25.31 -32.12
N ARG B 751 38.94 -24.09 -32.58
CA ARG B 751 37.71 -23.78 -33.31
C ARG B 751 37.90 -23.25 -34.73
N SER B 752 37.12 -23.82 -35.65
CA SER B 752 36.91 -23.31 -37.00
C SER B 752 36.86 -21.78 -37.02
N PRO B 753 37.44 -21.17 -38.07
CA PRO B 753 37.39 -19.70 -38.17
C PRO B 753 35.96 -19.18 -38.27
N ALA B 754 35.06 -19.98 -38.84
CA ALA B 754 33.64 -19.66 -38.86
C ALA B 754 33.08 -19.45 -37.45
N GLU B 755 33.59 -20.23 -36.50
CA GLU B 755 33.09 -20.24 -35.12
C GLU B 755 33.95 -19.40 -34.16
N LEU B 756 34.72 -18.49 -34.73
CA LEU B 756 35.51 -17.54 -33.96
C LEU B 756 34.66 -16.53 -33.20
N GLN B 757 33.52 -16.16 -33.79
CA GLN B 757 32.63 -15.18 -33.17
C GLN B 757 32.09 -15.66 -31.82
N GLY B 758 31.78 -16.96 -31.72
CA GLY B 758 31.29 -17.56 -30.48
C GLY B 758 32.16 -17.36 -29.25
N GLY B 759 33.45 -17.11 -29.45
CA GLY B 759 34.39 -16.88 -28.36
C GLY B 759 34.75 -15.43 -28.13
N GLN B 760 34.00 -14.53 -28.76
CA GLN B 760 34.18 -13.10 -28.59
C GLN B 760 33.15 -12.61 -27.57
N VAL B 761 33.47 -12.79 -26.29
CA VAL B 761 32.57 -12.44 -25.20
C VAL B 761 32.93 -11.06 -24.69
N ASP B 762 32.01 -10.12 -24.85
CA ASP B 762 32.25 -8.73 -24.50
C ASP B 762 32.13 -8.52 -22.98
N LEU B 763 33.22 -8.75 -22.26
CA LEU B 763 33.26 -8.60 -20.80
C LEU B 763 33.88 -7.29 -20.31
N THR B 764 34.52 -6.52 -21.18
CA THR B 764 35.39 -5.40 -20.73
C THR B 764 35.23 -3.98 -21.27
N GLY B 765 34.88 -3.82 -22.55
CA GLY B 765 34.76 -2.48 -23.12
C GLY B 765 33.47 -1.79 -22.71
N ALA B 766 33.27 -0.58 -23.25
CA ALA B 766 31.95 0.03 -23.27
C ALA B 766 31.10 -0.86 -24.17
N THR B 767 29.78 -0.68 -24.09
CA THR B 767 28.83 -1.56 -24.78
C THR B 767 28.87 -3.03 -24.28
N CYS B 768 29.55 -3.28 -23.17
CA CYS B 768 29.46 -4.56 -22.48
C CYS B 768 28.00 -4.80 -22.15
N PRO B 769 27.39 -5.85 -22.73
CA PRO B 769 25.97 -6.10 -22.51
C PRO B 769 25.64 -6.82 -21.19
N TYR B 770 26.64 -7.06 -20.34
CA TYR B 770 26.44 -7.82 -19.11
C TYR B 770 26.53 -6.94 -17.87
N THR B 771 26.29 -5.65 -18.05
CA THR B 771 26.33 -4.70 -16.94
C THR B 771 25.16 -4.94 -15.96
N LEU B 772 25.38 -4.60 -14.69
CA LEU B 772 24.46 -4.93 -13.59
C LEU B 772 22.99 -4.72 -13.91
N SER B 773 22.64 -3.52 -14.37
CA SER B 773 21.24 -3.20 -14.54
C SER B 773 20.63 -3.67 -15.85
N ASN B 774 21.43 -4.12 -16.81
CA ASN B 774 20.87 -4.57 -18.08
C ASN B 774 20.03 -5.83 -17.87
N MET B 775 18.78 -5.76 -18.33
CA MET B 775 17.83 -6.86 -18.21
C MET B 775 17.35 -7.34 -19.58
N THR B 776 18.04 -6.92 -20.64
CA THR B 776 17.72 -7.35 -22.00
C THR B 776 18.98 -7.86 -22.68
N TYR B 777 19.04 -9.18 -22.87
CA TYR B 777 20.17 -9.83 -23.52
C TYR B 777 19.72 -10.34 -24.87
N LYS B 778 20.42 -9.95 -25.93
CA LYS B 778 20.25 -10.60 -27.24
C LYS B 778 20.64 -12.06 -27.06
N GLU B 779 19.88 -12.97 -27.67
CA GLU B 779 20.14 -14.41 -27.51
C GLU B 779 21.59 -14.73 -27.84
N GLU B 780 22.13 -14.02 -28.81
CA GLU B 780 23.55 -14.06 -29.16
C GLU B 780 24.44 -13.86 -27.92
N ASP B 781 24.19 -12.77 -27.19
CA ASP B 781 24.98 -12.42 -26.00
C ASP B 781 24.74 -13.34 -24.82
N PHE B 782 23.51 -13.84 -24.69
CA PHE B 782 23.17 -14.81 -23.66
C PHE B 782 23.99 -16.07 -23.83
N GLU B 783 23.96 -16.61 -25.06
CA GLU B 783 24.63 -17.88 -25.38
C GLU B 783 26.13 -17.84 -25.14
N ARG B 784 26.78 -16.75 -25.54
CA ARG B 784 28.21 -16.57 -25.31
C ARG B 784 28.59 -16.66 -23.83
N LEU B 785 27.86 -15.92 -22.99
CA LEU B 785 28.14 -15.91 -21.56
C LEU B 785 27.88 -17.29 -20.95
N LEU B 786 26.76 -17.89 -21.34
CA LEU B 786 26.40 -19.21 -20.85
C LEU B 786 27.44 -20.25 -21.26
N ARG B 787 27.78 -20.29 -22.55
CA ARG B 787 28.72 -21.29 -23.07
C ARG B 787 30.13 -21.07 -22.52
N LEU B 788 30.52 -19.82 -22.35
CA LEU B 788 31.79 -19.51 -21.68
C LEU B 788 31.83 -20.12 -20.28
N SER B 789 30.76 -19.90 -19.52
CA SER B 789 30.68 -20.38 -18.14
C SER B 789 30.73 -21.91 -18.11
N ASP B 790 29.93 -22.52 -18.96
CA ASP B 790 29.93 -23.97 -19.14
C ASP B 790 31.33 -24.49 -19.45
N TYR B 791 31.98 -23.87 -20.43
CA TYR B 791 33.32 -24.25 -20.85
C TYR B 791 34.33 -24.15 -19.70
N ASN B 792 34.34 -23.01 -19.02
CA ASN B 792 35.30 -22.76 -17.93
C ASN B 792 35.27 -23.81 -16.84
N VAL B 793 34.09 -24.35 -16.56
CA VAL B 793 33.98 -25.43 -15.58
C VAL B 793 34.40 -26.77 -16.19
N GLN B 794 33.93 -27.07 -17.40
CA GLN B 794 34.30 -28.32 -18.07
C GLN B 794 35.82 -28.47 -18.23
N THR B 795 36.47 -27.42 -18.72
CA THR B 795 37.92 -27.42 -18.85
C THR B 795 38.66 -27.57 -17.51
N SER B 796 37.98 -27.36 -16.40
CA SER B 796 38.58 -27.49 -15.07
C SER B 796 38.23 -28.83 -14.42
N GLN B 797 37.66 -29.75 -15.21
CA GLN B 797 37.23 -31.04 -14.68
C GLN B 797 38.31 -31.70 -13.85
N GLY B 798 39.53 -31.70 -14.37
CA GLY B 798 40.67 -32.31 -13.70
C GLY B 798 40.90 -31.76 -12.31
N ALA B 799 40.93 -30.44 -12.19
CA ALA B 799 41.13 -29.78 -10.89
C ALA B 799 40.02 -30.11 -9.90
N ILE B 800 38.78 -30.20 -10.39
CA ILE B 800 37.63 -30.50 -9.53
C ILE B 800 37.73 -31.92 -8.99
N LEU B 801 38.03 -32.87 -9.88
CA LEU B 801 38.19 -34.27 -9.48
C LEU B 801 39.32 -34.44 -8.49
N GLN B 802 40.44 -33.77 -8.73
CA GLN B 802 41.57 -33.75 -7.81
C GLN B 802 41.19 -33.23 -6.42
N ALA B 803 40.43 -32.12 -6.39
CA ALA B 803 39.99 -31.54 -5.13
C ALA B 803 39.03 -32.50 -4.42
N LEU B 804 38.15 -33.12 -5.19
CA LEU B 804 37.25 -34.13 -4.63
C LEU B 804 38.02 -35.29 -4.00
N ARG B 805 39.09 -35.75 -4.66
CA ARG B 805 39.94 -36.80 -4.11
C ARG B 805 40.60 -36.36 -2.82
N THR B 806 41.14 -35.15 -2.80
CA THR B 806 41.74 -34.61 -1.59
C THR B 806 40.71 -34.46 -0.47
N ALA B 807 39.54 -33.94 -0.82
CA ALA B 807 38.44 -33.81 0.15
C ALA B 807 38.10 -35.17 0.74
N LEU B 808 38.09 -36.19 -0.13
CA LEU B 808 37.82 -37.56 0.29
C LEU B 808 38.87 -38.04 1.28
N LYS B 809 40.15 -37.86 0.96
CA LYS B 809 41.24 -38.28 1.83
C LYS B 809 41.14 -37.64 3.20
N HIS B 810 40.92 -36.33 3.22
CA HIS B 810 40.76 -35.56 4.45
C HIS B 810 39.66 -36.13 5.36
N ARG B 811 38.59 -36.65 4.76
CA ARG B 811 37.48 -37.22 5.52
C ARG B 811 37.69 -38.68 5.88
#